data_7M99
#
_entry.id   7M99
#
loop_
_entity.id
_entity.type
_entity.pdbx_description
1 polymer TnsC
2 polymer "DNA (5'-D(P*TP*TP*TP*TP*TP*TP*TP*TP*TP*TP*TP*TP*TP*TP*TP*TP*TP*TP*T)-3')"
3 polymer "DNA (5'-D(P*AP*AP*AP*AP*AP*AP*AP*AP*AP*AP*AP*AP*AP*AP*AP*AP*AP*AP*A)-3')"
4 non-polymer 'PHOSPHOTHIOPHOSPHORIC ACID-ADENYLATE ESTER'
5 non-polymer 'MAGNESIUM ION'
#
loop_
_entity_poly.entity_id
_entity_poly.type
_entity_poly.pdbx_seq_one_letter_code
_entity_poly.pdbx_strand_id
1 'polypeptide(L)'
;MTEAQAIAKQLGGVKPDDEWLQAEIARLKGKSIVPLQQVKTLHDWLDGKRKARKSCRVVGESRTGKTVACDAYRYRHKPQ
QEAGRPPTVPVVYIRPHQKCGPKDLFKKITEYLKYRVTKGTVSDFRDRTIEVLKGCGVEMLIIDEADRLKPETFADVRDI
AEDLGIAVVLVGTDRLDAVIKRDEQVLERFRAHLRFGKLSGEDFKNTVEMWEQMVLKLPVSSNLKSKEMLRILTSATEGY
IGRLDEILREAAIRSLSRGLKKIDKAVLQEVAKEYK
;
A,B,C,D,E,F,G,H
2 'polydeoxyribonucleotide'
;(DT)(DT)(DT)(DT)(DT)(DT)(DT)(DT)(DT)(DT)(DT)(DT)(DT)(DT)(DT)(DT)(DT)(DT)(DT)(DT)
(DT)
;
I
3 'polydeoxyribonucleotide'
;(DA)(DA)(DA)(DA)(DA)(DA)(DA)(DA)(DA)(DA)(DA)(DA)(DA)(DA)(DA)(DA)(DA)(DA)(DA)(DA)
(DA)
;
J
#
loop_
_chem_comp.id
_chem_comp.type
_chem_comp.name
_chem_comp.formula
AGS non-polymer 'PHOSPHOTHIOPHOSPHORIC ACID-ADENYLATE ESTER' 'C10 H16 N5 O12 P3 S'
DA DNA linking 2'-DEOXYADENOSINE-5'-MONOPHOSPHATE 'C10 H14 N5 O6 P'
DT DNA linking THYMIDINE-5'-MONOPHOSPHATE 'C10 H15 N2 O8 P'
MG non-polymer 'MAGNESIUM ION' 'Mg 2'
#
# COMPACT_ATOMS: atom_id res chain seq x y z
N GLU A 19 -29.95 22.72 43.22
CA GLU A 19 -29.43 22.43 44.59
C GLU A 19 -28.07 23.07 44.77
N TRP A 20 -27.93 23.96 45.77
CA TRP A 20 -26.67 24.70 46.00
C TRP A 20 -25.52 23.71 46.21
N LEU A 21 -25.74 22.66 47.01
CA LEU A 21 -24.69 21.69 47.37
C LEU A 21 -24.13 21.05 46.10
N GLN A 22 -25.01 20.60 45.20
CA GLN A 22 -24.59 19.91 43.95
C GLN A 22 -23.86 20.90 43.02
N ALA A 23 -24.30 22.15 43.00
CA ALA A 23 -23.65 23.17 42.15
C ALA A 23 -22.18 23.35 42.57
N GLU A 24 -21.94 23.37 43.89
CA GLU A 24 -20.58 23.56 44.45
C GLU A 24 -19.74 22.30 44.21
N ILE A 25 -20.34 21.11 44.37
CA ILE A 25 -19.61 19.83 44.11
C ILE A 25 -19.25 19.74 42.61
N ALA A 26 -20.18 20.07 41.72
CA ALA A 26 -19.89 20.03 40.27
C ALA A 26 -18.75 20.99 39.94
N ARG A 27 -18.66 22.12 40.66
CA ARG A 27 -17.53 23.08 40.50
C ARG A 27 -16.25 22.50 41.08
N LEU A 28 -16.30 22.01 42.33
CA LEU A 28 -15.08 21.61 43.07
C LEU A 28 -14.38 20.44 42.37
N LYS A 29 -15.17 19.54 41.76
CA LYS A 29 -14.62 18.32 41.12
C LYS A 29 -13.87 18.70 39.84
N GLY A 30 -14.04 19.95 39.39
CA GLY A 30 -13.43 20.46 38.15
C GLY A 30 -12.00 20.90 38.37
N LYS A 31 -11.37 21.45 37.33
CA LYS A 31 -9.94 21.86 37.42
C LYS A 31 -9.80 23.33 36.99
N SER A 32 -8.73 23.99 37.43
CA SER A 32 -8.42 25.37 37.00
C SER A 32 -6.91 25.61 37.09
N ILE A 33 -6.43 26.70 36.49
CA ILE A 33 -4.99 27.06 36.48
C ILE A 33 -4.74 28.17 37.51
N VAL A 34 -3.85 27.92 38.47
CA VAL A 34 -3.50 28.96 39.50
C VAL A 34 -2.12 29.54 39.15
N PRO A 35 -1.97 30.87 39.05
CA PRO A 35 -0.66 31.48 38.77
C PRO A 35 0.33 31.10 39.87
N LEU A 36 1.55 30.68 39.48
CA LEU A 36 2.60 30.34 40.46
C LEU A 36 3.96 30.84 39.95
N GLN A 37 4.92 30.99 40.86
CA GLN A 37 6.28 31.48 40.51
C GLN A 37 6.93 30.53 39.50
N GLN A 38 6.69 29.22 39.66
CA GLN A 38 7.32 28.18 38.79
C GLN A 38 6.76 28.28 37.37
N VAL A 39 5.48 28.67 37.23
CA VAL A 39 4.82 28.73 35.90
C VAL A 39 5.36 29.94 35.13
N LYS A 40 5.42 31.11 35.80
CA LYS A 40 5.96 32.33 35.17
C LYS A 40 7.42 32.10 34.75
N THR A 41 8.19 31.45 35.61
CA THR A 41 9.63 31.17 35.33
C THR A 41 9.77 30.38 34.03
N LEU A 42 8.96 29.34 33.84
CA LEU A 42 9.00 28.50 32.62
C LEU A 42 8.63 29.35 31.40
N HIS A 43 7.57 30.17 31.52
CA HIS A 43 7.04 30.94 30.38
C HIS A 43 8.10 31.93 29.87
N ASP A 44 8.82 32.58 30.79
CA ASP A 44 9.87 33.57 30.42
C ASP A 44 11.04 32.84 29.75
N TRP A 45 11.38 31.65 30.27
CA TRP A 45 12.48 30.79 29.76
C TRP A 45 12.14 30.29 28.35
N LEU A 46 10.92 29.79 28.15
CA LEU A 46 10.51 29.24 26.83
C LEU A 46 10.52 30.39 25.81
N ASP A 47 10.08 31.57 26.24
CA ASP A 47 10.04 32.79 25.38
C ASP A 47 11.43 33.10 24.83
N GLY A 48 12.48 32.98 25.67
CA GLY A 48 13.87 33.12 25.20
C GLY A 48 14.23 32.08 24.15
N LYS A 49 13.93 30.81 24.41
CA LYS A 49 14.27 29.73 23.45
C LYS A 49 13.51 29.93 22.14
N ARG A 50 12.28 30.44 22.23
CA ARG A 50 11.42 30.68 21.03
C ARG A 50 12.10 31.71 20.12
N LYS A 51 12.57 32.82 20.68
CA LYS A 51 13.16 33.94 19.89
C LYS A 51 14.46 33.44 19.23
N ALA A 52 15.25 32.66 19.98
CA ALA A 52 16.58 32.17 19.57
C ALA A 52 16.47 30.93 18.69
N ARG A 53 15.26 30.36 18.60
CA ARG A 53 14.95 29.07 17.92
C ARG A 53 15.88 27.98 18.46
N LYS A 54 16.00 27.91 19.80
CA LYS A 54 16.91 26.96 20.49
C LYS A 54 16.10 25.74 20.95
N SER A 55 16.60 24.53 20.77
CA SER A 55 15.88 23.32 21.21
C SER A 55 16.43 22.89 22.58
N CYS A 56 15.56 22.69 23.57
CA CYS A 56 16.01 22.31 24.91
C CYS A 56 14.96 21.57 25.76
N ARG A 57 15.40 20.61 26.58
CA ARG A 57 14.48 19.87 27.47
C ARG A 57 13.94 20.51 28.76
N VAL A 58 12.78 20.02 29.23
CA VAL A 58 12.13 20.44 30.46
C VAL A 58 11.97 19.13 31.27
N VAL A 59 12.65 19.01 32.41
CA VAL A 59 12.64 17.74 33.19
C VAL A 59 12.33 18.07 34.65
N GLY A 60 11.52 17.22 35.28
CA GLY A 60 11.18 17.38 36.70
C GLY A 60 10.49 16.14 37.22
N GLU A 61 10.03 16.17 38.47
CA GLU A 61 9.37 15.00 39.12
C GLU A 61 7.89 14.98 38.75
N SER A 62 7.24 13.83 38.91
CA SER A 62 5.77 13.70 38.72
C SER A 62 4.97 14.56 39.72
N ARG A 63 3.79 15.02 39.27
CA ARG A 63 2.81 15.82 40.07
C ARG A 63 3.39 17.18 40.50
N THR A 64 4.37 17.72 39.76
CA THR A 64 4.95 19.03 40.12
C THR A 64 4.27 20.14 39.31
N GLY A 65 3.47 19.74 38.32
CA GLY A 65 2.59 20.67 37.57
C GLY A 65 3.27 21.08 36.27
N LYS A 66 4.17 20.23 35.76
CA LYS A 66 4.85 20.41 34.46
C LYS A 66 3.84 20.50 33.32
N THR A 67 2.92 19.55 33.16
CA THR A 67 2.02 19.61 31.98
C THR A 67 1.15 20.88 31.98
N VAL A 68 0.62 21.24 33.15
CA VAL A 68 -0.32 22.39 33.28
C VAL A 68 0.37 23.69 32.86
N ALA A 69 1.63 23.89 33.27
CA ALA A 69 2.39 25.10 32.89
C ALA A 69 2.50 25.18 31.36
N CYS A 70 2.68 24.03 30.69
CA CYS A 70 2.79 24.00 29.21
C CYS A 70 1.46 24.41 28.56
N ASP A 71 0.33 23.92 29.09
CA ASP A 71 -1.01 24.33 28.59
C ASP A 71 -1.17 25.84 28.71
N ALA A 72 -0.81 26.40 29.87
CA ALA A 72 -0.95 27.85 30.14
C ALA A 72 -0.18 28.67 29.10
N TYR A 73 1.02 28.20 28.75
CA TYR A 73 1.88 28.85 27.72
C TYR A 73 1.18 28.93 26.37
N ARG A 74 0.58 27.82 25.92
CA ARG A 74 -0.18 27.79 24.64
C ARG A 74 -1.27 28.86 24.66
N TYR A 75 -1.94 29.06 25.78
CA TYR A 75 -3.01 30.06 25.85
C TYR A 75 -2.48 31.48 25.92
N ARG A 76 -1.23 31.64 26.37
CA ARG A 76 -0.63 32.96 26.46
C ARG A 76 -0.51 33.58 25.07
N HIS A 77 -0.11 32.77 24.10
CA HIS A 77 0.01 33.23 22.72
C HIS A 77 -0.97 32.41 21.88
N LYS A 78 -2.17 32.95 21.68
CA LYS A 78 -3.19 32.23 20.93
C LYS A 78 -3.05 32.37 19.42
N PRO A 79 -3.64 31.38 18.66
CA PRO A 79 -3.54 31.54 17.20
C PRO A 79 -4.22 32.81 16.70
N GLN A 80 -3.73 33.40 15.61
CA GLN A 80 -4.32 34.63 15.07
C GLN A 80 -5.09 34.37 13.77
N GLN A 81 -6.34 34.84 13.68
CA GLN A 81 -7.17 34.61 12.49
C GLN A 81 -7.55 35.87 11.68
N GLU A 82 -6.84 36.97 11.88
CA GLU A 82 -7.11 38.25 11.20
C GLU A 82 -7.45 38.14 9.69
N ALA A 83 -6.64 37.38 8.96
CA ALA A 83 -6.84 37.17 7.52
C ALA A 83 -7.62 35.91 7.15
N GLY A 84 -8.06 35.87 5.88
CA GLY A 84 -8.81 34.71 5.35
C GLY A 84 -7.90 33.54 5.04
N ARG A 85 -6.59 33.73 5.26
CA ARG A 85 -5.54 32.70 5.03
C ARG A 85 -5.52 31.71 6.21
N PRO A 86 -4.83 30.56 6.12
CA PRO A 86 -4.76 29.60 7.21
C PRO A 86 -4.14 30.28 8.45
N PRO A 87 -4.66 30.03 9.67
CA PRO A 87 -4.16 30.69 10.88
C PRO A 87 -2.69 30.38 11.17
N THR A 88 -1.94 31.41 11.58
CA THR A 88 -0.49 31.28 11.92
C THR A 88 -0.38 30.84 13.38
N VAL A 89 -0.22 29.53 13.62
CA VAL A 89 -0.13 29.03 14.97
C VAL A 89 1.30 29.19 15.43
N PRO A 90 1.55 30.10 16.38
CA PRO A 90 2.94 30.26 16.81
C PRO A 90 3.51 29.02 17.49
N VAL A 91 2.71 28.38 18.34
CA VAL A 91 3.18 27.21 19.06
C VAL A 91 2.29 25.96 18.88
N VAL A 92 2.91 24.79 18.77
CA VAL A 92 2.18 23.49 18.64
C VAL A 92 2.46 22.65 19.89
N TYR A 93 1.40 22.15 20.54
CA TYR A 93 1.57 21.26 21.71
C TYR A 93 0.90 19.92 21.41
N ILE A 94 1.67 18.83 21.52
CA ILE A 94 1.14 17.46 21.29
C ILE A 94 1.61 16.56 22.43
N ARG A 95 0.86 15.48 22.71
CA ARG A 95 1.29 14.43 23.66
C ARG A 95 1.19 13.06 22.99
N PRO A 96 2.31 12.46 22.52
CA PRO A 96 2.28 11.18 21.81
C PRO A 96 1.66 10.02 22.62
N HIS A 97 1.01 9.10 21.90
CA HIS A 97 0.43 7.87 22.50
C HIS A 97 1.57 6.90 22.83
N GLN A 98 1.25 5.75 23.43
CA GLN A 98 2.29 4.79 23.86
C GLN A 98 2.97 4.14 22.65
N LYS A 99 4.31 3.97 22.74
CA LYS A 99 5.11 3.37 21.64
C LYS A 99 4.70 4.05 20.33
N CYS A 100 4.68 5.39 20.35
CA CYS A 100 4.38 6.23 19.17
C CYS A 100 5.43 6.02 18.07
N GLY A 101 4.96 5.71 16.87
CA GLY A 101 5.77 5.43 15.68
C GLY A 101 5.80 6.65 14.79
N PRO A 102 6.53 6.66 13.66
CA PRO A 102 6.57 7.83 12.78
C PRO A 102 5.29 8.24 12.01
N LYS A 103 4.31 7.36 11.82
CA LYS A 103 3.03 7.75 11.16
C LYS A 103 2.11 8.53 12.13
N ASP A 104 2.24 8.17 13.42
CA ASP A 104 1.38 8.70 14.53
C ASP A 104 1.82 10.11 14.93
N LEU A 105 3.14 10.36 14.98
CA LEU A 105 3.70 11.69 15.32
C LEU A 105 3.22 12.72 14.28
N PHE A 106 3.31 12.35 13.00
CA PHE A 106 2.94 13.25 11.88
C PHE A 106 1.42 13.49 11.88
N LYS A 107 0.64 12.43 12.11
CA LYS A 107 -0.85 12.53 12.12
C LYS A 107 -1.29 13.55 13.16
N LYS A 108 -0.76 13.44 14.39
CA LYS A 108 -1.17 14.28 15.53
C LYS A 108 -0.75 15.74 15.32
N ILE A 109 0.42 15.98 14.72
CA ILE A 109 0.86 17.38 14.43
C ILE A 109 -0.12 18.04 13.45
N THR A 110 -0.44 17.29 12.39
CA THR A 110 -1.33 17.72 11.29
C THR A 110 -2.73 18.01 11.81
N GLU A 111 -3.29 17.12 12.65
CA GLU A 111 -4.66 17.33 13.19
C GLU A 111 -4.70 18.57 14.08
N TYR A 112 -3.61 18.85 14.80
CA TYR A 112 -3.53 20.03 15.67
C TYR A 112 -3.63 21.35 14.90
N LEU A 113 -3.31 21.32 13.61
CA LEU A 113 -3.42 22.49 12.74
C LEU A 113 -4.74 22.54 11.92
N LYS A 114 -5.69 21.65 12.24
CA LYS A 114 -7.03 21.54 11.65
C LYS A 114 -7.05 21.03 10.22
N TYR A 115 -6.01 20.28 9.85
CA TYR A 115 -5.94 19.69 8.53
C TYR A 115 -6.29 18.20 8.72
N ARG A 116 -7.12 17.65 7.84
CA ARG A 116 -7.50 16.26 7.99
C ARG A 116 -6.46 15.45 7.25
N VAL A 117 -6.12 14.29 7.75
CA VAL A 117 -5.08 13.42 7.12
C VAL A 117 -5.74 12.41 6.18
N THR A 118 -5.28 12.35 4.93
CA THR A 118 -5.85 11.44 3.90
C THR A 118 -5.17 10.08 4.03
N LYS A 119 -5.72 9.03 3.40
CA LYS A 119 -5.06 7.70 3.47
C LYS A 119 -3.77 7.76 2.66
N GLY A 120 -2.70 7.15 3.18
CA GLY A 120 -1.40 7.11 2.49
C GLY A 120 -0.31 6.54 3.40
N THR A 121 0.94 6.59 2.93
CA THR A 121 2.11 6.07 3.71
C THR A 121 2.86 7.19 4.44
N VAL A 122 3.79 6.81 5.31
CA VAL A 122 4.63 7.80 6.05
C VAL A 122 5.28 8.74 5.03
N SER A 123 5.75 8.19 3.91
CA SER A 123 6.50 8.96 2.89
C SER A 123 5.59 9.95 2.17
N ASP A 124 4.26 9.81 2.36
CA ASP A 124 3.27 10.70 1.71
C ASP A 124 2.92 11.90 2.60
N PHE A 125 2.61 11.68 3.87
CA PHE A 125 2.12 12.79 4.74
C PHE A 125 3.24 13.25 5.69
N ARG A 126 4.44 12.70 5.50
CA ARG A 126 5.70 13.27 6.02
C ARG A 126 5.86 14.64 5.32
N ASP A 127 5.61 14.68 4.00
CA ASP A 127 5.72 15.84 3.09
C ASP A 127 4.54 16.79 3.37
N ARG A 128 3.34 16.25 3.59
CA ARG A 128 2.15 17.07 3.94
C ARG A 128 2.39 17.79 5.27
N THR A 129 3.01 17.09 6.24
CA THR A 129 3.34 17.69 7.56
C THR A 129 4.25 18.91 7.35
N ILE A 130 5.27 18.76 6.53
CA ILE A 130 6.20 19.82 6.23
C ILE A 130 5.42 20.95 5.58
N GLU A 131 4.53 20.59 4.66
CA GLU A 131 3.72 21.58 3.97
C GLU A 131 2.79 22.31 4.93
N VAL A 132 2.15 21.61 5.86
CA VAL A 132 1.31 22.28 6.86
C VAL A 132 2.20 23.07 7.83
N LEU A 133 3.41 22.56 8.10
CA LEU A 133 4.37 23.25 8.97
C LEU A 133 4.78 24.58 8.36
N LYS A 134 4.92 24.64 7.03
CA LYS A 134 5.22 25.89 6.35
C LYS A 134 3.90 26.68 6.27
N GLY A 135 3.94 28.00 6.16
CA GLY A 135 2.70 28.80 6.17
C GLY A 135 2.18 29.08 7.58
N CYS A 136 1.86 28.04 8.36
CA CYS A 136 1.51 28.19 9.77
C CYS A 136 2.83 28.57 10.44
N GLY A 137 2.78 29.40 11.47
CA GLY A 137 4.03 29.89 12.01
C GLY A 137 4.89 28.83 12.63
N VAL A 138 4.27 28.03 13.50
CA VAL A 138 4.94 26.90 14.15
C VAL A 138 6.32 27.25 14.70
N GLU A 139 6.44 28.36 15.42
CA GLU A 139 7.73 28.79 15.95
C GLU A 139 8.29 27.77 16.94
N MET A 140 7.42 27.17 17.76
CA MET A 140 7.88 26.20 18.72
C MET A 140 6.99 24.94 18.78
N LEU A 141 7.59 23.76 18.87
CA LEU A 141 6.84 22.48 19.01
C LEU A 141 7.12 21.90 20.40
N ILE A 142 6.09 21.74 21.23
CA ILE A 142 6.27 21.15 22.58
C ILE A 142 5.78 19.69 22.59
N ILE A 143 6.67 18.73 22.81
CA ILE A 143 6.25 17.29 22.85
C ILE A 143 6.19 16.83 24.31
N ASP A 144 5.02 16.66 24.88
CA ASP A 144 4.97 16.17 26.24
C ASP A 144 5.05 14.67 26.20
N GLU A 145 5.42 14.09 27.35
CA GLU A 145 5.58 12.66 27.47
C GLU A 145 6.52 12.19 26.37
N ALA A 146 7.71 12.80 26.36
CA ALA A 146 8.80 12.55 25.39
C ALA A 146 9.35 11.12 25.49
N ASP A 147 9.23 10.52 26.68
CA ASP A 147 9.57 9.13 26.96
C ASP A 147 8.72 8.22 26.06
N ARG A 148 7.45 8.56 25.79
CA ARG A 148 6.58 7.80 24.86
C ARG A 148 6.78 8.05 23.32
N LEU A 149 7.96 7.69 22.81
CA LEU A 149 8.39 7.71 21.39
C LEU A 149 9.21 6.44 21.13
N LYS A 150 8.99 5.77 19.99
CA LYS A 150 9.90 4.68 19.54
C LYS A 150 11.20 5.43 19.24
N PRO A 151 12.38 4.87 19.60
CA PRO A 151 13.67 5.51 19.30
C PRO A 151 13.82 5.95 17.83
N GLU A 152 13.19 5.22 16.90
CA GLU A 152 13.36 5.48 15.45
C GLU A 152 12.73 6.83 15.09
N THR A 153 11.82 7.33 15.93
CA THR A 153 11.02 8.54 15.57
C THR A 153 11.84 9.81 15.87
N PHE A 154 12.89 9.68 16.67
CA PHE A 154 13.73 10.84 17.09
C PHE A 154 14.46 11.38 15.85
N ALA A 155 14.67 10.54 14.84
CA ALA A 155 15.19 10.98 13.51
C ALA A 155 14.27 11.99 12.81
N ASP A 156 12.95 11.83 12.94
CA ASP A 156 11.98 12.69 12.22
C ASP A 156 11.85 14.01 12.98
N VAL A 157 12.00 13.93 14.31
CA VAL A 157 12.04 15.10 15.22
C VAL A 157 13.29 15.92 14.91
N ARG A 158 14.46 15.29 14.77
CA ARG A 158 15.71 16.06 14.49
C ARG A 158 15.59 16.76 13.13
N ASP A 159 15.03 16.04 12.15
CA ASP A 159 14.85 16.53 10.76
C ASP A 159 14.03 17.81 10.79
N ILE A 160 12.93 17.82 11.55
CA ILE A 160 12.04 19.00 11.67
C ILE A 160 12.86 20.13 12.29
N ALA A 161 13.54 19.83 13.40
CA ALA A 161 14.30 20.83 14.19
C ALA A 161 15.43 21.38 13.31
N GLU A 162 15.96 20.57 12.41
CA GLU A 162 17.05 20.99 11.50
C GLU A 162 16.59 21.68 10.21
N ASP A 163 15.65 21.08 9.48
CA ASP A 163 15.19 21.63 8.20
C ASP A 163 14.52 22.99 8.31
N LEU A 164 13.72 23.18 9.35
CA LEU A 164 13.00 24.43 9.54
C LEU A 164 13.42 25.04 10.87
N GLY A 165 13.29 26.35 11.01
CA GLY A 165 13.66 27.01 12.24
C GLY A 165 12.54 26.93 13.26
N ILE A 166 12.40 25.75 13.86
CA ILE A 166 11.38 25.49 14.86
C ILE A 166 12.08 24.94 16.10
N ALA A 167 11.69 25.42 17.29
CA ALA A 167 12.29 24.92 18.52
C ALA A 167 11.44 23.77 19.03
N VAL A 168 12.06 22.74 19.59
CA VAL A 168 11.34 21.58 20.13
C VAL A 168 11.63 21.42 21.64
N VAL A 169 10.63 21.66 22.50
CA VAL A 169 10.80 21.57 23.96
C VAL A 169 11.15 20.21 24.56
N LEU A 170 10.57 19.12 24.04
CA LEU A 170 10.83 17.76 24.55
C LEU A 170 10.62 17.58 26.06
N VAL A 171 9.48 18.00 26.58
CA VAL A 171 9.20 17.88 28.02
C VAL A 171 9.21 16.41 28.44
N GLY A 172 9.81 16.11 29.59
CA GLY A 172 9.90 14.73 30.07
C GLY A 172 10.14 14.61 31.56
N THR A 173 9.99 13.40 32.09
CA THR A 173 10.23 13.12 33.51
C THR A 173 11.70 12.69 33.68
N ASP A 174 12.13 12.34 34.90
CA ASP A 174 13.53 11.91 35.08
C ASP A 174 13.93 10.75 34.18
N ARG A 175 13.01 9.82 33.92
CA ARG A 175 13.24 8.67 33.03
C ARG A 175 13.63 9.04 31.57
N LEU A 176 13.16 10.18 31.09
CA LEU A 176 13.47 10.68 29.72
C LEU A 176 14.98 10.75 29.51
N ASP A 177 15.73 11.20 30.52
CA ASP A 177 17.21 11.34 30.44
C ASP A 177 17.86 9.98 30.16
N ALA A 178 17.30 8.91 30.75
CA ALA A 178 17.80 7.54 30.49
C ALA A 178 17.59 7.17 29.02
N VAL A 179 16.50 7.64 28.42
CA VAL A 179 16.19 7.37 26.98
C VAL A 179 17.08 8.24 26.09
N ILE A 180 17.21 9.54 26.41
CA ILE A 180 17.97 10.51 25.57
C ILE A 180 19.43 10.05 25.44
N LYS A 181 20.05 9.62 26.55
CA LYS A 181 21.49 9.27 26.58
C LYS A 181 21.76 8.00 25.76
N ARG A 182 20.73 7.37 25.19
CA ARG A 182 21.00 6.14 24.39
C ARG A 182 21.37 6.50 22.94
N ASP A 183 21.26 7.77 22.55
CA ASP A 183 21.52 8.20 21.15
C ASP A 183 22.37 9.47 21.15
N GLU A 184 23.60 9.37 20.64
CA GLU A 184 24.58 10.50 20.73
C GLU A 184 23.97 11.74 20.08
N GLN A 185 23.40 11.57 18.88
CA GLN A 185 22.96 12.71 18.02
C GLN A 185 21.79 13.43 18.69
N VAL A 186 20.93 12.70 19.40
CA VAL A 186 19.79 13.30 20.08
C VAL A 186 20.22 14.01 21.36
N LEU A 187 21.13 13.39 22.11
CA LEU A 187 21.61 13.96 23.37
C LEU A 187 22.33 15.29 23.18
N GLU A 188 23.16 15.40 22.15
CA GLU A 188 23.90 16.62 21.88
C GLU A 188 23.00 17.81 21.53
N ARG A 189 21.96 17.54 20.75
CA ARG A 189 21.02 18.57 20.32
C ARG A 189 20.19 19.19 21.45
N PHE A 190 19.80 18.38 22.42
CA PHE A 190 18.95 18.82 23.53
C PHE A 190 19.68 19.01 24.87
N ARG A 191 20.94 19.41 24.82
CA ARG A 191 21.74 19.57 26.03
C ARG A 191 21.21 20.60 27.05
N ALA A 192 20.72 21.75 26.59
CA ALA A 192 20.21 22.77 27.52
C ALA A 192 18.96 22.24 28.23
N HIS A 193 18.78 22.59 29.50
CA HIS A 193 17.58 22.08 30.23
C HIS A 193 17.07 23.03 31.32
N LEU A 194 15.83 22.85 31.74
CA LEU A 194 15.25 23.62 32.84
C LEU A 194 14.71 22.60 33.84
N ARG A 195 14.87 22.85 35.15
CA ARG A 195 14.40 21.90 36.16
C ARG A 195 13.20 22.46 36.94
N PHE A 196 12.06 21.77 36.91
CA PHE A 196 10.86 22.24 37.61
C PHE A 196 10.91 22.28 39.15
N GLY A 197 11.46 21.23 39.76
CA GLY A 197 11.53 21.18 41.22
C GLY A 197 10.18 20.96 41.88
N LYS A 198 10.09 21.27 43.17
CA LYS A 198 8.85 21.13 43.94
C LYS A 198 8.75 22.29 44.94
N LEU A 199 7.68 22.37 45.72
CA LEU A 199 7.59 23.51 46.67
C LEU A 199 8.13 23.13 48.05
N SER A 200 8.73 24.10 48.74
CA SER A 200 9.19 23.95 50.15
C SER A 200 9.24 25.33 50.82
N GLY A 201 9.26 25.38 52.15
CA GLY A 201 9.43 26.66 52.88
C GLY A 201 8.24 27.60 52.67
N GLU A 202 8.52 28.91 52.70
CA GLU A 202 7.51 30.00 52.58
C GLU A 202 6.68 29.85 51.30
N ASP A 203 7.31 29.42 50.21
CA ASP A 203 6.62 29.29 48.90
C ASP A 203 5.39 28.39 49.06
N PHE A 204 5.52 27.34 49.90
CA PHE A 204 4.41 26.39 50.15
C PHE A 204 3.31 27.08 50.97
N LYS A 205 3.69 27.76 52.06
CA LYS A 205 2.72 28.48 52.92
C LYS A 205 1.95 29.51 52.09
N ASN A 206 2.65 30.29 51.26
CA ASN A 206 2.01 31.33 50.41
C ASN A 206 1.08 30.65 49.39
N THR A 207 1.49 29.49 48.86
CA THR A 207 0.66 28.73 47.89
C THR A 207 -0.64 28.27 48.56
N VAL A 208 -0.56 27.80 49.81
CA VAL A 208 -1.78 27.37 50.55
C VAL A 208 -2.71 28.57 50.73
N GLU A 209 -2.16 29.74 51.08
CA GLU A 209 -2.98 30.96 51.28
C GLU A 209 -3.64 31.31 49.94
N MET A 210 -2.86 31.29 48.86
CA MET A 210 -3.39 31.54 47.49
C MET A 210 -4.48 30.52 47.18
N TRP A 211 -4.22 29.25 47.47
CA TRP A 211 -5.19 28.14 47.20
C TRP A 211 -6.56 28.37 47.86
N GLU A 212 -6.57 28.64 49.16
CA GLU A 212 -7.87 28.88 49.86
C GLU A 212 -8.60 30.09 49.24
N GLN A 213 -7.85 31.14 48.89
CA GLN A 213 -8.46 32.38 48.34
C GLN A 213 -8.95 32.20 46.90
N MET A 214 -8.17 31.54 46.03
CA MET A 214 -8.54 31.51 44.59
C MET A 214 -9.26 30.23 44.16
N VAL A 215 -8.92 29.08 44.74
CA VAL A 215 -9.53 27.81 44.35
C VAL A 215 -10.68 27.37 45.26
N LEU A 216 -10.65 27.76 46.53
CA LEU A 216 -11.70 27.38 47.45
C LEU A 216 -12.57 28.61 47.76
N LYS A 217 -13.89 28.48 47.57
CA LYS A 217 -14.81 29.58 47.79
C LYS A 217 -15.88 29.19 48.80
N LEU A 218 -15.52 28.38 49.78
CA LEU A 218 -16.47 27.93 50.78
C LEU A 218 -17.06 29.10 51.56
N PRO A 219 -18.38 29.06 51.86
CA PRO A 219 -19.06 30.13 52.60
C PRO A 219 -18.29 30.67 53.81
N VAL A 220 -17.62 29.80 54.54
CA VAL A 220 -16.84 30.25 55.73
C VAL A 220 -15.39 29.83 55.52
N SER A 221 -14.46 30.75 55.80
CA SER A 221 -12.99 30.58 55.71
C SER A 221 -12.47 29.46 56.60
N SER A 222 -11.50 28.69 56.10
CA SER A 222 -10.88 27.54 56.82
C SER A 222 -9.58 27.95 57.51
N ASN A 223 -8.95 29.05 57.06
CA ASN A 223 -7.69 29.52 57.70
C ASN A 223 -6.62 28.42 57.60
N LEU A 224 -6.42 27.88 56.40
CA LEU A 224 -5.51 26.72 56.17
C LEU A 224 -4.04 27.12 56.37
N LYS A 225 -3.76 28.42 56.47
CA LYS A 225 -2.36 28.92 56.64
C LYS A 225 -1.93 28.63 58.09
N SER A 226 -2.87 28.48 59.01
CA SER A 226 -2.56 28.24 60.43
C SER A 226 -1.61 27.05 60.62
N LYS A 227 -0.68 27.15 61.55
CA LYS A 227 0.35 26.12 61.77
C LYS A 227 -0.20 24.75 62.15
N GLU A 228 -1.22 24.71 63.00
CA GLU A 228 -1.80 23.44 63.44
C GLU A 228 -2.26 22.55 62.28
N MET A 229 -2.74 23.17 61.21
CA MET A 229 -3.26 22.42 60.02
C MET A 229 -2.23 22.44 58.89
N LEU A 230 -1.37 23.46 58.85
CA LEU A 230 -0.30 23.61 57.82
C LEU A 230 0.72 22.47 57.96
N ARG A 231 1.01 22.04 59.19
CA ARG A 231 1.96 20.91 59.44
C ARG A 231 1.35 19.64 58.85
N ILE A 232 0.01 19.55 58.89
CA ILE A 232 -0.74 18.36 58.36
C ILE A 232 -0.68 18.38 56.83
N LEU A 233 -0.96 19.55 56.24
CA LEU A 233 -0.93 19.72 54.76
C LEU A 233 0.50 19.47 54.27
N THR A 234 1.49 19.92 55.03
CA THR A 234 2.92 19.71 54.69
C THR A 234 3.28 18.21 54.70
N SER A 235 2.86 17.47 55.73
CA SER A 235 3.19 16.03 55.85
C SER A 235 2.47 15.25 54.74
N ALA A 236 1.22 15.65 54.47
CA ALA A 236 0.35 14.97 53.48
C ALA A 236 0.82 15.31 52.06
N THR A 237 1.34 16.49 51.81
CA THR A 237 1.66 16.82 50.44
C THR A 237 3.12 16.63 50.05
N GLU A 238 4.03 16.84 51.00
CA GLU A 238 5.48 16.68 50.77
C GLU A 238 5.96 17.49 49.57
N GLY A 239 5.51 18.73 49.49
CA GLY A 239 5.79 19.65 48.41
C GLY A 239 5.30 19.45 46.97
N TYR A 240 4.41 18.51 46.75
CA TYR A 240 3.90 18.22 45.39
C TYR A 240 2.59 18.99 45.17
N ILE A 241 2.54 19.87 44.15
CA ILE A 241 1.34 20.73 43.96
C ILE A 241 0.18 19.79 43.65
N GLY A 242 0.44 18.66 42.96
CA GLY A 242 -0.62 17.68 42.68
C GLY A 242 -1.25 17.12 43.94
N ARG A 243 -0.48 16.96 45.02
CA ARG A 243 -1.13 16.36 46.21
C ARG A 243 -1.92 17.44 46.95
N LEU A 244 -1.36 18.66 47.03
CA LEU A 244 -2.06 19.77 47.73
C LEU A 244 -3.42 19.94 47.07
N ASP A 245 -3.46 19.89 45.73
CA ASP A 245 -4.74 19.97 44.98
C ASP A 245 -5.70 18.88 45.46
N GLU A 246 -5.24 17.62 45.47
CA GLU A 246 -6.12 16.46 45.79
C GLU A 246 -6.65 16.56 47.23
N ILE A 247 -5.75 16.87 48.17
CA ILE A 247 -6.04 16.79 49.63
C ILE A 247 -7.13 17.82 49.91
N LEU A 248 -6.93 19.06 49.45
CA LEU A 248 -7.88 20.18 49.70
C LEU A 248 -9.16 20.09 48.88
N ARG A 249 -9.07 19.64 47.62
CA ARG A 249 -10.26 19.48 46.74
C ARG A 249 -11.22 18.39 47.22
N GLU A 250 -10.68 17.24 47.66
CA GLU A 250 -11.52 16.16 48.24
C GLU A 250 -12.07 16.57 49.60
N ALA A 251 -11.23 17.19 50.44
CA ALA A 251 -11.65 17.65 51.79
C ALA A 251 -12.80 18.66 51.69
N ALA A 252 -12.76 19.56 50.70
CA ALA A 252 -13.85 20.54 50.48
C ALA A 252 -15.17 19.82 50.13
N ILE A 253 -15.13 18.83 49.22
CA ILE A 253 -16.36 18.10 48.82
C ILE A 253 -16.88 17.28 50.01
N ARG A 254 -15.97 16.58 50.70
CA ARG A 254 -16.35 15.72 51.86
C ARG A 254 -16.93 16.58 52.98
N SER A 255 -16.40 17.79 53.17
CA SER A 255 -16.89 18.72 54.22
C SER A 255 -18.29 19.24 53.91
N LEU A 256 -18.50 19.72 52.67
CA LEU A 256 -19.81 20.27 52.24
C LEU A 256 -20.86 19.16 52.31
N SER A 257 -20.47 17.93 51.99
CA SER A 257 -21.41 16.77 51.93
C SER A 257 -21.94 16.47 53.34
N ARG A 258 -21.25 16.98 54.36
CA ARG A 258 -21.63 16.77 55.78
C ARG A 258 -22.44 17.97 56.30
N GLY A 259 -22.65 18.97 55.44
CA GLY A 259 -23.38 20.20 55.81
C GLY A 259 -22.48 21.23 56.47
N LEU A 260 -21.17 21.10 56.31
CA LEU A 260 -20.21 22.07 56.91
C LEU A 260 -20.04 23.26 55.95
N LYS A 261 -19.66 24.42 56.48
CA LYS A 261 -19.43 25.63 55.64
C LYS A 261 -17.92 25.84 55.46
N LYS A 262 -17.11 24.98 56.08
CA LYS A 262 -15.63 25.10 56.04
C LYS A 262 -15.00 23.72 56.21
N ILE A 263 -13.69 23.60 55.99
CA ILE A 263 -12.98 22.30 56.21
C ILE A 263 -12.48 22.24 57.66
N ASP A 264 -12.93 21.23 58.41
CA ASP A 264 -12.50 21.01 59.81
C ASP A 264 -11.15 20.30 59.84
N LYS A 265 -10.35 20.54 60.87
CA LYS A 265 -9.05 19.85 61.05
C LYS A 265 -9.29 18.33 60.95
N ALA A 266 -10.41 17.86 61.52
CA ALA A 266 -10.75 16.42 61.55
C ALA A 266 -10.84 15.88 60.12
N VAL A 267 -11.30 16.71 59.18
CA VAL A 267 -11.50 16.26 57.77
C VAL A 267 -10.13 16.14 57.10
N LEU A 268 -9.26 17.12 57.32
CA LEU A 268 -7.89 17.13 56.74
C LEU A 268 -7.14 15.89 57.24
N GLN A 269 -7.31 15.57 58.52
CA GLN A 269 -6.65 14.37 59.13
C GLN A 269 -7.23 13.10 58.51
N GLU A 270 -8.56 13.03 58.41
CA GLU A 270 -9.26 11.84 57.88
C GLU A 270 -8.79 11.57 56.45
N VAL A 271 -8.69 12.63 55.63
CA VAL A 271 -8.24 12.47 54.21
C VAL A 271 -6.73 12.10 54.20
N ALA A 272 -5.92 12.77 55.01
CA ALA A 272 -4.46 12.52 54.99
C ALA A 272 -4.19 11.04 55.31
N LYS A 273 -4.99 10.45 56.20
CA LYS A 273 -4.78 9.04 56.66
C LYS A 273 -4.89 8.07 55.47
N GLU A 274 -5.54 8.49 54.38
CA GLU A 274 -5.78 7.59 53.22
C GLU A 274 -4.53 7.52 52.33
N TYR A 275 -3.56 8.41 52.57
CA TYR A 275 -2.35 8.48 51.73
C TYR A 275 -1.19 7.78 52.45
N GLU B 19 12.77 48.36 13.12
CA GLU B 19 13.39 48.35 14.47
C GLU B 19 14.78 47.73 14.39
N TRP B 20 15.81 48.47 14.78
CA TRP B 20 17.22 48.00 14.68
C TRP B 20 17.37 46.68 15.46
N LEU B 21 16.81 46.62 16.66
CA LEU B 21 16.99 45.45 17.56
C LEU B 21 16.46 44.19 16.86
N GLN B 22 15.26 44.28 16.26
CA GLN B 22 14.62 43.12 15.61
C GLN B 22 15.41 42.71 14.36
N ALA B 23 15.97 43.70 13.64
CA ALA B 23 16.77 43.40 12.43
C ALA B 23 17.98 42.56 12.80
N GLU B 24 18.63 42.90 13.92
CA GLU B 24 19.84 42.17 14.41
C GLU B 24 19.46 40.79 14.93
N ILE B 25 18.33 40.68 15.64
CA ILE B 25 17.85 39.35 16.14
C ILE B 25 17.48 38.45 14.95
N ALA B 26 16.77 38.99 13.96
CA ALA B 26 16.42 38.19 12.77
C ALA B 26 17.68 37.69 12.07
N ARG B 27 18.76 38.50 12.09
CA ARG B 27 20.07 38.08 11.52
C ARG B 27 20.73 37.02 12.42
N LEU B 28 20.82 37.30 13.73
CA LEU B 28 21.60 36.45 14.66
C LEU B 28 21.02 35.03 14.72
N LYS B 29 19.69 34.92 14.62
CA LYS B 29 18.99 33.62 14.77
C LYS B 29 19.27 32.76 13.54
N GLY B 30 19.84 33.37 12.49
CA GLY B 30 20.12 32.69 11.21
C GLY B 30 21.43 31.91 11.27
N LYS B 31 21.84 31.32 10.14
CA LYS B 31 23.08 30.49 10.10
C LYS B 31 23.99 30.99 8.98
N SER B 32 25.29 30.70 9.09
CA SER B 32 26.26 31.01 8.01
C SER B 32 27.43 30.02 8.08
N ILE B 33 28.25 30.01 7.03
CA ILE B 33 29.43 29.09 6.94
C ILE B 33 30.70 29.88 7.24
N VAL B 34 31.47 29.45 8.25
CA VAL B 34 32.76 30.12 8.60
C VAL B 34 33.92 29.26 8.10
N PRO B 35 34.87 29.80 7.32
CA PRO B 35 36.03 29.02 6.86
C PRO B 35 36.81 28.49 8.08
N LEU B 36 37.17 27.20 8.05
CA LEU B 36 37.98 26.61 9.14
C LEU B 36 39.01 25.64 8.55
N GLN B 37 40.07 25.34 9.30
CA GLN B 37 41.15 24.43 8.85
C GLN B 37 40.56 23.05 8.53
N GLN B 38 39.59 22.60 9.34
CA GLN B 38 38.99 21.25 9.20
C GLN B 38 38.19 21.18 7.90
N VAL B 39 37.56 22.29 7.49
CA VAL B 39 36.70 22.31 6.27
C VAL B 39 37.59 22.24 5.03
N LYS B 40 38.64 23.06 4.99
CA LYS B 40 39.59 23.04 3.84
C LYS B 40 40.23 21.66 3.72
N THR B 41 40.60 21.06 4.85
CA THR B 41 41.25 19.72 4.86
C THR B 41 40.34 18.69 4.17
N LEU B 42 39.05 18.69 4.52
CA LEU B 42 38.07 17.74 3.93
C LEU B 42 37.96 17.99 2.42
N HIS B 43 37.87 19.27 2.01
CA HIS B 43 37.63 19.63 0.59
C HIS B 43 38.79 19.15 -0.27
N ASP B 44 40.04 19.30 0.21
CA ASP B 44 41.24 18.87 -0.55
C ASP B 44 41.27 17.34 -0.65
N TRP B 45 40.88 16.68 0.44
CA TRP B 45 40.83 15.18 0.55
C TRP B 45 39.77 14.62 -0.42
N LEU B 46 38.57 15.22 -0.41
CA LEU B 46 37.46 14.73 -1.27
C LEU B 46 37.87 14.92 -2.73
N ASP B 47 38.54 16.04 -3.02
CA ASP B 47 39.02 16.38 -4.40
C ASP B 47 39.93 15.27 -4.93
N GLY B 48 40.82 14.75 -4.08
CA GLY B 48 41.65 13.58 -4.45
C GLY B 48 40.82 12.36 -4.76
N LYS B 49 39.87 12.01 -3.90
CA LYS B 49 39.01 10.82 -4.11
C LYS B 49 38.18 11.00 -5.38
N ARG B 50 37.75 12.23 -5.68
CA ARG B 50 36.93 12.54 -6.87
C ARG B 50 37.72 12.20 -8.14
N LYS B 51 38.98 12.64 -8.21
CA LYS B 51 39.83 12.48 -9.44
C LYS B 51 40.10 10.98 -9.63
N ALA B 52 40.36 10.27 -8.53
CA ALA B 52 40.75 8.83 -8.52
C ALA B 52 39.52 7.93 -8.63
N ARG B 53 38.32 8.52 -8.49
CA ARG B 53 37.01 7.81 -8.42
C ARG B 53 37.08 6.75 -7.31
N LYS B 54 37.61 7.09 -6.13
CA LYS B 54 37.76 6.04 -5.09
C LYS B 54 36.73 6.19 -3.96
N SER B 55 36.19 5.06 -3.49
CA SER B 55 35.26 5.05 -2.37
C SER B 55 36.06 5.36 -1.11
N CYS B 56 35.40 6.00 -0.17
CA CYS B 56 36.03 6.40 1.06
C CYS B 56 34.94 6.70 2.09
N ARG B 57 35.34 7.08 3.30
CA ARG B 57 34.40 7.36 4.38
C ARG B 57 34.72 8.63 5.15
N VAL B 58 33.71 9.22 5.78
CA VAL B 58 33.86 10.42 6.59
C VAL B 58 33.20 10.11 7.93
N VAL B 59 34.00 9.92 8.99
CA VAL B 59 33.42 9.56 10.32
C VAL B 59 33.97 10.54 11.36
N GLY B 60 33.10 10.97 12.28
CA GLY B 60 33.49 11.85 13.38
C GLY B 60 32.40 11.93 14.41
N GLU B 61 32.58 12.79 15.43
CA GLU B 61 31.60 12.92 16.54
C GLU B 61 30.49 13.89 16.13
N SER B 62 29.36 13.84 16.83
CA SER B 62 28.24 14.82 16.62
C SER B 62 28.66 16.26 16.96
N ARG B 63 28.05 17.22 16.26
CA ARG B 63 28.24 18.68 16.45
C ARG B 63 29.67 19.13 16.14
N THR B 64 30.40 18.40 15.29
CA THR B 64 31.80 18.77 14.96
C THR B 64 31.80 19.55 13.64
N GLY B 65 30.66 19.57 12.96
CA GLY B 65 30.45 20.42 11.77
C GLY B 65 30.69 19.62 10.49
N LYS B 66 30.44 18.31 10.52
CA LYS B 66 30.62 17.44 9.37
C LYS B 66 29.60 17.73 8.29
N THR B 67 28.32 17.88 8.64
CA THR B 67 27.36 18.12 7.54
C THR B 67 27.64 19.45 6.81
N VAL B 68 27.96 20.50 7.57
CA VAL B 68 28.17 21.87 7.01
C VAL B 68 29.34 21.85 6.02
N ALA B 69 30.43 21.17 6.36
CA ALA B 69 31.60 21.08 5.45
C ALA B 69 31.17 20.43 4.12
N CYS B 70 30.28 19.44 4.18
CA CYS B 70 29.79 18.76 2.94
C CYS B 70 28.97 19.74 2.08
N ASP B 71 28.11 20.54 2.70
CA ASP B 71 27.34 21.58 1.97
C ASP B 71 28.28 22.55 1.26
N ALA B 72 29.32 23.01 1.98
CA ALA B 72 30.29 23.99 1.43
C ALA B 72 30.97 23.42 0.18
N TYR B 73 31.30 22.12 0.22
CA TYR B 73 31.92 21.41 -0.93
C TYR B 73 31.04 21.46 -2.17
N ARG B 74 29.75 21.16 -2.01
CA ARG B 74 28.77 21.22 -3.13
C ARG B 74 28.79 22.61 -3.76
N TYR B 75 28.93 23.66 -2.95
CA TYR B 75 28.96 25.03 -3.45
C TYR B 75 30.30 25.38 -4.09
N ARG B 76 31.37 24.70 -3.69
CA ARG B 76 32.68 24.99 -4.25
C ARG B 76 32.72 24.70 -5.75
N HIS B 77 32.13 23.57 -6.14
CA HIS B 77 32.06 23.21 -7.55
C HIS B 77 30.58 23.08 -7.90
N LYS B 78 30.01 24.10 -8.52
CA LYS B 78 28.59 24.09 -8.85
C LYS B 78 28.33 23.47 -10.22
N PRO B 79 27.07 23.05 -10.46
CA PRO B 79 26.75 22.48 -11.76
C PRO B 79 27.01 23.46 -12.92
N GLN B 80 27.47 22.95 -14.06
CA GLN B 80 27.75 23.81 -15.20
C GLN B 80 26.73 23.54 -16.31
N GLN B 81 26.09 24.58 -16.83
CA GLN B 81 25.12 24.40 -17.90
C GLN B 81 25.41 25.36 -19.03
N GLU B 82 26.51 25.10 -19.74
CA GLU B 82 26.93 25.94 -20.86
C GLU B 82 26.32 25.48 -22.20
N ALA B 83 25.62 24.35 -22.18
CA ALA B 83 25.02 23.82 -23.40
C ALA B 83 23.54 23.46 -23.20
N GLY B 84 22.82 23.30 -24.33
CA GLY B 84 21.41 22.94 -24.45
C GLY B 84 21.01 21.72 -23.64
N ARG B 85 21.94 20.80 -23.47
CA ARG B 85 21.72 19.54 -22.76
C ARG B 85 21.50 19.71 -21.24
N PRO B 86 20.97 18.66 -20.56
CA PRO B 86 20.76 18.70 -19.10
C PRO B 86 22.00 19.22 -18.33
N PRO B 87 21.80 20.06 -17.31
CA PRO B 87 22.96 20.64 -16.61
C PRO B 87 23.93 19.59 -16.06
N THR B 88 25.23 19.78 -16.31
CA THR B 88 26.23 18.83 -15.84
C THR B 88 26.46 19.06 -14.36
N VAL B 89 25.97 18.15 -13.51
CA VAL B 89 26.16 18.27 -12.07
C VAL B 89 27.26 17.33 -11.60
N PRO B 90 28.46 17.86 -11.31
CA PRO B 90 29.55 16.97 -10.89
C PRO B 90 29.31 16.23 -9.58
N VAL B 91 28.74 16.91 -8.58
CA VAL B 91 28.53 16.28 -7.28
C VAL B 91 27.06 16.18 -6.82
N VAL B 92 26.64 15.02 -6.31
CA VAL B 92 25.25 14.84 -5.79
C VAL B 92 25.32 14.68 -4.27
N TYR B 93 24.54 15.47 -3.54
CA TYR B 93 24.47 15.34 -2.06
C TYR B 93 23.02 15.03 -1.66
N ILE B 94 22.83 13.92 -0.95
CA ILE B 94 21.48 13.50 -0.46
C ILE B 94 21.60 13.13 1.02
N ARG B 95 20.49 13.24 1.76
CA ARG B 95 20.41 12.73 3.16
C ARG B 95 19.18 11.83 3.31
N PRO B 96 19.33 10.49 3.30
CA PRO B 96 18.20 9.56 3.37
C PRO B 96 17.31 9.74 4.61
N HIS B 97 16.02 9.47 4.44
CA HIS B 97 15.03 9.49 5.56
C HIS B 97 15.24 8.25 6.44
N GLN B 98 14.48 8.13 7.52
CA GLN B 98 14.66 7.00 8.46
C GLN B 98 14.23 5.67 7.83
N LYS B 99 15.01 4.62 8.09
CA LYS B 99 14.74 3.27 7.53
C LYS B 99 14.45 3.42 6.03
N CYS B 100 15.35 4.14 5.34
CA CYS B 100 15.29 4.34 3.88
C CYS B 100 15.44 3.01 3.13
N GLY B 101 14.49 2.75 2.25
CA GLY B 101 14.40 1.52 1.44
C GLY B 101 14.92 1.79 0.05
N PRO B 102 14.99 0.80 -0.86
CA PRO B 102 15.48 1.04 -2.22
C PRO B 102 14.66 1.92 -3.17
N LYS B 103 13.36 2.13 -2.95
CA LYS B 103 12.55 3.06 -3.81
C LYS B 103 12.83 4.53 -3.46
N ASP B 104 13.13 4.76 -2.18
CA ASP B 104 13.33 6.11 -1.56
C ASP B 104 14.71 6.67 -1.94
N LEU B 105 15.75 5.82 -1.94
CA LEU B 105 17.13 6.23 -2.30
C LEU B 105 17.13 6.72 -3.75
N PHE B 106 16.48 5.96 -4.64
CA PHE B 106 16.43 6.29 -6.09
C PHE B 106 15.61 7.56 -6.32
N LYS B 107 14.48 7.70 -5.64
CA LYS B 107 13.59 8.87 -5.78
C LYS B 107 14.37 10.14 -5.46
N LYS B 108 15.07 10.16 -4.34
CA LYS B 108 15.78 11.37 -3.83
C LYS B 108 16.96 11.72 -4.75
N ILE B 109 17.66 10.73 -5.30
CA ILE B 109 18.78 11.01 -6.24
C ILE B 109 18.24 11.72 -7.50
N THR B 110 17.14 11.15 -8.02
CA THR B 110 16.46 11.62 -9.25
C THR B 110 15.92 13.04 -9.06
N GLU B 111 15.29 13.33 -7.92
CA GLU B 111 14.72 14.69 -7.68
C GLU B 111 15.86 15.71 -7.58
N TYR B 112 16.95 15.33 -6.92
CA TYR B 112 18.13 16.22 -6.71
C TYR B 112 18.61 16.75 -8.06
N LEU B 113 18.66 15.87 -9.06
CA LEU B 113 19.12 16.18 -10.45
C LEU B 113 18.03 16.91 -11.24
N LYS B 114 16.90 17.22 -10.58
CA LYS B 114 15.73 17.96 -11.15
C LYS B 114 14.92 17.16 -12.19
N TYR B 115 14.77 15.84 -12.01
CA TYR B 115 13.81 15.07 -12.86
C TYR B 115 12.61 14.69 -12.00
N ARG B 116 11.42 14.65 -12.62
CA ARG B 116 10.20 14.26 -11.88
C ARG B 116 10.13 12.73 -11.91
N VAL B 117 9.78 12.08 -10.79
CA VAL B 117 9.64 10.60 -10.80
C VAL B 117 8.19 10.20 -11.10
N THR B 118 8.01 9.33 -12.10
CA THR B 118 6.65 8.89 -12.54
C THR B 118 6.23 7.70 -11.67
N LYS B 119 4.94 7.34 -11.69
CA LYS B 119 4.51 6.17 -10.88
C LYS B 119 5.09 4.90 -11.51
N GLY B 120 5.56 3.98 -10.67
CA GLY B 120 6.14 2.70 -11.14
C GLY B 120 6.77 1.94 -10.00
N THR B 121 7.45 0.82 -10.28
CA THR B 121 8.05 -0.01 -9.25
C THR B 121 9.56 0.29 -9.15
N VAL B 122 10.25 -0.38 -8.23
CA VAL B 122 11.68 -0.15 -8.04
C VAL B 122 12.46 -0.46 -9.32
N SER B 123 12.10 -1.55 -9.97
CA SER B 123 12.76 -1.96 -11.21
C SER B 123 12.55 -0.94 -12.33
N ASP B 124 11.35 -0.37 -12.41
CA ASP B 124 11.02 0.58 -13.47
C ASP B 124 11.84 1.86 -13.51
N PHE B 125 12.09 2.50 -12.38
CA PHE B 125 12.90 3.72 -12.42
C PHE B 125 14.34 3.50 -11.96
N ARG B 126 14.72 2.25 -11.71
CA ARG B 126 16.12 1.96 -11.37
C ARG B 126 16.97 2.29 -12.60
N ASP B 127 16.47 1.88 -13.76
CA ASP B 127 17.12 2.16 -15.04
C ASP B 127 17.11 3.66 -15.28
N ARG B 128 16.00 4.30 -14.95
CA ARG B 128 15.83 5.75 -15.09
C ARG B 128 16.85 6.48 -14.24
N THR B 129 17.10 5.99 -13.02
CA THR B 129 18.09 6.60 -12.15
C THR B 129 19.43 6.50 -12.86
N ILE B 130 19.72 5.32 -13.38
CA ILE B 130 21.00 5.08 -14.14
C ILE B 130 21.06 6.05 -15.32
N GLU B 131 19.95 6.17 -16.04
CA GLU B 131 19.85 7.04 -17.21
C GLU B 131 20.08 8.48 -16.83
N VAL B 132 19.42 8.94 -15.76
CA VAL B 132 19.62 10.31 -15.27
C VAL B 132 21.06 10.49 -14.76
N LEU B 133 21.62 9.45 -14.15
CA LEU B 133 22.99 9.47 -13.65
C LEU B 133 23.97 9.67 -14.80
N LYS B 134 23.70 9.03 -15.95
CA LYS B 134 24.52 9.21 -17.15
C LYS B 134 24.19 10.58 -17.77
N GLY B 135 25.09 11.14 -18.57
CA GLY B 135 24.87 12.48 -19.15
C GLY B 135 25.30 13.59 -18.18
N CYS B 136 24.70 13.67 -16.98
CA CYS B 136 25.15 14.58 -15.94
C CYS B 136 26.47 13.99 -15.44
N GLY B 137 27.39 14.83 -14.98
CA GLY B 137 28.69 14.31 -14.65
C GLY B 137 28.70 13.29 -13.53
N VAL B 138 28.03 13.62 -12.42
CA VAL B 138 27.91 12.71 -11.28
C VAL B 138 29.26 12.09 -10.85
N GLU B 139 30.30 12.91 -10.74
CA GLU B 139 31.61 12.43 -10.39
C GLU B 139 31.61 11.83 -8.99
N MET B 140 30.87 12.46 -8.07
CA MET B 140 30.82 11.96 -6.71
C MET B 140 29.42 12.02 -6.07
N LEU B 141 29.03 10.97 -5.35
CA LEU B 141 27.73 10.93 -4.62
C LEU B 141 28.03 10.95 -3.11
N ILE B 142 27.54 11.97 -2.40
CA ILE B 142 27.75 12.06 -0.92
C ILE B 142 26.45 11.66 -0.20
N ILE B 143 26.44 10.52 0.49
CA ILE B 143 25.26 10.07 1.21
C ILE B 143 25.45 10.33 2.70
N ASP B 144 24.97 11.47 3.19
CA ASP B 144 25.09 11.81 4.59
C ASP B 144 24.21 10.91 5.44
N GLU B 145 24.60 10.70 6.70
CA GLU B 145 23.86 9.85 7.61
C GLU B 145 23.58 8.48 6.98
N ALA B 146 24.67 7.81 6.62
CA ALA B 146 24.66 6.48 5.99
C ALA B 146 24.02 5.40 6.87
N ASP B 147 24.13 5.53 8.18
CA ASP B 147 23.56 4.57 9.13
C ASP B 147 22.04 4.44 8.97
N ARG B 148 21.34 5.55 8.67
CA ARG B 148 19.90 5.49 8.47
C ARG B 148 19.62 5.00 7.05
N LEU B 149 19.68 3.68 6.89
CA LEU B 149 19.46 3.03 5.60
C LEU B 149 19.15 1.57 5.91
N LYS B 150 18.26 0.93 5.15
CA LYS B 150 17.95 -0.50 5.40
C LYS B 150 19.20 -1.20 4.86
N PRO B 151 19.72 -2.26 5.54
CA PRO B 151 20.88 -3.02 5.04
C PRO B 151 20.74 -3.47 3.58
N GLU B 152 19.51 -3.74 3.13
CA GLU B 152 19.27 -4.29 1.77
C GLU B 152 19.65 -3.25 0.71
N THR B 153 19.68 -1.97 1.09
CA THR B 153 19.85 -0.87 0.10
C THR B 153 21.34 -0.71 -0.26
N PHE B 154 22.23 -1.26 0.57
CA PHE B 154 23.69 -1.14 0.37
C PHE B 154 24.09 -1.89 -0.91
N ALA B 155 23.29 -2.88 -1.30
CA ALA B 155 23.44 -3.56 -2.62
C ALA B 155 23.27 -2.61 -3.82
N ASP B 156 22.35 -1.64 -3.72
CA ASP B 156 22.05 -0.73 -4.85
C ASP B 156 23.13 0.35 -4.91
N VAL B 157 23.64 0.72 -3.73
CA VAL B 157 24.79 1.66 -3.58
C VAL B 157 26.04 1.02 -4.17
N ARG B 158 26.31 -0.26 -3.88
CA ARG B 158 27.54 -0.91 -4.43
C ARG B 158 27.45 -0.99 -5.97
N ASP B 159 26.25 -1.32 -6.45
CA ASP B 159 25.96 -1.47 -7.90
C ASP B 159 26.30 -0.16 -8.62
N ILE B 160 25.86 0.97 -8.05
CA ILE B 160 26.12 2.32 -8.64
C ILE B 160 27.64 2.53 -8.64
N ALA B 161 28.27 2.28 -7.49
CA ALA B 161 29.72 2.54 -7.30
C ALA B 161 30.51 1.63 -8.25
N GLU B 162 29.99 0.42 -8.49
CA GLU B 162 30.71 -0.61 -9.30
C GLU B 162 30.51 -0.37 -10.80
N ASP B 163 29.26 -0.15 -11.22
CA ASP B 163 28.86 -0.08 -12.66
C ASP B 163 29.29 1.26 -13.28
N LEU B 164 29.17 2.34 -12.52
CA LEU B 164 29.43 3.71 -13.03
C LEU B 164 30.72 4.25 -12.39
N GLY B 165 31.43 5.12 -13.12
CA GLY B 165 32.67 5.75 -12.64
C GLY B 165 32.36 6.82 -11.60
N ILE B 166 31.72 6.42 -10.51
CA ILE B 166 31.22 7.35 -9.44
C ILE B 166 31.80 6.97 -8.07
N ALA B 167 32.32 7.97 -7.36
CA ALA B 167 32.75 7.80 -5.95
C ALA B 167 31.59 8.07 -4.99
N VAL B 168 31.42 7.21 -3.97
CA VAL B 168 30.36 7.30 -2.99
C VAL B 168 30.97 7.58 -1.61
N VAL B 169 30.94 8.83 -1.17
CA VAL B 169 31.53 9.24 0.10
C VAL B 169 30.91 8.62 1.36
N LEU B 170 29.58 8.48 1.41
CA LEU B 170 28.89 7.84 2.54
C LEU B 170 29.20 8.37 3.96
N VAL B 171 29.07 9.68 4.16
CA VAL B 171 29.38 10.29 5.46
C VAL B 171 28.49 9.78 6.62
N GLY B 172 29.09 9.56 7.81
CA GLY B 172 28.34 9.09 8.97
C GLY B 172 28.99 9.38 10.33
N THR B 173 28.27 9.03 11.39
CA THR B 173 28.70 9.21 12.77
C THR B 173 29.47 7.96 13.23
N ASP B 174 29.90 7.90 14.49
CA ASP B 174 30.64 6.75 15.01
C ASP B 174 29.87 5.43 14.92
N ARG B 175 28.56 5.49 15.11
CA ARG B 175 27.71 4.29 15.06
C ARG B 175 27.77 3.58 13.70
N LEU B 176 27.85 4.35 12.62
CA LEU B 176 27.92 3.80 11.26
C LEU B 176 28.90 2.63 11.10
N ASP B 177 30.07 2.76 11.72
CA ASP B 177 31.10 1.69 11.68
C ASP B 177 30.50 0.37 12.21
N ALA B 178 29.64 0.46 13.22
CA ALA B 178 28.94 -0.73 13.76
C ALA B 178 28.04 -1.34 12.70
N VAL B 179 27.43 -0.49 11.86
CA VAL B 179 26.53 -0.96 10.76
C VAL B 179 27.38 -1.53 9.61
N ILE B 180 28.44 -0.82 9.21
CA ILE B 180 29.28 -1.22 8.05
C ILE B 180 29.88 -2.62 8.27
N LYS B 181 30.38 -2.88 9.49
CA LYS B 181 31.09 -4.15 9.81
C LYS B 181 30.11 -5.33 9.80
N ARG B 182 28.82 -5.10 9.57
CA ARG B 182 27.88 -6.26 9.56
C ARG B 182 27.84 -6.93 8.17
N ASP B 183 28.48 -6.32 7.17
CA ASP B 183 28.43 -6.83 5.77
C ASP B 183 29.85 -6.82 5.16
N GLU B 184 30.39 -8.01 4.86
CA GLU B 184 31.80 -8.12 4.42
C GLU B 184 32.01 -7.25 3.18
N GLN B 185 31.10 -7.39 2.21
CA GLN B 185 31.26 -6.79 0.85
C GLN B 185 31.24 -5.27 0.95
N VAL B 186 30.42 -4.71 1.85
CA VAL B 186 30.42 -3.24 2.11
C VAL B 186 31.69 -2.80 2.86
N LEU B 187 32.04 -3.51 3.94
CA LEU B 187 33.26 -3.22 4.73
C LEU B 187 34.55 -3.24 3.90
N GLU B 188 34.68 -4.15 2.93
CA GLU B 188 35.95 -4.29 2.16
C GLU B 188 35.94 -3.36 0.95
N ARG B 189 34.84 -2.61 0.73
CA ARG B 189 34.78 -1.65 -0.37
C ARG B 189 34.90 -0.17 0.07
N PHE B 190 34.70 0.10 1.36
CA PHE B 190 34.75 1.46 1.90
C PHE B 190 35.82 1.63 2.99
N ARG B 191 36.93 0.91 2.88
CA ARG B 191 37.98 0.94 3.90
C ARG B 191 38.67 2.30 4.16
N ALA B 192 38.98 3.06 3.12
CA ALA B 192 39.66 4.35 3.32
C ALA B 192 38.77 5.30 4.11
N HIS B 193 39.32 6.02 5.09
CA HIS B 193 38.47 6.94 5.89
C HIS B 193 39.17 8.25 6.27
N LEU B 194 38.40 9.31 6.51
CA LEU B 194 38.94 10.56 7.11
C LEU B 194 38.30 10.69 8.49
N ARG B 195 39.07 11.04 9.52
CA ARG B 195 38.53 11.16 10.86
C ARG B 195 38.25 12.60 11.24
N PHE B 196 37.04 13.09 11.02
CA PHE B 196 36.69 14.45 11.38
C PHE B 196 36.80 14.55 12.90
N GLY B 197 37.38 15.63 13.41
CA GLY B 197 37.54 15.76 14.84
C GLY B 197 37.03 17.06 15.42
N LYS B 198 37.31 17.26 16.71
CA LYS B 198 36.88 18.48 17.44
C LYS B 198 38.08 19.43 17.62
N LEU B 199 37.82 20.63 18.15
CA LEU B 199 38.87 21.66 18.35
C LEU B 199 39.47 21.59 19.77
N SER B 200 40.75 21.92 19.88
CA SER B 200 41.46 22.03 21.19
C SER B 200 42.66 22.97 21.02
N GLY B 201 43.19 23.51 22.13
CA GLY B 201 44.42 24.33 22.09
C GLY B 201 44.20 25.63 21.34
N GLU B 202 45.27 26.13 20.70
CA GLU B 202 45.30 27.43 19.95
C GLU B 202 44.20 27.47 18.88
N ASP B 203 43.92 26.34 18.22
CA ASP B 203 42.92 26.29 17.12
C ASP B 203 41.59 26.82 17.66
N PHE B 204 41.26 26.50 18.92
CA PHE B 204 39.99 26.94 19.56
C PHE B 204 40.04 28.45 19.81
N LYS B 205 41.13 28.94 20.41
CA LYS B 205 41.29 30.39 20.69
C LYS B 205 41.19 31.19 19.38
N ASN B 206 41.87 30.74 18.33
CA ASN B 206 41.84 31.44 17.01
C ASN B 206 40.42 31.39 16.43
N THR B 207 39.73 30.27 16.62
CA THR B 207 38.33 30.12 16.14
C THR B 207 37.41 31.13 16.86
N VAL B 208 37.60 31.31 18.17
CA VAL B 208 36.78 32.29 18.93
C VAL B 208 37.06 33.70 18.39
N GLU B 209 38.32 34.03 18.12
CA GLU B 209 38.68 35.37 17.57
C GLU B 209 38.01 35.54 16.21
N MET B 210 38.10 34.51 15.36
CA MET B 210 37.44 34.51 14.03
C MET B 210 35.93 34.68 14.22
N TRP B 211 35.35 33.94 15.16
CA TRP B 211 33.89 33.98 15.44
C TRP B 211 33.40 35.39 15.78
N GLU B 212 34.03 36.06 16.72
CA GLU B 212 33.62 37.40 17.11
C GLU B 212 33.56 38.34 15.92
N GLN B 213 34.66 38.50 15.20
CA GLN B 213 34.73 39.42 14.06
C GLN B 213 33.81 39.12 12.87
N MET B 214 33.73 37.88 12.43
CA MET B 214 32.90 37.57 11.27
C MET B 214 31.42 37.28 11.55
N VAL B 215 31.17 36.37 12.48
CA VAL B 215 29.81 35.98 12.85
C VAL B 215 29.00 37.07 13.56
N LEU B 216 29.66 37.83 14.42
CA LEU B 216 29.00 38.87 15.21
C LEU B 216 29.24 40.31 14.69
N LYS B 217 28.18 41.10 14.57
CA LYS B 217 28.29 42.48 14.11
C LYS B 217 27.89 43.45 15.20
N LEU B 218 28.07 43.05 16.46
CA LEU B 218 27.67 43.87 17.60
C LEU B 218 28.35 45.25 17.61
N PRO B 219 27.58 46.31 17.94
CA PRO B 219 28.16 47.66 17.97
C PRO B 219 29.47 47.80 18.75
N VAL B 220 29.58 47.13 19.89
CA VAL B 220 30.82 47.24 20.72
C VAL B 220 31.40 45.82 20.87
N SER B 221 32.72 45.72 20.69
CA SER B 221 33.53 44.48 20.81
C SER B 221 33.44 43.85 22.20
N SER B 222 33.37 42.51 22.24
CA SER B 222 33.26 41.73 23.51
C SER B 222 34.63 41.22 23.97
N ASN B 223 35.61 41.16 23.06
CA ASN B 223 36.97 40.68 23.43
C ASN B 223 36.90 39.27 24.01
N LEU B 224 36.22 38.35 23.29
CA LEU B 224 35.96 36.97 23.77
C LEU B 224 37.25 36.14 23.83
N LYS B 225 38.34 36.65 23.26
CA LYS B 225 39.64 35.92 23.25
C LYS B 225 40.26 36.00 24.65
N SER B 226 39.87 36.99 25.45
CA SER B 226 40.41 37.19 26.80
C SER B 226 40.30 35.93 27.65
N LYS B 227 41.32 35.63 28.45
CA LYS B 227 41.37 34.40 29.25
C LYS B 227 40.24 34.24 30.26
N GLU B 228 39.85 35.32 30.92
CA GLU B 228 38.79 35.28 31.92
C GLU B 228 37.47 34.70 31.37
N MET B 229 37.18 34.98 30.11
CA MET B 229 35.92 34.52 29.46
C MET B 229 36.19 33.29 28.56
N LEU B 230 37.42 33.16 28.06
CA LEU B 230 37.84 32.04 27.19
C LEU B 230 37.79 30.72 27.97
N ARG B 231 38.14 30.76 29.27
CA ARG B 231 38.07 29.54 30.13
C ARG B 231 36.62 29.11 30.26
N ILE B 232 35.70 30.09 30.24
CA ILE B 232 34.24 29.84 30.36
C ILE B 232 33.73 29.20 29.06
N LEU B 233 34.12 29.80 27.92
CA LEU B 233 33.73 29.29 26.58
C LEU B 233 34.30 27.89 26.40
N THR B 234 35.52 27.66 26.89
CA THR B 234 36.19 26.33 26.82
C THR B 234 35.41 25.29 27.63
N SER B 235 35.02 25.62 28.86
CA SER B 235 34.30 24.65 29.74
C SER B 235 32.91 24.37 29.16
N ALA B 236 32.28 25.42 28.63
CA ALA B 236 30.91 25.33 28.09
C ALA B 236 30.93 24.60 26.74
N THR B 237 32.01 24.76 25.97
CA THR B 237 32.07 24.24 24.57
C THR B 237 32.67 22.83 24.46
N GLU B 238 33.72 22.54 25.23
CA GLU B 238 34.40 21.21 25.22
C GLU B 238 34.90 20.88 23.80
N GLY B 239 35.19 21.90 23.00
CA GLY B 239 35.79 21.77 21.64
C GLY B 239 34.79 21.52 20.52
N TYR B 240 33.49 21.48 20.81
CA TYR B 240 32.47 21.20 19.77
C TYR B 240 32.06 22.51 19.09
N ILE B 241 32.25 22.61 17.76
CA ILE B 241 31.98 23.90 17.07
C ILE B 241 30.48 24.15 17.20
N GLY B 242 29.66 23.10 17.24
CA GLY B 242 28.20 23.28 17.43
C GLY B 242 27.87 23.96 18.76
N ARG B 243 28.65 23.72 19.80
CA ARG B 243 28.26 24.35 21.08
C ARG B 243 28.74 25.81 21.08
N LEU B 244 29.94 26.06 20.56
CA LEU B 244 30.49 27.43 20.51
C LEU B 244 29.49 28.30 19.77
N ASP B 245 28.90 27.76 18.69
CA ASP B 245 27.90 28.53 17.89
C ASP B 245 26.65 28.82 18.73
N GLU B 246 26.17 27.84 19.50
CA GLU B 246 24.93 28.03 20.32
C GLU B 246 25.17 29.04 21.44
N ILE B 247 26.31 28.87 22.14
CA ILE B 247 26.60 29.62 23.40
C ILE B 247 26.68 31.11 23.02
N LEU B 248 27.48 31.42 21.99
CA LEU B 248 27.71 32.83 21.55
C LEU B 248 26.51 33.43 20.80
N ARG B 249 25.82 32.64 19.98
CA ARG B 249 24.62 33.11 19.23
C ARG B 249 23.44 33.44 20.15
N GLU B 250 23.18 32.61 21.16
CA GLU B 250 22.11 32.91 22.16
C GLU B 250 22.53 34.07 23.06
N ALA B 251 23.78 34.09 23.51
CA ALA B 251 24.32 35.17 24.38
C ALA B 251 24.21 36.53 23.68
N ALA B 252 24.48 36.59 22.37
CA ALA B 252 24.35 37.84 21.59
C ALA B 252 22.89 38.33 21.56
N ILE B 253 21.93 37.42 21.32
CA ILE B 253 20.50 37.82 21.28
C ILE B 253 20.04 38.25 22.68
N ARG B 254 20.39 37.46 23.70
CA ARG B 254 20.00 37.75 25.11
C ARG B 254 20.60 39.08 25.57
N SER B 255 21.82 39.38 25.13
CA SER B 255 22.52 40.65 25.50
C SER B 255 21.84 41.85 24.85
N LEU B 256 21.58 41.78 23.55
CA LEU B 256 20.94 42.90 22.79
C LEU B 256 19.54 43.15 23.35
N SER B 257 18.86 42.08 23.77
CA SER B 257 17.45 42.16 24.24
C SER B 257 17.41 42.95 25.56
N ARG B 258 18.57 43.10 26.22
CA ARG B 258 18.68 43.83 27.51
C ARG B 258 19.16 45.27 27.25
N GLY B 259 19.38 45.62 25.97
CA GLY B 259 19.86 46.96 25.59
C GLY B 259 21.38 47.08 25.67
N LEU B 260 22.09 45.95 25.70
CA LEU B 260 23.57 45.97 25.77
C LEU B 260 24.13 46.08 24.35
N LYS B 261 25.35 46.62 24.21
CA LYS B 261 26.02 46.74 22.89
C LYS B 261 27.07 45.65 22.73
N LYS B 262 27.24 44.82 23.78
CA LYS B 262 28.27 43.74 23.77
C LYS B 262 27.80 42.61 24.70
N ILE B 263 28.50 41.47 24.67
CA ILE B 263 28.16 40.33 25.59
C ILE B 263 28.97 40.49 26.88
N ASP B 264 28.27 40.59 28.02
CA ASP B 264 28.90 40.70 29.35
C ASP B 264 29.31 39.31 29.84
N LYS B 265 30.37 39.23 30.65
CA LYS B 265 30.81 37.95 31.27
C LYS B 265 29.60 37.31 31.95
N ALA B 266 28.77 38.13 32.60
CA ALA B 266 27.60 37.64 33.36
C ALA B 266 26.65 36.87 32.43
N VAL B 267 26.57 37.29 31.16
CA VAL B 267 25.63 36.65 30.19
C VAL B 267 26.20 35.29 29.78
N LEU B 268 27.51 35.24 29.52
CA LEU B 268 28.18 33.98 29.11
C LEU B 268 28.03 32.96 30.25
N GLN B 269 28.15 33.41 31.49
CA GLN B 269 28.00 32.53 32.68
C GLN B 269 26.55 32.05 32.78
N GLU B 270 25.60 32.99 32.64
CA GLU B 270 24.15 32.69 32.77
C GLU B 270 23.77 31.64 31.72
N VAL B 271 24.24 31.79 30.48
CA VAL B 271 23.93 30.82 29.40
C VAL B 271 24.64 29.47 29.68
N ALA B 272 25.91 29.52 30.08
CA ALA B 272 26.68 28.28 30.31
C ALA B 272 26.00 27.42 31.38
N LYS B 273 25.38 28.07 32.38
CA LYS B 273 24.75 27.35 33.52
C LYS B 273 23.59 26.47 33.03
N GLU B 274 23.07 26.75 31.83
CA GLU B 274 21.88 26.02 31.30
C GLU B 274 22.33 24.69 30.67
N TYR B 275 23.64 24.51 30.48
CA TYR B 275 24.17 23.30 29.82
C TYR B 275 24.71 22.33 30.88
N GLU C 19 46.96 17.70 -22.73
CA GLU C 19 47.83 17.75 -21.52
C GLU C 19 48.29 16.32 -21.16
N TRP C 20 49.59 16.08 -21.14
CA TRP C 20 50.15 14.73 -20.86
C TRP C 20 49.65 14.23 -19.51
N LEU C 21 49.67 15.10 -18.49
CA LEU C 21 49.31 14.70 -17.11
C LEU C 21 47.88 14.16 -17.08
N GLN C 22 46.95 14.89 -17.72
CA GLN C 22 45.51 14.51 -17.72
C GLN C 22 45.31 13.21 -18.52
N ALA C 23 46.07 13.03 -19.60
CA ALA C 23 45.96 11.80 -20.42
C ALA C 23 46.31 10.58 -19.57
N GLU C 24 47.35 10.70 -18.75
CA GLU C 24 47.83 9.59 -17.87
C GLU C 24 46.83 9.36 -16.73
N ILE C 25 46.29 10.44 -16.15
CA ILE C 25 45.26 10.30 -15.08
C ILE C 25 43.99 9.65 -15.63
N ALA C 26 43.54 10.08 -16.82
CA ALA C 26 42.34 9.47 -17.44
C ALA C 26 42.57 7.97 -17.67
N ARG C 27 43.81 7.59 -18.01
CA ARG C 27 44.18 6.17 -18.16
C ARG C 27 44.22 5.46 -16.80
N LEU C 28 44.92 6.04 -15.82
CA LEU C 28 45.20 5.36 -14.52
C LEU C 28 43.89 5.09 -13.78
N LYS C 29 42.91 6.00 -13.91
CA LYS C 29 41.63 5.91 -13.15
C LYS C 29 40.80 4.76 -13.74
N GLY C 30 41.21 4.24 -14.90
CA GLY C 30 40.47 3.17 -15.61
C GLY C 30 40.81 1.80 -15.06
N LYS C 31 40.27 0.74 -15.67
CA LYS C 31 40.50 -0.64 -15.18
C LYS C 31 41.03 -1.51 -16.33
N SER C 32 41.71 -2.61 -15.99
CA SER C 32 42.17 -3.59 -16.99
C SER C 32 42.28 -4.98 -16.34
N ILE C 33 42.42 -6.02 -17.16
CA ILE C 33 42.54 -7.42 -16.67
C ILE C 33 44.01 -7.86 -16.73
N VAL C 34 44.57 -8.28 -15.59
CA VAL C 34 45.98 -8.76 -15.55
C VAL C 34 45.96 -10.29 -15.43
N PRO C 35 46.67 -11.04 -16.31
CA PRO C 35 46.72 -12.50 -16.20
C PRO C 35 47.31 -12.89 -14.84
N LEU C 36 46.67 -13.86 -14.16
CA LEU C 36 47.18 -14.37 -12.86
C LEU C 36 46.99 -15.88 -12.78
N GLN C 37 47.74 -16.54 -11.91
CA GLN C 37 47.66 -18.02 -11.74
C GLN C 37 46.24 -18.42 -11.33
N GLN C 38 45.60 -17.61 -10.48
CA GLN C 38 44.24 -17.91 -9.94
C GLN C 38 43.21 -17.84 -11.07
N VAL C 39 43.41 -16.94 -12.04
CA VAL C 39 42.42 -16.74 -13.14
C VAL C 39 42.51 -17.94 -14.10
N LYS C 40 43.73 -18.33 -14.48
CA LYS C 40 43.94 -19.50 -15.38
C LYS C 40 43.37 -20.76 -14.72
N THR C 41 43.60 -20.92 -13.41
CA THR C 41 43.13 -22.10 -12.65
C THR C 41 41.60 -22.21 -12.77
N LEU C 42 40.89 -21.10 -12.59
CA LEU C 42 39.40 -21.09 -12.66
C LEU C 42 38.96 -21.46 -14.08
N HIS C 43 39.61 -20.88 -15.09
CA HIS C 43 39.20 -21.05 -16.51
C HIS C 43 39.32 -22.54 -16.91
N ASP C 44 40.39 -23.20 -16.48
CA ASP C 44 40.62 -24.64 -16.81
C ASP C 44 39.57 -25.50 -16.10
N TRP C 45 39.26 -25.13 -14.84
CA TRP C 45 38.25 -25.83 -14.00
C TRP C 45 36.86 -25.68 -14.60
N LEU C 46 36.48 -24.47 -14.98
CA LEU C 46 35.12 -24.20 -15.55
C LEU C 46 34.99 -24.99 -16.87
N ASP C 47 36.08 -25.03 -17.65
CA ASP C 47 36.12 -25.74 -18.95
C ASP C 47 35.77 -27.22 -18.75
N GLY C 48 36.29 -27.85 -17.70
CA GLY C 48 35.92 -29.23 -17.34
C GLY C 48 34.44 -29.36 -17.03
N LYS C 49 33.91 -28.47 -16.19
CA LYS C 49 32.47 -28.53 -15.80
C LYS C 49 31.59 -28.31 -17.04
N ARG C 50 32.06 -27.45 -17.96
CA ARG C 50 31.30 -27.12 -19.20
C ARG C 50 31.13 -28.40 -20.05
N LYS C 51 32.22 -29.15 -20.24
CA LYS C 51 32.22 -30.35 -21.13
C LYS C 51 31.31 -31.42 -20.50
N ALA C 52 31.39 -31.56 -19.18
CA ALA C 52 30.69 -32.60 -18.38
C ALA C 52 29.24 -32.19 -18.09
N ARG C 53 28.92 -30.92 -18.38
CA ARG C 53 27.61 -30.27 -18.04
C ARG C 53 27.34 -30.44 -16.54
N LYS C 54 28.33 -30.21 -15.68
CA LYS C 54 28.13 -30.44 -14.26
C LYS C 54 28.01 -29.15 -13.42
N SER C 55 27.06 -29.12 -12.49
CA SER C 55 26.89 -27.97 -11.62
C SER C 55 28.05 -27.94 -10.62
N CYS C 56 28.43 -26.76 -10.18
CA CYS C 56 29.56 -26.58 -9.26
C CYS C 56 29.36 -25.28 -8.48
N ARG C 57 30.29 -24.94 -7.60
CA ARG C 57 30.20 -23.69 -6.84
C ARG C 57 31.53 -22.92 -6.88
N VAL C 58 31.46 -21.60 -6.87
CA VAL C 58 32.66 -20.76 -6.86
C VAL C 58 32.51 -19.87 -5.62
N VAL C 59 33.31 -20.12 -4.57
CA VAL C 59 33.17 -19.35 -3.31
C VAL C 59 34.55 -18.85 -2.90
N GLY C 60 34.60 -17.62 -2.39
CA GLY C 60 35.86 -17.03 -1.89
C GLY C 60 35.56 -15.75 -1.13
N GLU C 61 36.62 -15.05 -0.71
CA GLU C 61 36.47 -13.80 0.10
C GLU C 61 36.27 -12.61 -0.85
N SER C 62 35.76 -11.50 -0.31
CA SER C 62 35.61 -10.23 -1.07
C SER C 62 36.98 -9.67 -1.50
N ARG C 63 36.99 -8.97 -2.66
CA ARG C 63 38.16 -8.27 -3.24
C ARG C 63 39.28 -9.25 -3.63
N THR C 64 38.94 -10.52 -3.91
CA THR C 64 39.98 -11.51 -4.28
C THR C 64 40.04 -11.62 -5.82
N GLY C 65 39.07 -11.00 -6.50
CA GLY C 65 39.08 -10.86 -7.96
C GLY C 65 38.24 -11.95 -8.60
N LYS C 66 37.28 -12.49 -7.86
CA LYS C 66 36.31 -13.49 -8.35
C LYS C 66 35.50 -12.95 -9.54
N THR C 67 34.87 -11.79 -9.45
CA THR C 67 34.02 -11.35 -10.59
C THR C 67 34.83 -11.16 -11.88
N VAL C 68 36.02 -10.55 -11.76
CA VAL C 68 36.88 -10.21 -12.93
C VAL C 68 37.28 -11.50 -13.68
N ALA C 69 37.65 -12.56 -12.95
CA ALA C 69 38.00 -13.83 -13.59
C ALA C 69 36.83 -14.37 -14.41
N CYS C 70 35.60 -14.19 -13.92
CA CYS C 70 34.39 -14.64 -14.64
C CYS C 70 34.21 -13.85 -15.94
N ASP C 71 34.41 -12.54 -15.90
CA ASP C 71 34.34 -11.69 -17.12
C ASP C 71 35.36 -12.18 -18.16
N ALA C 72 36.60 -12.44 -17.71
CA ALA C 72 37.69 -12.88 -18.62
C ALA C 72 37.29 -14.18 -19.33
N TYR C 73 36.65 -15.09 -18.60
CA TYR C 73 36.18 -16.39 -19.16
C TYR C 73 35.17 -16.17 -20.30
N ARG C 74 34.19 -15.28 -20.11
CA ARG C 74 33.20 -14.95 -21.17
C ARG C 74 33.94 -14.47 -22.43
N TYR C 75 34.98 -13.65 -22.29
CA TYR C 75 35.68 -13.14 -23.45
C TYR C 75 36.56 -14.20 -24.12
N ARG C 76 36.94 -15.21 -23.36
CA ARG C 76 37.75 -16.31 -23.88
C ARG C 76 36.96 -17.07 -24.95
N HIS C 77 35.68 -17.26 -24.71
CA HIS C 77 34.81 -17.98 -25.64
C HIS C 77 33.65 -17.06 -26.06
N LYS C 78 33.92 -16.23 -27.07
CA LYS C 78 32.94 -15.28 -27.59
C LYS C 78 31.86 -15.97 -28.43
N PRO C 79 30.70 -15.30 -28.60
CA PRO C 79 29.65 -15.89 -29.45
C PRO C 79 30.15 -16.11 -30.87
N GLN C 80 29.79 -17.23 -31.48
CA GLN C 80 30.26 -17.51 -32.84
C GLN C 80 29.13 -17.60 -33.87
N GLN C 81 28.85 -16.52 -34.59
CA GLN C 81 27.80 -16.56 -35.60
C GLN C 81 28.38 -16.43 -37.02
N GLU C 82 28.20 -17.45 -37.86
CA GLU C 82 28.69 -17.39 -39.24
C GLU C 82 27.56 -17.58 -40.25
N ALA C 83 26.32 -17.44 -39.81
CA ALA C 83 25.17 -17.67 -40.67
C ALA C 83 23.94 -16.86 -40.24
N GLY C 84 22.86 -16.94 -41.04
CA GLY C 84 21.59 -16.27 -40.77
C GLY C 84 20.77 -16.63 -39.52
N ARG C 85 21.10 -17.71 -38.80
CA ARG C 85 20.40 -18.10 -37.55
C ARG C 85 20.86 -17.20 -36.39
N PRO C 86 20.15 -17.18 -35.24
CA PRO C 86 20.57 -16.40 -34.08
C PRO C 86 22.00 -16.73 -33.66
N PRO C 87 22.71 -15.78 -33.04
CA PRO C 87 24.10 -16.11 -32.72
C PRO C 87 24.23 -17.20 -31.67
N THR C 88 25.28 -18.01 -31.75
CA THR C 88 25.47 -19.06 -30.79
C THR C 88 26.32 -18.51 -29.65
N VAL C 89 25.69 -18.25 -28.51
CA VAL C 89 26.40 -17.74 -27.35
C VAL C 89 26.61 -18.96 -26.47
N PRO C 90 27.87 -19.42 -26.36
CA PRO C 90 27.99 -20.64 -25.55
C PRO C 90 27.86 -20.42 -24.04
N VAL C 91 28.26 -19.24 -23.57
CA VAL C 91 28.22 -18.95 -22.14
C VAL C 91 27.38 -17.71 -21.80
N VAL C 92 26.52 -17.80 -20.79
CA VAL C 92 25.69 -16.63 -20.36
C VAL C 92 26.16 -16.19 -18.98
N TYR C 93 26.46 -14.89 -18.83
CA TYR C 93 26.85 -14.34 -17.51
C TYR C 93 25.85 -13.25 -17.11
N ILE C 94 25.23 -13.41 -15.94
CA ILE C 94 24.26 -12.41 -15.41
C ILE C 94 24.61 -12.12 -13.95
N ARG C 95 24.22 -10.94 -13.46
CA ARG C 95 24.33 -10.59 -12.02
C ARG C 95 22.98 -10.07 -11.50
N PRO C 96 22.17 -10.90 -10.81
CA PRO C 96 20.84 -10.49 -10.34
C PRO C 96 20.83 -9.24 -9.44
N HIS C 97 19.75 -8.47 -9.54
CA HIS C 97 19.53 -7.28 -8.68
C HIS C 97 19.14 -7.74 -7.27
N GLN C 98 18.95 -6.80 -6.35
CA GLN C 98 18.65 -7.17 -4.94
C GLN C 98 17.25 -7.78 -4.82
N LYS C 99 17.13 -8.83 -4.00
CA LYS C 99 15.85 -9.54 -3.78
C LYS C 99 15.23 -9.82 -5.14
N CYS C 100 16.05 -10.39 -6.04
CA CYS C 100 15.63 -10.81 -7.40
C CYS C 100 14.57 -11.91 -7.33
N GLY C 101 13.44 -11.68 -8.02
CA GLY C 101 12.27 -12.56 -8.06
C GLY C 101 12.29 -13.36 -9.35
N PRO C 102 11.35 -14.28 -9.60
CA PRO C 102 11.35 -15.05 -10.84
C PRO C 102 11.07 -14.34 -12.18
N LYS C 103 10.45 -13.15 -12.19
CA LYS C 103 10.24 -12.39 -13.46
C LYS C 103 11.54 -11.69 -13.92
N ASP C 104 12.35 -11.30 -12.93
CA ASP C 104 13.60 -10.51 -13.09
C ASP C 104 14.74 -11.41 -13.60
N LEU C 105 14.84 -12.64 -13.08
CA LEU C 105 15.88 -13.63 -13.50
C LEU C 105 15.69 -13.93 -14.99
N PHE C 106 14.44 -14.18 -15.40
CA PHE C 106 14.11 -14.54 -16.81
C PHE C 106 14.36 -13.34 -17.73
N LYS C 107 13.95 -12.14 -17.29
CA LYS C 107 14.12 -10.90 -18.10
C LYS C 107 15.60 -10.71 -18.44
N LYS C 108 16.47 -10.80 -17.43
CA LYS C 108 17.92 -10.51 -17.57
C LYS C 108 18.59 -11.57 -18.46
N ILE C 109 18.18 -12.84 -18.35
CA ILE C 109 18.76 -13.90 -19.22
C ILE C 109 18.43 -13.61 -20.69
N THR C 110 17.16 -13.27 -20.93
CA THR C 110 16.59 -12.99 -22.27
C THR C 110 17.28 -11.77 -22.89
N GLU C 111 17.46 -10.69 -22.13
CA GLU C 111 18.10 -9.46 -22.66
C GLU C 111 19.56 -9.74 -23.03
N TYR C 112 20.23 -10.60 -22.27
CA TYR C 112 21.63 -10.95 -22.53
C TYR C 112 21.86 -11.70 -23.85
N LEU C 113 20.80 -12.28 -24.41
CA LEU C 113 20.87 -12.93 -25.72
C LEU C 113 20.24 -12.09 -26.85
N LYS C 114 20.25 -10.76 -26.70
CA LYS C 114 19.73 -9.81 -27.70
C LYS C 114 18.27 -10.02 -28.09
N TYR C 115 17.42 -10.33 -27.10
CA TYR C 115 16.00 -10.52 -27.35
C TYR C 115 15.22 -9.49 -26.52
N ARG C 116 14.18 -8.89 -27.10
CA ARG C 116 13.38 -7.88 -26.35
C ARG C 116 12.30 -8.64 -25.57
N VAL C 117 12.04 -8.27 -24.32
CA VAL C 117 10.94 -8.95 -23.56
C VAL C 117 9.62 -8.18 -23.72
N THR C 118 8.56 -8.88 -24.13
CA THR C 118 7.24 -8.25 -24.38
C THR C 118 6.47 -8.20 -23.05
N LYS C 119 5.39 -7.43 -22.96
CA LYS C 119 4.60 -7.39 -21.70
C LYS C 119 3.91 -8.75 -21.53
N GLY C 120 3.89 -9.27 -20.30
CA GLY C 120 3.23 -10.55 -19.99
C GLY C 120 3.54 -10.99 -18.57
N THR C 121 3.11 -12.21 -18.21
CA THR C 121 3.34 -12.79 -16.86
C THR C 121 4.55 -13.73 -16.83
N VAL C 122 4.95 -14.18 -15.64
CA VAL C 122 6.06 -15.11 -15.46
C VAL C 122 6.06 -16.29 -16.43
N SER C 123 4.95 -17.02 -16.48
CA SER C 123 4.79 -18.18 -17.36
C SER C 123 4.88 -17.93 -18.87
N ASP C 124 4.36 -16.79 -19.34
CA ASP C 124 4.34 -16.46 -20.75
C ASP C 124 5.73 -16.33 -21.33
N PHE C 125 6.62 -15.65 -20.62
CA PHE C 125 7.98 -15.54 -21.14
C PHE C 125 8.96 -16.53 -20.52
N ARG C 126 8.47 -17.39 -19.62
CA ARG C 126 9.29 -18.46 -19.08
C ARG C 126 9.61 -19.40 -20.23
N ASP C 127 8.58 -19.69 -21.04
CA ASP C 127 8.73 -20.52 -22.22
C ASP C 127 9.62 -19.79 -23.21
N ARG C 128 9.41 -18.49 -23.33
CA ARG C 128 10.24 -17.66 -24.20
C ARG C 128 11.68 -17.80 -23.72
N THR C 129 11.90 -17.74 -22.40
CA THR C 129 13.30 -17.95 -21.92
C THR C 129 13.80 -19.32 -22.39
N ILE C 130 12.98 -20.37 -22.25
CA ILE C 130 13.37 -21.74 -22.67
C ILE C 130 13.65 -21.75 -24.18
N GLU C 131 12.75 -21.10 -24.92
CA GLU C 131 12.83 -20.99 -26.37
C GLU C 131 14.13 -20.33 -26.79
N VAL C 132 14.43 -19.18 -26.18
CA VAL C 132 15.69 -18.47 -26.46
C VAL C 132 16.90 -19.29 -25.99
N LEU C 133 16.74 -20.02 -24.88
CA LEU C 133 17.80 -20.88 -24.36
C LEU C 133 18.16 -21.95 -25.39
N LYS C 134 17.15 -22.52 -26.06
CA LYS C 134 17.37 -23.50 -27.13
C LYS C 134 17.85 -22.76 -28.38
N GLY C 135 18.53 -23.43 -29.30
CA GLY C 135 19.09 -22.76 -30.48
C GLY C 135 20.45 -22.12 -30.20
N CYS C 136 20.53 -21.17 -29.27
CA CYS C 136 21.79 -20.62 -28.80
C CYS C 136 22.46 -21.73 -27.99
N GLY C 137 23.78 -21.79 -27.96
CA GLY C 137 24.41 -22.93 -27.33
C GLY C 137 24.12 -23.04 -25.85
N VAL C 138 24.30 -21.94 -25.12
CA VAL C 138 24.01 -21.90 -23.68
C VAL C 138 24.62 -23.07 -22.90
N GLU C 139 25.89 -23.37 -23.16
CA GLU C 139 26.55 -24.49 -22.51
C GLU C 139 26.63 -24.27 -21.02
N MET C 140 26.91 -23.03 -20.62
CA MET C 140 27.02 -22.73 -19.21
C MET C 140 26.38 -21.38 -18.81
N LEU C 141 25.67 -21.35 -17.68
CA LEU C 141 25.07 -20.11 -17.13
C LEU C 141 25.82 -19.74 -15.84
N ILE C 142 26.45 -18.55 -15.81
CA ILE C 142 27.17 -18.10 -14.58
C ILE C 142 26.32 -17.04 -13.86
N ILE C 143 25.80 -17.35 -12.67
CA ILE C 143 25.01 -16.39 -11.92
C ILE C 143 25.84 -15.78 -10.80
N ASP C 144 26.49 -14.65 -11.08
CA ASP C 144 27.32 -13.98 -10.08
C ASP C 144 26.47 -13.45 -8.93
N GLU C 145 27.03 -13.41 -7.72
CA GLU C 145 26.31 -12.95 -6.54
C GLU C 145 24.97 -13.64 -6.38
N ALA C 146 25.03 -14.97 -6.31
CA ALA C 146 23.87 -15.85 -6.16
C ALA C 146 23.07 -15.63 -4.87
N ASP C 147 23.73 -15.16 -3.81
CA ASP C 147 23.07 -14.91 -2.53
C ASP C 147 21.92 -13.90 -2.65
N ARG C 148 22.06 -12.89 -3.49
CA ARG C 148 21.01 -11.90 -3.68
C ARG C 148 19.98 -12.49 -4.66
N LEU C 149 19.09 -13.32 -4.13
CA LEU C 149 18.04 -13.98 -4.91
C LEU C 149 16.97 -14.40 -3.91
N LYS C 150 15.70 -14.36 -4.31
CA LYS C 150 14.63 -14.78 -3.38
C LYS C 150 14.77 -16.30 -3.38
N PRO C 151 14.63 -16.99 -2.21
CA PRO C 151 14.70 -18.46 -2.16
C PRO C 151 13.77 -19.15 -3.17
N GLU C 152 12.64 -18.52 -3.50
CA GLU C 152 11.62 -19.16 -4.39
C GLU C 152 12.19 -19.32 -5.80
N THR C 153 13.22 -18.53 -6.15
CA THR C 153 13.71 -18.47 -7.55
C THR C 153 14.65 -19.65 -7.83
N PHE C 154 15.15 -20.29 -6.77
CA PHE C 154 16.11 -21.42 -6.90
C PHE C 154 15.40 -22.61 -7.56
N ALA C 155 14.08 -22.68 -7.44
CA ALA C 155 13.25 -23.65 -8.19
C ALA C 155 13.35 -23.50 -9.72
N ASP C 156 13.45 -22.25 -10.20
CA ASP C 156 13.46 -21.99 -11.67
C ASP C 156 14.87 -22.26 -12.21
N VAL C 157 15.86 -22.00 -11.35
CA VAL C 157 17.29 -22.32 -11.63
C VAL C 157 17.45 -23.83 -11.70
N ARG C 158 16.88 -24.60 -10.77
CA ARG C 158 17.04 -26.08 -10.81
C ARG C 158 16.38 -26.65 -12.07
N ASP C 159 15.20 -26.10 -12.41
CA ASP C 159 14.40 -26.52 -13.59
C ASP C 159 15.24 -26.38 -14.85
N ILE C 160 15.93 -25.23 -14.98
CA ILE C 160 16.80 -24.95 -16.17
C ILE C 160 17.91 -25.99 -16.17
N ALA C 161 18.57 -26.16 -15.02
CA ALA C 161 19.74 -27.04 -14.88
C ALA C 161 19.31 -28.49 -15.15
N GLU C 162 18.07 -28.83 -14.78
CA GLU C 162 17.55 -30.22 -14.86
C GLU C 162 17.05 -30.53 -16.28
N ASP C 163 16.23 -29.63 -16.85
CA ASP C 163 15.51 -29.84 -18.13
C ASP C 163 16.46 -29.71 -19.33
N LEU C 164 17.40 -28.76 -19.25
CA LEU C 164 18.31 -28.43 -20.38
C LEU C 164 19.73 -28.89 -20.03
N GLY C 165 20.51 -29.26 -21.04
CA GLY C 165 21.91 -29.68 -20.88
C GLY C 165 22.80 -28.48 -20.57
N ILE C 166 22.51 -27.78 -19.47
CA ILE C 166 23.20 -26.51 -19.11
C ILE C 166 23.80 -26.61 -17.70
N ALA C 167 25.07 -26.21 -17.57
CA ALA C 167 25.74 -26.08 -16.26
C ALA C 167 25.51 -24.67 -15.67
N VAL C 168 25.30 -24.57 -14.35
CA VAL C 168 25.08 -23.29 -13.69
C VAL C 168 26.14 -23.08 -12.58
N VAL C 169 27.06 -22.14 -12.77
CA VAL C 169 28.16 -21.89 -11.82
C VAL C 169 27.87 -21.39 -10.39
N LEU C 170 26.89 -20.49 -10.23
CA LEU C 170 26.55 -19.92 -8.90
C LEU C 170 27.71 -19.29 -8.11
N VAL C 171 28.49 -18.43 -8.74
CA VAL C 171 29.64 -17.79 -8.08
C VAL C 171 29.23 -16.90 -6.90
N GLY C 172 29.94 -16.99 -5.77
CA GLY C 172 29.62 -16.17 -4.61
C GLY C 172 30.60 -16.14 -3.45
N THR C 173 30.28 -15.28 -2.49
CA THR C 173 31.05 -15.09 -1.26
C THR C 173 30.70 -16.16 -0.20
N ASP C 174 31.35 -16.10 0.98
CA ASP C 174 31.14 -17.06 2.06
C ASP C 174 29.69 -17.12 2.56
N ARG C 175 29.00 -15.99 2.57
CA ARG C 175 27.58 -15.90 2.97
C ARG C 175 26.61 -16.77 2.14
N LEU C 176 26.94 -17.02 0.87
CA LEU C 176 26.13 -17.85 -0.05
C LEU C 176 25.89 -19.24 0.56
N ASP C 177 26.91 -19.83 1.19
CA ASP C 177 26.84 -21.18 1.80
C ASP C 177 25.77 -21.21 2.88
N ALA C 178 25.63 -20.11 3.64
CA ALA C 178 24.57 -20.01 4.67
C ALA C 178 23.19 -20.05 4.01
N VAL C 179 23.06 -19.47 2.81
CA VAL C 179 21.78 -19.45 2.05
C VAL C 179 21.53 -20.84 1.44
N ILE C 180 22.55 -21.43 0.81
CA ILE C 180 22.41 -22.73 0.09
C ILE C 180 21.94 -23.83 1.05
N LYS C 181 22.52 -23.87 2.26
CA LYS C 181 22.24 -24.95 3.25
C LYS C 181 20.81 -24.83 3.78
N ARG C 182 20.04 -23.82 3.37
CA ARG C 182 18.65 -23.72 3.90
C ARG C 182 17.68 -24.57 3.07
N ASP C 183 18.15 -25.13 1.94
CA ASP C 183 17.27 -25.90 1.02
C ASP C 183 17.97 -27.21 0.60
N GLU C 184 17.42 -28.35 1.01
CA GLU C 184 18.10 -29.66 0.80
C GLU C 184 18.37 -29.85 -0.70
N GLN C 185 17.35 -29.60 -1.52
CA GLN C 185 17.37 -29.94 -2.96
C GLN C 185 18.41 -29.08 -3.69
N VAL C 186 18.58 -27.82 -3.27
CA VAL C 186 19.66 -26.94 -3.82
C VAL C 186 21.05 -27.39 -3.32
N LEU C 187 21.19 -27.65 -2.02
CA LEU C 187 22.46 -28.06 -1.46
C LEU C 187 23.07 -29.28 -2.17
N GLU C 188 22.28 -30.33 -2.33
CA GLU C 188 22.74 -31.56 -2.96
C GLU C 188 23.16 -31.38 -4.43
N ARG C 189 22.39 -30.60 -5.17
CA ARG C 189 22.65 -30.34 -6.58
C ARG C 189 23.97 -29.61 -6.85
N PHE C 190 24.32 -28.68 -5.97
CA PHE C 190 25.49 -27.83 -6.13
C PHE C 190 26.69 -28.16 -5.21
N ARG C 191 26.88 -29.40 -4.83
CA ARG C 191 27.97 -29.77 -3.91
C ARG C 191 29.41 -29.49 -4.35
N ALA C 192 29.78 -29.75 -5.60
CA ALA C 192 31.16 -29.53 -6.05
C ALA C 192 31.53 -28.04 -5.95
N HIS C 193 32.73 -27.72 -5.46
CA HIS C 193 33.07 -26.27 -5.32
C HIS C 193 34.55 -25.97 -5.62
N LEU C 194 34.86 -24.74 -6.04
CA LEU C 194 36.26 -24.27 -6.14
C LEU C 194 36.43 -23.17 -5.08
N ARG C 195 37.53 -23.18 -4.33
CA ARG C 195 37.74 -22.18 -3.29
C ARG C 195 38.68 -21.07 -3.75
N PHE C 196 38.13 -19.99 -4.28
CA PHE C 196 38.95 -18.87 -4.71
C PHE C 196 39.63 -18.31 -3.47
N GLY C 197 40.91 -17.98 -3.55
CA GLY C 197 41.63 -17.48 -2.38
C GLY C 197 42.38 -16.19 -2.61
N LYS C 198 43.15 -15.81 -1.61
CA LYS C 198 43.97 -14.55 -1.65
C LYS C 198 45.44 -14.90 -1.92
N LEU C 199 46.27 -13.86 -2.10
CA LEU C 199 47.72 -14.04 -2.39
C LEU C 199 48.56 -13.99 -1.10
N SER C 200 49.65 -14.75 -1.08
CA SER C 200 50.66 -14.72 0.02
C SER C 200 52.01 -15.20 -0.52
N GLY C 201 53.10 -14.90 0.19
CA GLY C 201 54.44 -15.41 -0.19
C GLY C 201 54.91 -14.86 -1.53
N GLU C 202 55.71 -15.66 -2.25
CA GLU C 202 56.33 -15.30 -3.57
C GLU C 202 55.27 -14.86 -4.58
N ASP C 203 54.09 -15.49 -4.56
CA ASP C 203 53.02 -15.18 -5.55
C ASP C 203 52.70 -13.68 -5.47
N PHE C 204 52.73 -13.12 -4.25
CA PHE C 204 52.43 -11.67 -4.04
C PHE C 204 53.57 -10.82 -4.60
N LYS C 205 54.82 -11.16 -4.28
CA LYS C 205 56.00 -10.43 -4.79
C LYS C 205 56.00 -10.43 -6.32
N ASN C 206 55.76 -11.60 -6.93
CA ASN C 206 55.74 -11.72 -8.41
C ASN C 206 54.59 -10.89 -8.98
N THR C 207 53.44 -10.87 -8.29
CA THR C 207 52.27 -10.07 -8.72
C THR C 207 52.61 -8.57 -8.71
N VAL C 208 53.34 -8.12 -7.68
CA VAL C 208 53.74 -6.68 -7.60
C VAL C 208 54.66 -6.36 -8.77
N GLU C 209 55.61 -7.26 -9.08
CA GLU C 209 56.55 -7.04 -10.22
C GLU C 209 55.74 -6.97 -11.51
N MET C 210 54.83 -7.91 -11.71
CA MET C 210 54.00 -7.95 -12.91
C MET C 210 53.15 -6.69 -13.03
N TRP C 211 52.66 -6.20 -11.89
CA TRP C 211 51.81 -5.03 -11.88
C TRP C 211 52.53 -3.79 -12.38
N GLU C 212 53.78 -3.58 -11.95
CA GLU C 212 54.52 -2.41 -12.41
C GLU C 212 54.77 -2.46 -13.91
N GLN C 213 55.16 -3.64 -14.40
CA GLN C 213 55.47 -3.85 -15.81
C GLN C 213 54.30 -3.72 -16.80
N MET C 214 53.14 -4.25 -16.44
CA MET C 214 51.98 -4.21 -17.34
C MET C 214 50.97 -3.12 -17.02
N VAL C 215 50.53 -3.07 -15.76
CA VAL C 215 49.58 -2.06 -15.31
C VAL C 215 50.08 -0.61 -15.27
N LEU C 216 51.33 -0.43 -14.87
CA LEU C 216 51.90 0.91 -14.72
C LEU C 216 52.84 1.32 -15.89
N LYS C 217 52.76 2.58 -16.31
CA LYS C 217 53.58 3.08 -17.40
C LYS C 217 54.29 4.38 -17.03
N LEU C 218 54.66 4.52 -15.76
CA LEU C 218 55.30 5.74 -15.29
C LEU C 218 56.62 5.97 -16.02
N PRO C 219 56.93 7.24 -16.38
CA PRO C 219 58.18 7.55 -17.06
C PRO C 219 59.42 6.95 -16.39
N VAL C 220 59.42 6.92 -15.07
CA VAL C 220 60.59 6.35 -14.33
C VAL C 220 60.08 5.23 -13.42
N SER C 221 60.79 4.10 -13.43
CA SER C 221 60.51 2.88 -12.61
C SER C 221 60.53 3.17 -11.11
N SER C 222 59.60 2.54 -10.38
CA SER C 222 59.45 2.70 -8.90
C SER C 222 60.15 1.57 -8.15
N ASN C 223 60.42 0.44 -8.81
CA ASN C 223 61.12 -0.69 -8.14
C ASN C 223 60.32 -1.16 -6.92
N LEU C 224 59.02 -1.40 -7.10
CA LEU C 224 58.08 -1.74 -5.99
C LEU C 224 58.39 -3.12 -5.40
N LYS C 225 59.22 -3.90 -6.08
CA LYS C 225 59.57 -5.28 -5.61
C LYS C 225 60.52 -5.16 -4.42
N SER C 226 61.24 -4.04 -4.30
CA SER C 226 62.22 -3.82 -3.23
C SER C 226 61.62 -4.05 -1.84
N LYS C 227 62.41 -4.61 -0.92
CA LYS C 227 61.95 -4.96 0.42
C LYS C 227 61.43 -3.79 1.25
N GLU C 228 62.05 -2.62 1.13
CA GLU C 228 61.64 -1.46 1.92
C GLU C 228 60.18 -1.07 1.65
N MET C 229 59.76 -1.13 0.40
CA MET C 229 58.39 -0.78 0.06
C MET C 229 57.44 -1.99 -0.01
N LEU C 230 57.99 -3.17 -0.26
CA LEU C 230 57.19 -4.42 -0.38
C LEU C 230 56.56 -4.76 0.98
N ARG C 231 57.27 -4.50 2.08
CA ARG C 231 56.72 -4.75 3.44
C ARG C 231 55.53 -3.82 3.67
N ILE C 232 55.59 -2.62 3.07
CA ILE C 232 54.51 -1.60 3.21
C ILE C 232 53.31 -2.05 2.39
N LEU C 233 53.55 -2.47 1.13
CA LEU C 233 52.47 -2.96 0.23
C LEU C 233 51.83 -4.21 0.86
N THR C 234 52.64 -5.06 1.48
CA THR C 234 52.15 -6.29 2.16
C THR C 234 51.23 -5.93 3.35
N SER C 235 51.64 -4.98 4.19
CA SER C 235 50.85 -4.60 5.39
C SER C 235 49.55 -3.92 4.94
N ALA C 236 49.66 -3.10 3.89
CA ALA C 236 48.52 -2.30 3.37
C ALA C 236 47.56 -3.23 2.62
N THR C 237 48.09 -4.27 1.96
CA THR C 237 47.27 -5.13 1.04
C THR C 237 46.67 -6.36 1.73
N GLU C 238 47.44 -7.01 2.62
CA GLU C 238 46.98 -8.23 3.35
C GLU C 238 46.57 -9.33 2.35
N GLY C 239 47.16 -9.33 1.15
CA GLY C 239 46.97 -10.37 0.13
C GLY C 239 45.76 -10.19 -0.77
N TYR C 240 45.00 -9.10 -0.61
CA TYR C 240 43.76 -8.88 -1.41
C TYR C 240 44.14 -8.14 -2.71
N ILE C 241 43.86 -8.75 -3.87
CA ILE C 241 44.31 -8.15 -5.17
C ILE C 241 43.56 -6.82 -5.29
N GLY C 242 42.33 -6.73 -4.76
CA GLY C 242 41.59 -5.46 -4.80
C GLY C 242 42.29 -4.35 -4.06
N ARG C 243 43.01 -4.65 -2.99
CA ARG C 243 43.65 -3.52 -2.26
C ARG C 243 44.93 -3.13 -2.98
N LEU C 244 45.69 -4.12 -3.47
CA LEU C 244 46.96 -3.83 -4.19
C LEU C 244 46.62 -2.90 -5.35
N ASP C 245 45.54 -3.20 -6.06
CA ASP C 245 45.06 -2.33 -7.18
C ASP C 245 44.85 -0.89 -6.67
N GLU C 246 44.08 -0.73 -5.58
CA GLU C 246 43.70 0.62 -5.08
C GLU C 246 44.94 1.40 -4.63
N ILE C 247 45.81 0.74 -3.87
CA ILE C 247 46.95 1.39 -3.17
C ILE C 247 47.86 1.96 -4.26
N LEU C 248 48.23 1.12 -5.24
CA LEU C 248 49.17 1.50 -6.33
C LEU C 248 48.53 2.44 -7.37
N ARG C 249 47.25 2.23 -7.71
CA ARG C 249 46.53 3.09 -8.68
C ARG C 249 46.33 4.53 -8.16
N GLU C 250 45.95 4.68 -6.89
CA GLU C 250 45.82 6.03 -6.28
C GLU C 250 47.19 6.67 -6.08
N ALA C 251 48.18 5.90 -5.62
CA ALA C 251 49.56 6.40 -5.41
C ALA C 251 50.16 6.93 -6.72
N ALA C 252 49.90 6.24 -7.84
CA ALA C 252 50.39 6.69 -9.16
C ALA C 252 49.76 8.04 -9.55
N ILE C 253 48.45 8.20 -9.36
CA ILE C 253 47.77 9.48 -9.71
C ILE C 253 48.27 10.60 -8.78
N ARG C 254 48.33 10.31 -7.47
CA ARG C 254 48.76 11.30 -6.45
C ARG C 254 50.22 11.73 -6.71
N SER C 255 51.06 10.79 -7.15
CA SER C 255 52.48 11.06 -7.44
C SER C 255 52.64 11.96 -8.68
N LEU C 256 51.95 11.62 -9.77
CA LEU C 256 52.02 12.39 -11.04
C LEU C 256 51.49 13.80 -10.79
N SER C 257 50.47 13.92 -9.93
CA SER C 257 49.79 15.22 -9.68
C SER C 257 50.76 16.17 -8.98
N ARG C 258 51.84 15.63 -8.42
CA ARG C 258 52.88 16.41 -7.69
C ARG C 258 54.06 16.70 -8.63
N GLY C 259 53.99 16.23 -9.87
CA GLY C 259 55.07 16.41 -10.86
C GLY C 259 56.15 15.36 -10.74
N LEU C 260 55.85 14.24 -10.06
CA LEU C 260 56.85 13.15 -9.91
C LEU C 260 56.79 12.24 -11.14
N LYS C 261 57.89 11.54 -11.45
CA LYS C 261 57.92 10.58 -12.59
C LYS C 261 57.81 9.15 -12.06
N LYS C 262 57.74 8.99 -10.73
CA LYS C 262 57.67 7.65 -10.10
C LYS C 262 56.94 7.77 -8.76
N ILE C 263 56.61 6.63 -8.14
CA ILE C 263 55.96 6.65 -6.79
C ILE C 263 57.05 6.61 -5.71
N ASP C 264 57.07 7.64 -4.85
CA ASP C 264 58.03 7.74 -3.73
C ASP C 264 57.54 6.88 -2.56
N LYS C 265 58.46 6.36 -1.74
CA LYS C 265 58.09 5.60 -0.52
C LYS C 265 57.13 6.45 0.31
N ALA C 266 57.38 7.76 0.36
CA ALA C 266 56.56 8.69 1.18
C ALA C 266 55.09 8.64 0.72
N VAL C 267 54.87 8.42 -0.58
CA VAL C 267 53.48 8.43 -1.14
C VAL C 267 52.79 7.13 -0.74
N LEU C 268 53.51 6.01 -0.84
CA LEU C 268 52.95 4.68 -0.47
C LEU C 268 52.56 4.70 1.01
N GLN C 269 53.40 5.33 1.84
CA GLN C 269 53.13 5.43 3.30
C GLN C 269 51.91 6.34 3.53
N GLU C 270 51.88 7.49 2.85
CA GLU C 270 50.78 8.48 3.00
C GLU C 270 49.45 7.81 2.64
N VAL C 271 49.41 7.06 1.54
CA VAL C 271 48.17 6.36 1.10
C VAL C 271 47.83 5.23 2.10
N ALA C 272 48.83 4.45 2.51
CA ALA C 272 48.57 3.30 3.41
C ALA C 272 47.93 3.79 4.71
N LYS C 273 48.33 4.98 5.18
CA LYS C 273 47.84 5.52 6.47
C LYS C 273 46.32 5.75 6.43
N GLU C 274 45.74 5.84 5.22
CA GLU C 274 44.29 6.15 5.08
C GLU C 274 43.46 4.86 5.27
N TYR C 275 44.12 3.71 5.30
CA TYR C 275 43.42 2.41 5.40
C TYR C 275 43.49 1.91 6.85
N GLU D 19 35.61 -38.22 -34.61
CA GLU D 19 36.63 -38.40 -33.54
C GLU D 19 36.09 -39.34 -32.47
N TRP D 20 36.78 -40.46 -32.23
CA TRP D 20 36.32 -41.47 -31.24
C TRP D 20 36.14 -40.82 -29.87
N LEU D 21 37.10 -40.00 -29.46
CA LEU D 21 37.10 -39.40 -28.09
C LEU D 21 35.82 -38.57 -27.91
N GLN D 22 35.48 -37.73 -28.91
CA GLN D 22 34.30 -36.84 -28.81
C GLN D 22 33.01 -37.67 -28.83
N ALA D 23 32.99 -38.77 -29.59
CA ALA D 23 31.80 -39.64 -29.65
C ALA D 23 31.50 -40.21 -28.27
N GLU D 24 32.55 -40.63 -27.55
CA GLU D 24 32.42 -41.23 -26.19
C GLU D 24 32.03 -40.15 -25.18
N ILE D 25 32.61 -38.95 -25.29
CA ILE D 25 32.24 -37.81 -24.38
C ILE D 25 30.78 -37.41 -24.62
N ALA D 26 30.36 -37.30 -25.88
CA ALA D 26 28.95 -36.95 -26.19
C ALA D 26 28.00 -37.99 -25.59
N ARG D 27 28.43 -39.26 -25.57
CA ARG D 27 27.65 -40.35 -24.93
C ARG D 27 27.68 -40.22 -23.41
N LEU D 28 28.88 -40.08 -22.82
CA LEU D 28 29.06 -40.14 -21.35
C LEU D 28 28.29 -39.00 -20.67
N LYS D 29 28.24 -37.83 -21.33
CA LYS D 29 27.62 -36.61 -20.73
C LYS D 29 26.10 -36.80 -20.69
N GLY D 30 25.60 -37.83 -21.38
CA GLY D 30 24.15 -38.10 -21.49
C GLY D 30 23.64 -38.87 -20.27
N LYS D 31 22.37 -39.25 -20.28
CA LYS D 31 21.74 -39.94 -19.12
C LYS D 31 21.09 -41.24 -19.61
N SER D 32 20.90 -42.20 -18.70
CA SER D 32 20.17 -43.46 -19.01
C SER D 32 19.55 -44.01 -17.72
N ILE D 33 18.64 -44.98 -17.86
CA ILE D 33 17.95 -45.61 -16.70
C ILE D 33 18.58 -46.97 -16.42
N VAL D 34 19.07 -47.18 -15.19
CA VAL D 34 19.66 -48.50 -14.79
C VAL D 34 18.65 -49.23 -13.90
N PRO D 35 18.30 -50.49 -14.20
CA PRO D 35 17.38 -51.26 -13.34
C PRO D 35 17.98 -51.38 -11.93
N LEU D 36 17.16 -51.14 -10.90
CA LEU D 36 17.60 -51.28 -9.50
C LEU D 36 16.48 -51.90 -8.65
N GLN D 37 16.84 -52.48 -7.52
CA GLN D 37 15.85 -53.12 -6.61
C GLN D 37 14.81 -52.08 -6.15
N GLN D 38 15.25 -50.85 -5.91
CA GLN D 38 14.36 -49.77 -5.40
C GLN D 38 13.34 -49.39 -6.46
N VAL D 39 13.73 -49.44 -7.74
CA VAL D 39 12.84 -49.02 -8.86
C VAL D 39 11.74 -50.08 -9.04
N LYS D 40 12.12 -51.36 -9.08
CA LYS D 40 11.14 -52.46 -9.21
C LYS D 40 10.17 -52.43 -8.03
N THR D 41 10.67 -52.19 -6.82
CA THR D 41 9.84 -52.15 -5.60
C THR D 41 8.74 -51.10 -5.75
N LEU D 42 9.10 -49.90 -6.23
CA LEU D 42 8.12 -48.79 -6.41
C LEU D 42 7.08 -49.20 -7.46
N HIS D 43 7.53 -49.79 -8.57
CA HIS D 43 6.64 -50.12 -9.71
C HIS D 43 5.57 -51.13 -9.27
N ASP D 44 5.97 -52.13 -8.48
CA ASP D 44 5.02 -53.18 -7.99
C ASP D 44 4.02 -52.55 -7.02
N TRP D 45 4.51 -51.64 -6.17
CA TRP D 45 3.70 -50.91 -5.16
C TRP D 45 2.68 -50.01 -5.84
N LEU D 46 3.12 -49.23 -6.85
CA LEU D 46 2.22 -48.29 -7.56
C LEU D 46 1.14 -49.11 -8.28
N ASP D 47 1.53 -50.25 -8.85
CA ASP D 47 0.61 -51.16 -9.57
C ASP D 47 -0.54 -51.59 -8.66
N GLY D 48 -0.24 -51.91 -7.40
CA GLY D 48 -1.29 -52.20 -6.41
C GLY D 48 -2.23 -51.02 -6.19
N LYS D 49 -1.68 -49.83 -5.97
CA LYS D 49 -2.51 -48.63 -5.72
C LYS D 49 -3.35 -48.32 -6.96
N ARG D 50 -2.81 -48.57 -8.15
CA ARG D 50 -3.52 -48.32 -9.43
C ARG D 50 -4.79 -49.18 -9.50
N LYS D 51 -4.66 -50.48 -9.19
CA LYS D 51 -5.80 -51.44 -9.32
C LYS D 51 -6.88 -51.06 -8.30
N ALA D 52 -6.45 -50.69 -7.09
CA ALA D 52 -7.33 -50.39 -5.93
C ALA D 52 -7.87 -48.95 -6.01
N ARG D 53 -7.36 -48.13 -6.94
CA ARG D 53 -7.76 -46.73 -7.06
C ARG D 53 -7.66 -46.04 -5.71
N LYS D 54 -6.47 -46.12 -5.11
CA LYS D 54 -6.22 -45.54 -3.80
C LYS D 54 -5.15 -44.45 -3.85
N SER D 55 -5.44 -43.26 -3.31
CA SER D 55 -4.46 -42.17 -3.29
C SER D 55 -3.34 -42.54 -2.33
N CYS D 56 -2.10 -42.14 -2.64
CA CYS D 56 -0.96 -42.49 -1.80
C CYS D 56 0.20 -41.50 -1.95
N ARG D 57 1.19 -41.61 -1.06
CA ARG D 57 2.37 -40.74 -1.06
C ARG D 57 3.66 -41.52 -1.19
N VAL D 58 4.71 -40.86 -1.68
CA VAL D 58 6.03 -41.48 -1.81
C VAL D 58 6.99 -40.51 -1.17
N VAL D 59 7.75 -40.90 -0.14
CA VAL D 59 8.66 -39.93 0.47
C VAL D 59 10.12 -40.40 0.51
N GLY D 60 11.07 -39.53 0.13
CA GLY D 60 12.48 -39.88 0.15
C GLY D 60 13.36 -38.65 0.16
N GLU D 61 14.67 -38.88 0.38
CA GLU D 61 15.67 -37.78 0.47
C GLU D 61 16.17 -37.39 -0.92
N SER D 62 17.05 -36.39 -0.97
CA SER D 62 17.64 -35.87 -2.23
C SER D 62 18.66 -36.86 -2.80
N ARG D 63 18.82 -36.86 -4.13
CA ARG D 63 19.78 -37.74 -4.86
C ARG D 63 19.52 -39.21 -4.55
N THR D 64 18.24 -39.61 -4.47
CA THR D 64 17.87 -41.02 -4.20
C THR D 64 17.46 -41.69 -5.51
N GLY D 65 16.92 -40.90 -6.44
CA GLY D 65 16.50 -41.40 -7.77
C GLY D 65 14.99 -41.58 -7.81
N LYS D 66 14.27 -40.83 -6.96
CA LYS D 66 12.79 -40.81 -6.94
C LYS D 66 12.21 -40.38 -8.29
N THR D 67 12.64 -39.25 -8.87
CA THR D 67 11.96 -38.82 -10.13
C THR D 67 12.17 -39.84 -11.27
N VAL D 68 13.38 -40.39 -11.39
CA VAL D 68 13.75 -41.31 -12.49
C VAL D 68 12.87 -42.57 -12.44
N ALA D 69 12.65 -43.12 -11.24
CA ALA D 69 11.78 -44.31 -11.09
C ALA D 69 10.38 -44.02 -11.60
N CYS D 70 9.88 -42.79 -11.36
CA CYS D 70 8.53 -42.39 -11.83
C CYS D 70 8.48 -42.35 -13.36
N ASP D 71 9.52 -41.79 -14.00
CA ASP D 71 9.61 -41.78 -15.48
C ASP D 71 9.57 -43.21 -16.03
N ALA D 72 10.34 -44.11 -15.42
CA ALA D 72 10.44 -45.52 -15.88
C ALA D 72 9.05 -46.18 -15.84
N TYR D 73 8.27 -45.88 -14.79
CA TYR D 73 6.90 -46.40 -14.63
C TYR D 73 5.99 -45.98 -15.79
N ARG D 74 6.03 -44.70 -16.17
CA ARG D 74 5.24 -44.17 -17.30
C ARG D 74 5.58 -44.97 -18.57
N TYR D 75 6.85 -45.30 -18.77
CA TYR D 75 7.25 -45.97 -20.05
C TYR D 75 6.89 -47.46 -19.99
N ARG D 76 6.81 -48.01 -18.77
CA ARG D 76 6.32 -49.40 -18.55
C ARG D 76 4.87 -49.50 -19.03
N HIS D 77 4.09 -48.46 -18.80
CA HIS D 77 2.67 -48.47 -19.12
C HIS D 77 2.32 -47.40 -20.15
N LYS D 78 2.65 -47.67 -21.41
CA LYS D 78 2.48 -46.69 -22.47
C LYS D 78 1.01 -46.56 -22.86
N PRO D 79 0.65 -45.39 -23.39
CA PRO D 79 -0.69 -45.19 -23.93
C PRO D 79 -1.02 -46.23 -24.99
N GLN D 80 -2.29 -46.63 -25.10
CA GLN D 80 -2.66 -47.66 -26.08
C GLN D 80 -3.69 -47.15 -27.09
N GLN D 81 -3.23 -46.68 -28.27
CA GLN D 81 -4.15 -46.20 -29.28
C GLN D 81 -4.35 -47.26 -30.38
N GLU D 82 -5.48 -47.96 -30.35
CA GLU D 82 -5.78 -48.98 -31.34
C GLU D 82 -7.03 -48.66 -32.17
N ALA D 83 -7.52 -47.43 -32.07
CA ALA D 83 -8.75 -47.04 -32.75
C ALA D 83 -8.81 -45.54 -33.05
N GLY D 84 -9.86 -45.12 -33.77
CA GLY D 84 -10.11 -43.72 -34.12
C GLY D 84 -10.44 -42.74 -32.98
N ARG D 85 -10.74 -43.24 -31.78
CA ARG D 85 -11.00 -42.43 -30.56
C ARG D 85 -9.70 -41.86 -30.01
N PRO D 86 -9.73 -40.86 -29.09
CA PRO D 86 -8.51 -40.32 -28.48
C PRO D 86 -7.65 -41.43 -27.85
N PRO D 87 -6.32 -41.25 -27.73
CA PRO D 87 -5.45 -42.27 -27.16
C PRO D 87 -5.88 -42.65 -25.74
N THR D 88 -5.83 -43.95 -25.43
CA THR D 88 -6.21 -44.45 -24.08
C THR D 88 -5.02 -44.27 -23.13
N VAL D 89 -4.79 -43.08 -22.62
CA VAL D 89 -3.65 -42.84 -21.72
C VAL D 89 -3.89 -43.26 -20.26
N PRO D 90 -3.35 -44.42 -19.82
CA PRO D 90 -3.58 -44.86 -18.44
C PRO D 90 -2.95 -44.04 -17.31
N VAL D 91 -1.71 -43.58 -17.48
CA VAL D 91 -1.03 -42.85 -16.43
C VAL D 91 -0.60 -41.44 -16.85
N VAL D 92 -0.87 -40.44 -16.01
CA VAL D 92 -0.46 -39.02 -16.31
C VAL D 92 0.64 -38.62 -15.34
N TYR D 93 1.75 -38.10 -15.86
CA TYR D 93 2.85 -37.61 -14.99
C TYR D 93 3.08 -36.13 -15.30
N ILE D 94 3.00 -35.28 -14.26
CA ILE D 94 3.23 -33.81 -14.41
C ILE D 94 4.17 -33.37 -13.29
N ARG D 95 4.91 -32.27 -13.52
CA ARG D 95 5.72 -31.61 -12.47
C ARG D 95 5.38 -30.12 -12.41
N PRO D 96 4.55 -29.66 -11.44
CA PRO D 96 4.13 -28.26 -11.36
C PRO D 96 5.29 -27.26 -11.25
N HIS D 97 5.09 -26.06 -11.81
CA HIS D 97 6.06 -24.94 -11.73
C HIS D 97 5.99 -24.35 -10.31
N GLN D 98 6.84 -23.35 -10.03
CA GLN D 98 6.89 -22.76 -8.67
C GLN D 98 5.63 -21.98 -8.35
N LYS D 99 5.13 -22.11 -7.10
CA LYS D 99 3.90 -21.43 -6.66
C LYS D 99 2.82 -21.64 -7.72
N CYS D 100 2.65 -22.90 -8.12
CA CYS D 100 1.60 -23.32 -9.09
C CYS D 100 0.20 -23.06 -8.53
N GLY D 101 -0.61 -22.35 -9.33
CA GLY D 101 -1.98 -21.94 -8.99
C GLY D 101 -2.96 -22.87 -9.67
N PRO D 102 -4.29 -22.73 -9.47
CA PRO D 102 -5.25 -23.61 -10.13
C PRO D 102 -5.42 -23.54 -11.66
N LYS D 103 -5.03 -22.46 -12.34
CA LYS D 103 -5.10 -22.40 -13.83
C LYS D 103 -3.96 -23.19 -14.48
N ASP D 104 -2.81 -23.23 -13.77
CA ASP D 104 -1.53 -23.84 -14.23
C ASP D 104 -1.58 -25.37 -14.11
N LEU D 105 -2.17 -25.87 -13.02
CA LEU D 105 -2.31 -27.34 -12.79
C LEU D 105 -3.17 -27.93 -13.90
N PHE D 106 -4.29 -27.27 -14.22
CA PHE D 106 -5.25 -27.75 -15.25
C PHE D 106 -4.61 -27.68 -16.64
N LYS D 107 -3.91 -26.58 -16.93
CA LYS D 107 -3.24 -26.37 -18.24
C LYS D 107 -2.28 -27.52 -18.53
N LYS D 108 -1.42 -27.84 -17.55
CA LYS D 108 -0.34 -28.85 -17.72
C LYS D 108 -0.94 -30.26 -17.87
N ILE D 109 -2.02 -30.56 -17.15
CA ILE D 109 -2.68 -31.89 -17.29
C ILE D 109 -3.23 -32.06 -18.71
N THR D 110 -3.90 -31.01 -19.19
CA THR D 110 -4.56 -30.95 -20.51
C THR D 110 -3.51 -31.07 -21.63
N GLU D 111 -2.39 -30.36 -21.53
CA GLU D 111 -1.33 -30.40 -22.58
C GLU D 111 -0.72 -31.81 -22.63
N TYR D 112 -0.50 -32.40 -21.46
CA TYR D 112 0.11 -33.75 -21.34
C TYR D 112 -0.67 -34.75 -22.20
N LEU D 113 -2.01 -34.67 -22.12
CA LEU D 113 -2.95 -35.56 -22.86
C LEU D 113 -3.06 -35.15 -24.33
N LYS D 114 -2.28 -34.15 -24.75
CA LYS D 114 -2.21 -33.62 -26.14
C LYS D 114 -3.46 -32.84 -26.59
N TYR D 115 -4.10 -32.08 -25.69
CA TYR D 115 -5.17 -31.14 -26.12
C TYR D 115 -4.63 -29.71 -26.03
N ARG D 116 -5.06 -28.83 -26.94
CA ARG D 116 -4.63 -27.42 -26.89
C ARG D 116 -5.56 -26.70 -25.92
N VAL D 117 -5.04 -25.82 -25.06
CA VAL D 117 -5.93 -25.04 -24.15
C VAL D 117 -6.31 -23.71 -24.79
N THR D 118 -7.62 -23.42 -24.85
CA THR D 118 -8.14 -22.17 -25.49
C THR D 118 -8.13 -21.06 -24.43
N LYS D 119 -8.27 -19.80 -24.86
CA LYS D 119 -8.30 -18.69 -23.85
C LYS D 119 -9.61 -18.80 -23.06
N GLY D 120 -9.57 -18.57 -21.75
CA GLY D 120 -10.79 -18.65 -20.97
C GLY D 120 -10.59 -18.52 -19.48
N THR D 121 -11.71 -18.45 -18.77
CA THR D 121 -11.71 -18.33 -17.32
C THR D 121 -11.38 -19.67 -16.66
N VAL D 122 -11.05 -19.62 -15.37
CA VAL D 122 -10.68 -20.82 -14.63
C VAL D 122 -11.80 -21.86 -14.60
N SER D 123 -13.04 -21.41 -14.46
CA SER D 123 -14.17 -22.33 -14.42
C SER D 123 -14.30 -23.13 -15.71
N ASP D 124 -14.12 -22.47 -16.85
CA ASP D 124 -14.19 -23.12 -18.14
C ASP D 124 -13.06 -24.14 -18.29
N PHE D 125 -11.90 -23.76 -17.79
CA PHE D 125 -10.70 -24.61 -17.85
C PHE D 125 -10.84 -25.91 -17.07
N ARG D 126 -11.48 -25.83 -15.91
CA ARG D 126 -11.67 -27.00 -15.05
C ARG D 126 -12.62 -28.04 -15.63
N ASP D 127 -13.61 -27.57 -16.39
CA ASP D 127 -14.64 -28.47 -16.99
C ASP D 127 -14.01 -29.20 -18.19
N ARG D 128 -13.20 -28.50 -18.99
CA ARG D 128 -12.49 -29.13 -20.14
C ARG D 128 -11.52 -30.19 -19.62
N THR D 129 -10.84 -29.91 -18.51
CA THR D 129 -9.91 -30.89 -17.89
C THR D 129 -10.67 -32.17 -17.53
N ILE D 130 -11.86 -32.03 -16.92
CA ILE D 130 -12.69 -33.22 -16.54
C ILE D 130 -13.05 -34.01 -17.79
N GLU D 131 -13.42 -33.31 -18.87
CA GLU D 131 -13.84 -33.96 -20.15
C GLU D 131 -12.72 -34.84 -20.71
N VAL D 132 -11.47 -34.37 -20.61
CA VAL D 132 -10.32 -35.09 -21.23
C VAL D 132 -9.70 -36.09 -20.23
N LEU D 133 -9.99 -35.93 -18.94
CA LEU D 133 -9.56 -36.91 -17.95
C LEU D 133 -10.47 -38.11 -18.23
N LYS D 134 -11.75 -37.83 -18.51
CA LYS D 134 -12.74 -38.83 -18.89
C LYS D 134 -12.46 -39.25 -20.33
N GLY D 135 -12.91 -40.44 -20.72
CA GLY D 135 -12.63 -40.98 -22.04
C GLY D 135 -11.29 -41.71 -22.08
N CYS D 136 -10.21 -40.99 -21.77
CA CYS D 136 -8.90 -41.62 -21.63
C CYS D 136 -8.99 -42.30 -20.26
N GLY D 137 -8.37 -43.47 -20.09
CA GLY D 137 -8.53 -44.15 -18.83
C GLY D 137 -8.04 -43.37 -17.63
N VAL D 138 -6.84 -42.80 -17.72
CA VAL D 138 -6.29 -41.96 -16.64
C VAL D 138 -6.40 -42.60 -15.26
N GLU D 139 -6.02 -43.87 -15.15
CA GLU D 139 -6.14 -44.59 -13.90
C GLU D 139 -5.30 -43.99 -12.79
N MET D 140 -4.20 -43.34 -13.15
CA MET D 140 -3.33 -42.74 -12.10
C MET D 140 -2.75 -41.38 -12.52
N LEU D 141 -2.70 -40.44 -11.57
CA LEU D 141 -2.05 -39.12 -11.80
C LEU D 141 -0.87 -38.99 -10.84
N ILE D 142 0.36 -38.92 -11.36
CA ILE D 142 1.53 -38.83 -10.50
C ILE D 142 2.13 -37.44 -10.52
N ILE D 143 1.56 -36.53 -9.74
CA ILE D 143 2.09 -35.17 -9.65
C ILE D 143 3.48 -35.25 -9.02
N ASP D 144 4.45 -34.50 -9.55
CA ASP D 144 5.79 -34.55 -8.98
C ASP D 144 6.27 -33.20 -8.46
N GLU D 145 7.04 -33.21 -7.36
CA GLU D 145 7.53 -32.00 -6.72
C GLU D 145 6.34 -31.09 -6.44
N ALA D 146 5.36 -31.67 -5.76
CA ALA D 146 4.11 -30.99 -5.42
C ALA D 146 4.16 -30.17 -4.15
N ASP D 147 5.33 -30.16 -3.47
CA ASP D 147 5.53 -29.28 -2.31
C ASP D 147 5.45 -27.82 -2.78
N ARG D 148 6.00 -27.54 -3.97
CA ARG D 148 5.93 -26.24 -4.60
C ARG D 148 4.57 -26.15 -5.29
N LEU D 149 3.53 -25.87 -4.52
CA LEU D 149 2.16 -25.76 -5.02
C LEU D 149 1.44 -24.77 -4.13
N LYS D 150 0.37 -24.16 -4.63
CA LYS D 150 -0.37 -23.23 -3.79
C LYS D 150 -1.31 -24.06 -2.89
N PRO D 151 -1.36 -23.78 -1.54
CA PRO D 151 -2.28 -24.57 -0.72
C PRO D 151 -3.71 -24.63 -1.28
N GLU D 152 -4.14 -23.56 -1.98
CA GLU D 152 -5.54 -23.47 -2.48
C GLU D 152 -5.78 -24.53 -3.55
N THR D 153 -4.72 -25.03 -4.19
CA THR D 153 -4.85 -25.92 -5.37
C THR D 153 -5.16 -27.35 -4.92
N PHE D 154 -4.88 -27.65 -3.64
CA PHE D 154 -5.07 -29.03 -3.09
C PHE D 154 -6.56 -29.36 -3.10
N ALA D 155 -7.42 -28.35 -3.06
CA ALA D 155 -8.88 -28.51 -3.24
C ALA D 155 -9.25 -29.10 -4.62
N ASP D 156 -8.53 -28.72 -5.67
CA ASP D 156 -8.87 -29.15 -7.06
C ASP D 156 -8.34 -30.57 -7.26
N VAL D 157 -7.22 -30.87 -6.60
CA VAL D 157 -6.60 -32.22 -6.56
C VAL D 157 -7.55 -33.16 -5.82
N ARG D 158 -8.11 -32.76 -4.67
CA ARG D 158 -9.02 -33.68 -3.92
C ARG D 158 -10.27 -33.95 -4.75
N ASP D 159 -10.78 -32.91 -5.41
CA ASP D 159 -12.01 -32.96 -6.25
C ASP D 159 -11.81 -34.03 -7.33
N ILE D 160 -10.64 -34.00 -7.99
CA ILE D 160 -10.32 -34.97 -9.08
C ILE D 160 -10.31 -36.37 -8.46
N ALA D 161 -9.58 -36.51 -7.34
CA ALA D 161 -9.38 -37.81 -6.67
C ALA D 161 -10.73 -38.33 -6.19
N GLU D 162 -11.62 -37.42 -5.78
CA GLU D 162 -12.93 -37.80 -5.17
C GLU D 162 -13.98 -38.12 -6.25
N ASP D 163 -14.10 -37.25 -7.26
CA ASP D 163 -15.16 -37.31 -8.29
C ASP D 163 -14.88 -38.42 -9.31
N LEU D 164 -13.61 -38.61 -9.67
CA LEU D 164 -13.21 -39.57 -10.73
C LEU D 164 -12.47 -40.75 -10.09
N GLY D 165 -12.58 -41.93 -10.70
CA GLY D 165 -11.90 -43.15 -10.23
C GLY D 165 -10.41 -43.10 -10.53
N ILE D 166 -9.73 -42.08 -9.98
CA ILE D 166 -8.30 -41.79 -10.28
C ILE D 166 -7.48 -41.77 -8.99
N ALA D 167 -6.34 -42.47 -8.99
CA ALA D 167 -5.34 -42.40 -7.89
C ALA D 167 -4.35 -41.26 -8.15
N VAL D 168 -3.93 -40.55 -7.10
CA VAL D 168 -2.95 -39.46 -7.22
C VAL D 168 -1.74 -39.75 -6.31
N VAL D 169 -0.60 -40.08 -6.92
CA VAL D 169 0.57 -40.46 -6.16
C VAL D 169 1.26 -39.38 -5.35
N LEU D 170 1.25 -38.11 -5.73
CA LEU D 170 1.85 -37.05 -4.87
C LEU D 170 3.27 -37.28 -4.34
N VAL D 171 4.18 -37.76 -5.18
CA VAL D 171 5.57 -38.03 -4.77
C VAL D 171 6.27 -36.74 -4.34
N GLY D 172 7.27 -36.77 -3.38
CA GLY D 172 8.03 -35.64 -2.86
C GLY D 172 9.10 -35.92 -1.82
N THR D 173 9.79 -34.85 -1.46
CA THR D 173 10.86 -34.84 -0.46
C THR D 173 10.30 -34.75 0.97
N ASP D 174 11.17 -34.76 1.99
CA ASP D 174 10.77 -34.69 3.40
C ASP D 174 9.97 -33.44 3.74
N ARG D 175 10.29 -32.31 3.11
CA ARG D 175 9.58 -31.04 3.29
C ARG D 175 8.06 -31.09 2.96
N LEU D 176 7.67 -31.95 2.03
CA LEU D 176 6.25 -32.14 1.62
C LEU D 176 5.38 -32.44 2.85
N ASP D 177 5.87 -33.28 3.76
CA ASP D 177 5.12 -33.70 4.98
C ASP D 177 4.79 -32.47 5.84
N ALA D 178 5.71 -31.50 5.90
CA ALA D 178 5.47 -30.24 6.63
C ALA D 178 4.32 -29.46 5.99
N VAL D 179 4.20 -29.54 4.66
CA VAL D 179 3.11 -28.85 3.92
C VAL D 179 1.79 -29.61 4.10
N ILE D 180 1.83 -30.94 3.94
CA ILE D 180 0.60 -31.79 4.01
C ILE D 180 -0.09 -31.63 5.36
N LYS D 181 0.68 -31.62 6.45
CA LYS D 181 0.12 -31.60 7.83
C LYS D 181 -0.54 -30.24 8.12
N ARG D 182 -0.48 -29.28 7.18
CA ARG D 182 -1.12 -27.98 7.47
C ARG D 182 -2.62 -28.01 7.13
N ASP D 183 -3.11 -29.09 6.51
CA ASP D 183 -4.53 -29.18 6.06
C ASP D 183 -5.10 -30.55 6.43
N GLU D 184 -6.08 -30.57 7.34
CA GLU D 184 -6.61 -31.85 7.90
C GLU D 184 -7.09 -32.73 6.74
N GLN D 185 -7.88 -32.14 5.83
CA GLN D 185 -8.60 -32.90 4.78
C GLN D 185 -7.61 -33.53 3.80
N VAL D 186 -6.50 -32.84 3.51
CA VAL D 186 -5.41 -33.42 2.67
C VAL D 186 -4.64 -34.51 3.44
N LEU D 187 -4.25 -34.24 4.67
CA LEU D 187 -3.51 -35.22 5.48
C LEU D 187 -4.19 -36.58 5.56
N GLU D 188 -5.47 -36.59 5.90
CA GLU D 188 -6.23 -37.82 6.04
C GLU D 188 -6.37 -38.62 4.74
N ARG D 189 -6.60 -37.92 3.64
CA ARG D 189 -6.77 -38.53 2.33
C ARG D 189 -5.53 -39.26 1.81
N PHE D 190 -4.35 -38.71 2.09
CA PHE D 190 -3.08 -39.24 1.59
C PHE D 190 -2.19 -39.95 2.61
N ARG D 191 -2.77 -40.60 3.63
CA ARG D 191 -1.99 -41.24 4.68
C ARG D 191 -1.01 -42.36 4.28
N ALA D 192 -1.41 -43.28 3.39
CA ALA D 192 -0.53 -44.38 2.99
C ALA D 192 0.74 -43.84 2.33
N HIS D 193 1.91 -44.39 2.65
CA HIS D 193 3.16 -43.85 2.05
C HIS D 193 4.21 -44.93 1.75
N LEU D 194 5.09 -44.68 0.78
CA LEU D 194 6.28 -45.55 0.56
C LEU D 194 7.51 -44.69 0.89
N ARG D 195 8.48 -45.24 1.62
CA ARG D 195 9.66 -44.47 1.99
C ARG D 195 10.85 -44.79 1.11
N PHE D 196 11.04 -44.01 0.05
CA PHE D 196 12.17 -44.22 -0.84
C PHE D 196 13.43 -43.96 -0.02
N GLY D 197 14.45 -44.80 -0.17
CA GLY D 197 15.66 -44.63 0.61
C GLY D 197 16.94 -44.61 -0.20
N LYS D 198 18.06 -44.61 0.52
CA LYS D 198 19.41 -44.60 -0.11
C LYS D 198 20.03 -46.00 -0.05
N LEU D 199 21.20 -46.16 -0.68
CA LEU D 199 21.91 -47.47 -0.72
C LEU D 199 22.94 -47.58 0.40
N SER D 200 23.15 -48.81 0.91
CA SER D 200 24.21 -49.12 1.89
C SER D 200 24.56 -50.61 1.79
N GLY D 201 25.73 -51.01 2.31
CA GLY D 201 26.11 -52.44 2.36
C GLY D 201 26.30 -53.03 0.97
N GLU D 202 26.02 -54.33 0.83
CA GLU D 202 26.20 -55.13 -0.42
C GLU D 202 25.45 -54.48 -1.59
N ASP D 203 24.27 -53.91 -1.34
CA ASP D 203 23.44 -53.31 -2.42
C ASP D 203 24.27 -52.26 -3.16
N PHE D 204 25.10 -51.51 -2.41
CA PHE D 204 25.96 -50.46 -3.01
C PHE D 204 27.07 -51.10 -3.86
N LYS D 205 27.76 -52.10 -3.29
CA LYS D 205 28.85 -52.81 -4.02
C LYS D 205 28.30 -53.41 -5.32
N ASN D 206 27.14 -54.06 -5.26
CA ASN D 206 26.51 -54.69 -6.45
C ASN D 206 26.12 -53.60 -7.46
N THR D 207 25.64 -52.46 -6.97
CA THR D 207 25.28 -51.31 -7.84
C THR D 207 26.51 -50.79 -8.58
N VAL D 208 27.65 -50.70 -7.89
CA VAL D 208 28.90 -50.23 -8.54
C VAL D 208 29.30 -51.23 -9.64
N GLU D 209 29.20 -52.53 -9.35
CA GLU D 209 29.55 -53.57 -10.37
C GLU D 209 28.61 -53.42 -11.57
N MET D 210 27.31 -53.26 -11.30
CA MET D 210 26.29 -53.04 -12.36
C MET D 210 26.65 -51.78 -13.14
N TRP D 211 26.99 -50.69 -12.42
CA TRP D 211 27.34 -49.40 -13.04
C TRP D 211 28.49 -49.50 -14.05
N GLU D 212 29.61 -50.10 -13.64
CA GLU D 212 30.77 -50.24 -14.57
C GLU D 212 30.37 -51.07 -15.80
N GLN D 213 29.57 -52.12 -15.59
CA GLN D 213 29.18 -53.02 -16.71
C GLN D 213 28.14 -52.38 -17.64
N MET D 214 27.12 -51.69 -17.10
CA MET D 214 26.02 -51.21 -17.98
C MET D 214 26.15 -49.74 -18.39
N VAL D 215 26.72 -48.88 -17.56
CA VAL D 215 26.85 -47.47 -17.91
C VAL D 215 28.21 -47.13 -18.50
N LEU D 216 29.27 -47.55 -17.81
CA LEU D 216 30.62 -47.30 -18.29
C LEU D 216 30.99 -48.33 -19.37
N LYS D 217 31.52 -47.88 -20.50
CA LYS D 217 31.90 -48.76 -21.61
C LYS D 217 33.34 -48.49 -22.05
N LEU D 218 34.20 -48.15 -21.09
CA LEU D 218 35.58 -47.83 -21.39
C LEU D 218 36.31 -49.02 -22.02
N PRO D 219 37.21 -48.77 -22.99
CA PRO D 219 37.97 -49.84 -23.65
C PRO D 219 38.59 -50.84 -22.68
N VAL D 220 39.10 -50.36 -21.55
CA VAL D 220 39.74 -51.26 -20.53
C VAL D 220 38.97 -51.09 -19.22
N SER D 221 38.66 -52.23 -18.58
CA SER D 221 37.96 -52.33 -17.27
C SER D 221 38.68 -51.61 -16.14
N SER D 222 37.92 -50.95 -15.27
CA SER D 222 38.46 -50.19 -14.11
C SER D 222 38.43 -51.02 -12.82
N ASN D 223 37.60 -52.07 -12.78
CA ASN D 223 37.52 -52.94 -11.56
C ASN D 223 37.12 -52.09 -10.34
N LEU D 224 36.06 -51.30 -10.47
CA LEU D 224 35.62 -50.34 -9.42
C LEU D 224 35.09 -51.06 -8.18
N LYS D 225 34.86 -52.37 -8.28
CA LYS D 225 34.33 -53.17 -7.14
C LYS D 225 35.45 -53.36 -6.11
N SER D 226 36.71 -53.27 -6.53
CA SER D 226 37.86 -53.47 -5.65
C SER D 226 37.79 -52.59 -4.40
N LYS D 227 38.18 -53.13 -3.25
CA LYS D 227 38.07 -52.42 -1.96
C LYS D 227 38.86 -51.11 -1.88
N GLU D 228 40.06 -51.09 -2.44
CA GLU D 228 40.90 -49.89 -2.40
C GLU D 228 40.22 -48.66 -2.99
N MET D 229 39.38 -48.86 -4.01
CA MET D 229 38.68 -47.74 -4.70
C MET D 229 37.21 -47.66 -4.25
N LEU D 230 36.65 -48.79 -3.81
CA LEU D 230 35.24 -48.87 -3.32
C LEU D 230 35.09 -48.05 -2.03
N ARG D 231 36.12 -48.03 -1.18
CA ARG D 231 36.07 -47.22 0.07
C ARG D 231 36.02 -45.73 -0.31
N ILE D 232 36.66 -45.39 -1.44
CA ILE D 232 36.70 -43.98 -1.94
C ILE D 232 35.32 -43.61 -2.49
N LEU D 233 34.75 -44.50 -3.32
CA LEU D 233 33.40 -44.29 -3.91
C LEU D 233 32.37 -44.21 -2.78
N THR D 234 32.55 -45.03 -1.74
CA THR D 234 31.64 -45.03 -0.56
C THR D 234 31.71 -43.69 0.19
N SER D 235 32.93 -43.19 0.44
CA SER D 235 33.08 -41.92 1.20
C SER D 235 32.56 -40.75 0.37
N ALA D 236 32.80 -40.80 -0.95
CA ALA D 236 32.42 -39.73 -1.89
C ALA D 236 30.90 -39.77 -2.12
N THR D 237 30.30 -40.97 -2.10
CA THR D 237 28.87 -41.16 -2.49
C THR D 237 27.90 -41.08 -1.31
N GLU D 238 28.27 -41.66 -0.15
CA GLU D 238 27.41 -41.66 1.07
C GLU D 238 26.04 -42.31 0.76
N GLY D 239 26.01 -43.21 -0.22
CA GLY D 239 24.81 -44.01 -0.55
C GLY D 239 23.83 -43.34 -1.51
N TYR D 240 24.13 -42.13 -1.99
CA TYR D 240 23.20 -41.40 -2.89
C TYR D 240 23.47 -41.80 -4.34
N ILE D 241 22.47 -42.35 -5.03
CA ILE D 241 22.70 -42.88 -6.41
C ILE D 241 23.07 -41.66 -7.26
N GLY D 242 22.53 -40.48 -6.96
CA GLY D 242 22.89 -39.26 -7.71
C GLY D 242 24.36 -38.94 -7.61
N ARG D 243 25.00 -39.23 -6.49
CA ARG D 243 26.44 -38.84 -6.41
C ARG D 243 27.27 -39.89 -7.13
N LEU D 244 26.92 -41.18 -6.97
CA LEU D 244 27.67 -42.27 -7.64
C LEU D 244 27.67 -41.98 -9.13
N ASP D 245 26.52 -41.58 -9.67
CA ASP D 245 26.40 -41.19 -11.10
C ASP D 245 27.41 -40.09 -11.43
N GLU D 246 27.42 -39.00 -10.66
CA GLU D 246 28.26 -37.81 -10.96
C GLU D 246 29.75 -38.17 -10.90
N ILE D 247 30.14 -38.89 -9.83
CA ILE D 247 31.57 -39.14 -9.49
C ILE D 247 32.14 -39.96 -10.64
N LEU D 248 31.47 -41.06 -11.01
CA LEU D 248 31.94 -41.99 -12.07
C LEU D 248 31.79 -41.42 -13.49
N ARG D 249 30.71 -40.69 -13.77
CA ARG D 249 30.48 -40.07 -15.10
C ARG D 249 31.49 -38.96 -15.41
N GLU D 250 31.82 -38.11 -14.45
CA GLU D 250 32.86 -37.06 -14.63
C GLU D 250 34.25 -37.70 -14.70
N ALA D 251 34.53 -38.67 -13.83
CA ALA D 251 35.83 -39.38 -13.81
C ALA D 251 36.10 -40.07 -15.15
N ALA D 252 35.08 -40.67 -15.76
CA ALA D 252 35.22 -41.31 -17.09
C ALA D 252 35.60 -40.28 -18.17
N ILE D 253 34.93 -39.13 -18.18
CA ILE D 253 35.23 -38.08 -19.20
C ILE D 253 36.63 -37.51 -18.96
N ARG D 254 36.94 -37.20 -17.69
CA ARG D 254 38.26 -36.62 -17.31
C ARG D 254 39.39 -37.61 -17.64
N SER D 255 39.14 -38.91 -17.46
CA SER D 255 40.14 -39.96 -17.75
C SER D 255 40.41 -40.08 -19.25
N LEU D 256 39.34 -40.16 -20.05
CA LEU D 256 39.45 -40.32 -21.53
C LEU D 256 40.15 -39.08 -22.10
N SER D 257 39.88 -37.91 -21.51
CA SER D 257 40.41 -36.61 -22.02
C SER D 257 41.93 -36.58 -21.85
N ARG D 258 42.46 -37.48 -21.00
CA ARG D 258 43.92 -37.56 -20.71
C ARG D 258 44.55 -38.67 -21.58
N GLY D 259 43.74 -39.35 -22.39
CA GLY D 259 44.20 -40.46 -23.25
C GLY D 259 44.23 -41.78 -22.52
N LEU D 260 43.53 -41.89 -21.39
CA LEU D 260 43.49 -43.15 -20.60
C LEU D 260 42.39 -44.06 -21.18
N LYS D 261 42.51 -45.38 -20.99
CA LYS D 261 41.49 -46.34 -21.47
C LYS D 261 40.64 -46.80 -20.28
N LYS D 262 40.96 -46.32 -19.07
CA LYS D 262 40.23 -46.72 -17.84
C LYS D 262 40.32 -45.58 -16.81
N ILE D 263 39.57 -45.68 -15.72
CA ILE D 263 39.64 -44.65 -14.62
C ILE D 263 40.70 -45.08 -13.62
N ASP D 264 41.72 -44.23 -13.42
CA ASP D 264 42.81 -44.48 -12.44
C ASP D 264 42.32 -44.09 -11.04
N LYS D 265 42.85 -44.76 -10.00
CA LYS D 265 42.53 -44.41 -8.59
C LYS D 265 42.78 -42.91 -8.40
N ALA D 266 43.85 -42.38 -9.02
CA ALA D 266 44.24 -40.96 -8.87
C ALA D 266 43.10 -40.05 -9.35
N VAL D 267 42.35 -40.50 -10.35
CA VAL D 267 41.26 -39.66 -10.94
C VAL D 267 40.08 -39.64 -9.97
N LEU D 268 39.75 -40.81 -9.42
CA LEU D 268 38.62 -40.94 -8.46
C LEU D 268 38.92 -40.06 -7.24
N GLN D 269 40.18 -40.05 -6.79
CA GLN D 269 40.59 -39.22 -5.63
C GLN D 269 40.50 -37.74 -6.00
N GLU D 270 41.01 -37.38 -7.18
CA GLU D 270 41.03 -35.98 -7.65
C GLU D 270 39.60 -35.45 -7.71
N VAL D 271 38.67 -36.25 -8.25
CA VAL D 271 37.24 -35.82 -8.35
C VAL D 271 36.61 -35.76 -6.95
N ALA D 272 36.87 -36.78 -6.12
CA ALA D 272 36.24 -36.83 -4.78
C ALA D 272 36.62 -35.58 -3.97
N LYS D 273 37.86 -35.08 -4.16
CA LYS D 273 38.38 -33.93 -3.38
C LYS D 273 37.53 -32.67 -3.66
N GLU D 274 36.78 -32.65 -4.76
CA GLU D 274 36.01 -31.45 -5.16
C GLU D 274 34.67 -31.41 -4.40
N TYR D 275 34.33 -32.50 -3.72
CA TYR D 275 33.03 -32.60 -3.00
C TYR D 275 33.26 -32.36 -1.50
N GLU E 19 -13.71 -63.37 -16.39
CA GLU E 19 -12.80 -63.83 -15.32
C GLU E 19 -13.40 -63.49 -13.95
N TRP E 20 -13.62 -64.51 -13.11
CA TRP E 20 -14.26 -64.31 -11.79
C TRP E 20 -13.45 -63.29 -10.97
N LEU E 21 -12.13 -63.44 -10.97
CA LEU E 21 -11.23 -62.59 -10.12
C LEU E 21 -11.43 -61.11 -10.50
N GLN E 22 -11.44 -60.81 -11.80
CA GLN E 22 -11.56 -59.41 -12.28
C GLN E 22 -12.96 -58.87 -11.96
N ALA E 23 -13.99 -59.72 -12.04
CA ALA E 23 -15.38 -59.29 -11.74
C ALA E 23 -15.46 -58.83 -10.27
N GLU E 24 -14.81 -59.57 -9.37
CA GLU E 24 -14.82 -59.25 -7.92
C GLU E 24 -13.98 -58.00 -7.65
N ILE E 25 -12.83 -57.86 -8.32
CA ILE E 25 -11.98 -56.63 -8.16
C ILE E 25 -12.73 -55.41 -8.69
N ALA E 26 -13.38 -55.52 -9.84
CA ALA E 26 -14.15 -54.38 -10.41
C ALA E 26 -15.26 -53.98 -9.42
N ARG E 27 -15.84 -54.96 -8.72
CA ARG E 27 -16.85 -54.68 -7.66
C ARG E 27 -16.20 -54.04 -6.43
N LEU E 28 -15.13 -54.66 -5.92
CA LEU E 28 -14.52 -54.25 -4.62
C LEU E 28 -14.00 -52.81 -4.70
N LYS E 29 -13.48 -52.41 -5.87
CA LYS E 29 -12.86 -51.08 -6.05
C LYS E 29 -13.94 -50.01 -6.03
N GLY E 30 -15.21 -50.43 -6.12
CA GLY E 30 -16.36 -49.52 -6.18
C GLY E 30 -16.78 -49.06 -4.79
N LYS E 31 -17.91 -48.34 -4.66
CA LYS E 31 -18.37 -47.88 -3.34
C LYS E 31 -19.86 -48.18 -3.10
N SER E 32 -20.21 -48.56 -1.87
CA SER E 32 -21.60 -48.86 -1.52
C SER E 32 -21.97 -48.21 -0.19
N ILE E 33 -23.21 -47.71 -0.04
CA ILE E 33 -23.64 -47.06 1.20
C ILE E 33 -24.07 -48.06 2.28
N VAL E 34 -23.55 -47.94 3.50
CA VAL E 34 -23.92 -48.93 4.57
C VAL E 34 -24.74 -48.20 5.64
N PRO E 35 -25.94 -48.70 6.02
CA PRO E 35 -26.74 -48.07 7.07
C PRO E 35 -25.93 -48.04 8.38
N LEU E 36 -25.93 -46.90 9.07
CA LEU E 36 -25.24 -46.76 10.38
C LEU E 36 -26.08 -45.90 11.32
N GLN E 37 -25.84 -46.03 12.63
CA GLN E 37 -26.59 -45.26 13.66
C GLN E 37 -26.41 -43.76 13.42
N GLN E 38 -25.19 -43.35 13.02
CA GLN E 38 -24.85 -41.92 12.83
C GLN E 38 -25.63 -41.35 11.63
N VAL E 39 -25.87 -42.17 10.61
CA VAL E 39 -26.56 -41.71 9.37
C VAL E 39 -28.06 -41.50 9.68
N LYS E 40 -28.69 -42.47 10.35
CA LYS E 40 -30.11 -42.36 10.74
C LYS E 40 -30.30 -41.14 11.64
N THR E 41 -29.38 -40.94 12.59
CA THR E 41 -29.46 -39.80 13.55
C THR E 41 -29.51 -38.47 12.79
N LEU E 42 -28.63 -38.31 11.79
CA LEU E 42 -28.59 -37.06 10.98
C LEU E 42 -29.91 -36.88 10.22
N HIS E 43 -30.41 -37.97 9.61
CA HIS E 43 -31.61 -37.91 8.74
C HIS E 43 -32.83 -37.45 9.56
N ASP E 44 -32.97 -37.97 10.78
CA ASP E 44 -34.11 -37.61 11.67
C ASP E 44 -33.99 -36.14 12.09
N TRP E 45 -32.75 -35.71 12.38
CA TRP E 45 -32.42 -34.32 12.80
C TRP E 45 -32.72 -33.33 11.67
N LEU E 46 -32.26 -33.66 10.44
CA LEU E 46 -32.46 -32.76 9.28
C LEU E 46 -33.97 -32.64 9.01
N ASP E 47 -34.69 -33.76 9.15
CA ASP E 47 -36.15 -33.82 8.94
C ASP E 47 -36.86 -32.81 9.85
N GLY E 48 -36.44 -32.71 11.11
CA GLY E 48 -36.96 -31.68 12.03
C GLY E 48 -36.70 -30.28 11.53
N LYS E 49 -35.45 -29.99 11.14
CA LYS E 49 -35.08 -28.62 10.65
C LYS E 49 -35.86 -28.31 9.37
N ARG E 50 -36.11 -29.31 8.54
CA ARG E 50 -36.85 -29.14 7.26
C ARG E 50 -38.28 -28.65 7.55
N LYS E 51 -38.97 -29.30 8.50
CA LYS E 51 -40.39 -29.00 8.81
C LYS E 51 -40.47 -27.58 9.40
N ALA E 52 -39.51 -27.24 10.26
CA ALA E 52 -39.47 -25.96 11.02
C ALA E 52 -38.88 -24.83 10.17
N ARG E 53 -38.32 -25.20 9.00
CA ARG E 53 -37.56 -24.28 8.10
C ARG E 53 -36.45 -23.57 8.91
N LYS E 54 -35.70 -24.35 9.69
CA LYS E 54 -34.64 -23.82 10.59
C LYS E 54 -33.28 -23.98 9.89
N SER E 55 -32.44 -22.94 9.94
CA SER E 55 -31.08 -22.99 9.41
C SER E 55 -30.24 -23.50 10.56
N CYS E 56 -29.19 -24.23 10.26
CA CYS E 56 -28.37 -24.86 11.29
C CYS E 56 -26.97 -25.13 10.73
N ARG E 57 -26.11 -25.84 11.48
CA ARG E 57 -24.78 -26.20 10.98
C ARG E 57 -24.53 -27.70 11.18
N VAL E 58 -23.80 -28.33 10.27
CA VAL E 58 -23.45 -29.73 10.44
C VAL E 58 -21.94 -29.72 10.56
N VAL E 59 -21.38 -30.17 11.68
CA VAL E 59 -19.94 -30.13 11.89
C VAL E 59 -19.32 -31.50 12.24
N GLY E 60 -18.23 -31.88 11.58
CA GLY E 60 -17.59 -33.17 11.85
C GLY E 60 -16.13 -33.20 11.42
N GLU E 61 -15.39 -34.19 11.90
CA GLU E 61 -13.98 -34.36 11.55
C GLU E 61 -13.88 -35.05 10.19
N SER E 62 -12.73 -34.97 9.54
CA SER E 62 -12.56 -35.62 8.22
C SER E 62 -12.66 -37.14 8.29
N ARG E 63 -13.15 -37.75 7.20
CA ARG E 63 -13.29 -39.22 7.01
C ARG E 63 -14.27 -39.86 8.01
N THR E 64 -15.22 -39.08 8.54
CA THR E 64 -16.20 -39.62 9.52
C THR E 64 -17.48 -40.03 8.79
N GLY E 65 -17.58 -39.64 7.50
CA GLY E 65 -18.66 -40.10 6.61
C GLY E 65 -19.77 -39.07 6.55
N LYS E 66 -19.43 -37.80 6.83
CA LYS E 66 -20.36 -36.65 6.73
C LYS E 66 -20.93 -36.52 5.31
N THR E 67 -20.10 -36.47 4.27
CA THR E 67 -20.68 -36.22 2.91
C THR E 67 -21.64 -37.34 2.50
N VAL E 68 -21.28 -38.60 2.78
CA VAL E 68 -22.06 -39.79 2.34
C VAL E 68 -23.46 -39.76 2.97
N ALA E 69 -23.54 -39.42 4.26
CA ALA E 69 -24.85 -39.32 4.95
C ALA E 69 -25.74 -38.29 4.25
N CYS E 70 -25.15 -37.19 3.78
CA CYS E 70 -25.92 -36.14 3.06
C CYS E 70 -26.46 -36.67 1.74
N ASP E 71 -25.65 -37.42 0.99
CA ASP E 71 -26.10 -38.06 -0.28
C ASP E 71 -27.29 -38.98 0.00
N ALA E 72 -27.18 -39.80 1.04
CA ALA E 72 -28.24 -40.78 1.40
C ALA E 72 -29.57 -40.06 1.66
N TYR E 73 -29.49 -38.91 2.34
CA TYR E 73 -30.68 -38.07 2.65
C TYR E 73 -31.40 -37.60 1.37
N ARG E 74 -30.63 -37.12 0.39
CA ARG E 74 -31.20 -36.68 -0.92
C ARG E 74 -31.97 -37.85 -1.55
N TYR E 75 -31.49 -39.07 -1.37
CA TYR E 75 -32.17 -40.24 -1.93
C TYR E 75 -33.39 -40.66 -1.12
N ARG E 76 -33.40 -40.38 0.19
CA ARG E 76 -34.52 -40.77 1.03
C ARG E 76 -35.82 -40.09 0.62
N HIS E 77 -35.75 -38.78 0.33
CA HIS E 77 -36.93 -38.04 -0.12
C HIS E 77 -36.54 -37.53 -1.50
N LYS E 78 -37.10 -38.12 -2.56
CA LYS E 78 -36.72 -37.76 -3.91
C LYS E 78 -37.61 -36.72 -4.60
N PRO E 79 -37.14 -36.20 -5.80
CA PRO E 79 -38.06 -35.28 -6.48
C PRO E 79 -39.35 -35.98 -6.86
N GLN E 80 -40.50 -35.30 -6.80
CA GLN E 80 -41.76 -35.98 -7.11
C GLN E 80 -42.58 -35.22 -8.17
N GLN E 81 -42.77 -35.81 -9.35
CA GLN E 81 -43.54 -35.13 -10.39
C GLN E 81 -44.88 -35.84 -10.61
N GLU E 82 -46.00 -35.13 -10.44
CA GLU E 82 -47.32 -35.71 -10.66
C GLU E 82 -48.18 -34.79 -11.53
N ALA E 83 -47.52 -34.07 -12.43
CA ALA E 83 -48.16 -33.12 -13.34
C ALA E 83 -47.21 -32.77 -14.50
N GLY E 84 -47.66 -31.89 -15.41
CA GLY E 84 -46.84 -31.38 -16.51
C GLY E 84 -45.95 -30.17 -16.19
N ARG E 85 -46.02 -29.68 -14.94
CA ARG E 85 -45.21 -28.57 -14.35
C ARG E 85 -43.78 -29.06 -14.07
N PRO E 86 -42.81 -28.16 -13.81
CA PRO E 86 -41.44 -28.56 -13.49
C PRO E 86 -41.41 -29.55 -12.31
N PRO E 87 -40.39 -30.42 -12.20
CA PRO E 87 -40.31 -31.40 -11.11
C PRO E 87 -40.35 -30.72 -9.74
N THR E 88 -41.08 -31.31 -8.79
CA THR E 88 -41.17 -30.76 -7.41
C THR E 88 -39.95 -31.20 -6.62
N VAL E 89 -38.81 -30.56 -6.77
CA VAL E 89 -37.60 -30.95 -6.05
C VAL E 89 -37.52 -30.42 -4.60
N PRO E 90 -37.79 -31.27 -3.59
CA PRO E 90 -37.75 -30.78 -2.20
C PRO E 90 -36.40 -30.39 -1.62
N VAL E 91 -35.34 -31.17 -1.91
CA VAL E 91 -34.04 -30.89 -1.34
C VAL E 91 -32.95 -30.64 -2.40
N VAL E 92 -32.15 -29.59 -2.24
CA VAL E 92 -31.04 -29.28 -3.19
C VAL E 92 -29.71 -29.53 -2.49
N TYR E 93 -28.83 -30.32 -3.11
CA TYR E 93 -27.47 -30.55 -2.56
C TYR E 93 -26.43 -30.07 -3.56
N ILE E 94 -25.55 -29.16 -3.13
CA ILE E 94 -24.46 -28.64 -4.00
C ILE E 94 -23.15 -28.69 -3.21
N ARG E 95 -22.01 -28.76 -3.92
CA ARG E 95 -20.67 -28.63 -3.31
C ARG E 95 -19.86 -27.57 -4.06
N PRO E 96 -19.74 -26.32 -3.53
CA PRO E 96 -19.04 -25.23 -4.23
C PRO E 96 -17.57 -25.55 -4.56
N HIS E 97 -17.10 -24.99 -5.69
CA HIS E 97 -15.68 -25.11 -6.12
C HIS E 97 -14.82 -24.20 -5.24
N GLN E 98 -13.50 -24.22 -5.44
CA GLN E 98 -12.58 -23.43 -4.59
C GLN E 98 -12.76 -21.93 -4.82
N LYS E 99 -12.72 -21.14 -3.74
CA LYS E 99 -12.89 -19.67 -3.80
C LYS E 99 -14.11 -19.37 -4.68
N CYS E 100 -15.22 -20.05 -4.38
CA CYS E 100 -16.52 -19.86 -5.06
C CYS E 100 -17.06 -18.44 -4.84
N GLY E 101 -17.38 -17.77 -5.94
CA GLY E 101 -17.87 -16.38 -5.97
C GLY E 101 -19.38 -16.38 -6.14
N PRO E 102 -20.06 -15.22 -6.15
CA PRO E 102 -21.51 -15.21 -6.32
C PRO E 102 -22.12 -15.64 -7.67
N LYS E 103 -21.37 -15.63 -8.79
CA LYS E 103 -21.91 -16.12 -10.09
C LYS E 103 -21.94 -17.66 -10.14
N ASP E 104 -20.98 -18.27 -9.43
CA ASP E 104 -20.72 -19.74 -9.41
C ASP E 104 -21.75 -20.45 -8.52
N LEU E 105 -22.08 -19.86 -7.37
CA LEU E 105 -23.08 -20.41 -6.42
C LEU E 105 -24.43 -20.51 -7.13
N PHE E 106 -24.82 -19.44 -7.83
CA PHE E 106 -26.13 -19.36 -8.53
C PHE E 106 -26.16 -20.34 -9.70
N LYS E 107 -25.07 -20.42 -10.47
CA LYS E 107 -24.96 -21.31 -11.64
C LYS E 107 -25.22 -22.76 -11.21
N LYS E 108 -24.54 -23.20 -10.14
CA LYS E 108 -24.58 -24.61 -9.68
C LYS E 108 -25.97 -24.95 -9.12
N ILE E 109 -26.63 -24.00 -8.42
CA ILE E 109 -28.00 -24.25 -7.90
C ILE E 109 -28.97 -24.49 -9.08
N THR E 110 -28.86 -23.61 -10.07
CA THR E 110 -29.72 -23.60 -11.28
C THR E 110 -29.52 -24.89 -12.09
N GLU E 111 -28.28 -25.32 -12.29
CA GLU E 111 -28.00 -26.56 -13.08
C GLU E 111 -28.57 -27.78 -12.34
N TYR E 112 -28.41 -27.80 -11.02
CA TYR E 112 -28.89 -28.92 -10.17
C TYR E 112 -30.38 -29.18 -10.44
N LEU E 113 -31.16 -28.10 -10.52
CA LEU E 113 -32.63 -28.14 -10.75
C LEU E 113 -32.95 -28.40 -12.23
N LYS E 114 -31.92 -28.64 -13.04
CA LYS E 114 -32.01 -28.95 -14.50
C LYS E 114 -32.44 -27.77 -15.38
N TYR E 115 -32.02 -26.54 -15.06
CA TYR E 115 -32.24 -25.41 -16.01
C TYR E 115 -30.89 -25.03 -16.63
N ARG E 116 -30.90 -24.60 -17.89
CA ARG E 116 -29.64 -24.17 -18.56
C ARG E 116 -29.41 -22.70 -18.17
N VAL E 117 -28.17 -22.32 -17.86
CA VAL E 117 -27.91 -20.88 -17.55
C VAL E 117 -27.48 -20.14 -18.82
N THR E 118 -28.14 -19.02 -19.13
CA THR E 118 -27.87 -18.22 -20.35
C THR E 118 -26.74 -17.25 -20.04
N LYS E 119 -26.12 -16.64 -21.06
CA LYS E 119 -25.04 -15.65 -20.80
C LYS E 119 -25.67 -14.41 -20.15
N GLY E 120 -25.01 -13.84 -19.14
CA GLY E 120 -25.48 -12.62 -18.46
C GLY E 120 -24.65 -12.32 -17.24
N THR E 121 -25.06 -11.32 -16.45
CA THR E 121 -24.36 -10.91 -15.21
C THR E 121 -24.99 -11.52 -13.95
N VAL E 122 -24.31 -11.37 -12.81
CA VAL E 122 -24.85 -11.87 -11.51
C VAL E 122 -26.24 -11.29 -11.30
N SER E 123 -26.43 -10.02 -11.64
CA SER E 123 -27.71 -9.30 -11.40
C SER E 123 -28.83 -9.84 -12.31
N ASP E 124 -28.46 -10.64 -13.31
CA ASP E 124 -29.44 -11.22 -14.27
C ASP E 124 -29.93 -12.60 -13.81
N PHE E 125 -29.02 -13.51 -13.42
CA PHE E 125 -29.46 -14.90 -13.10
C PHE E 125 -29.46 -15.12 -11.58
N ARG E 126 -29.24 -14.03 -10.84
CA ARG E 126 -29.58 -13.94 -9.40
C ARG E 126 -31.11 -14.06 -9.32
N ASP E 127 -31.81 -13.36 -10.23
CA ASP E 127 -33.29 -13.27 -10.36
C ASP E 127 -33.81 -14.60 -10.94
N ARG E 128 -33.11 -15.15 -11.93
CA ARG E 128 -33.47 -16.46 -12.53
C ARG E 128 -33.39 -17.56 -11.45
N THR E 129 -32.36 -17.49 -10.60
CA THR E 129 -32.20 -18.47 -9.49
C THR E 129 -33.44 -18.42 -8.58
N ILE E 130 -33.89 -17.22 -8.23
CA ILE E 130 -35.09 -17.05 -7.35
C ILE E 130 -36.31 -17.68 -8.03
N GLU E 131 -36.45 -17.45 -9.34
CA GLU E 131 -37.62 -17.95 -10.11
C GLU E 131 -37.69 -19.49 -10.06
N VAL E 132 -36.52 -20.16 -10.11
CA VAL E 132 -36.50 -21.66 -10.18
C VAL E 132 -36.41 -22.24 -8.77
N LEU E 133 -35.97 -21.46 -7.78
CA LEU E 133 -36.07 -21.86 -6.36
C LEU E 133 -37.56 -21.89 -6.00
N LYS E 134 -38.32 -20.96 -6.57
CA LYS E 134 -39.81 -20.94 -6.47
C LYS E 134 -40.40 -21.95 -7.47
N GLY E 135 -41.69 -22.28 -7.33
CA GLY E 135 -42.35 -23.21 -8.27
C GLY E 135 -42.05 -24.63 -7.83
N CYS E 136 -40.78 -25.04 -7.83
CA CYS E 136 -40.35 -26.30 -7.27
C CYS E 136 -40.36 -26.10 -5.75
N GLY E 137 -40.57 -27.15 -4.97
CA GLY E 137 -40.66 -26.93 -3.54
C GLY E 137 -39.40 -26.36 -2.89
N VAL E 138 -38.23 -26.92 -3.19
CA VAL E 138 -36.95 -26.41 -2.67
C VAL E 138 -37.00 -26.18 -1.15
N GLU E 139 -37.47 -27.16 -0.41
CA GLU E 139 -37.62 -27.06 1.04
C GLU E 139 -36.29 -26.84 1.78
N MET E 140 -35.24 -27.52 1.35
CA MET E 140 -33.95 -27.38 2.04
C MET E 140 -32.75 -27.31 1.08
N LEU E 141 -31.77 -26.48 1.40
CA LEU E 141 -30.54 -26.37 0.57
C LEU E 141 -29.33 -26.84 1.41
N ILE E 142 -28.64 -27.89 0.97
CA ILE E 142 -27.44 -28.39 1.71
C ILE E 142 -26.17 -27.95 0.98
N ILE E 143 -25.34 -27.10 1.58
CA ILE E 143 -24.11 -26.64 0.95
C ILE E 143 -22.89 -27.29 1.61
N ASP E 144 -22.43 -28.41 1.06
CA ASP E 144 -21.27 -29.12 1.61
C ASP E 144 -19.99 -28.34 1.34
N GLU E 145 -18.98 -28.53 2.19
CA GLU E 145 -17.69 -27.84 2.06
C GLU E 145 -17.90 -26.33 1.95
N ALA E 146 -18.68 -25.80 2.88
CA ALA E 146 -19.02 -24.38 2.94
C ALA E 146 -17.83 -23.45 3.17
N ASP E 147 -16.77 -23.95 3.82
CA ASP E 147 -15.60 -23.14 4.12
C ASP E 147 -14.94 -22.60 2.86
N ARG E 148 -14.88 -23.40 1.78
CA ARG E 148 -14.30 -22.91 0.54
C ARG E 148 -15.36 -22.13 -0.24
N LEU E 149 -15.55 -20.88 0.18
CA LEU E 149 -16.52 -19.95 -0.41
C LEU E 149 -15.97 -18.54 -0.19
N LYS E 150 -16.40 -17.56 -0.97
CA LYS E 150 -15.87 -16.22 -0.76
C LYS E 150 -16.70 -15.62 0.38
N PRO E 151 -16.05 -14.92 1.37
CA PRO E 151 -16.90 -14.30 2.41
C PRO E 151 -18.07 -13.46 1.84
N GLU E 152 -17.87 -12.86 0.66
CA GLU E 152 -18.88 -11.94 0.08
C GLU E 152 -20.14 -12.73 -0.30
N THR E 153 -20.01 -14.05 -0.49
CA THR E 153 -21.13 -14.86 -1.05
C THR E 153 -22.13 -15.21 0.06
N PHE E 154 -21.71 -15.08 1.33
CA PHE E 154 -22.56 -15.44 2.48
C PHE E 154 -23.75 -14.48 2.55
N ALA E 155 -23.60 -13.28 1.99
CA ALA E 155 -24.73 -12.34 1.80
C ALA E 155 -25.85 -12.88 0.91
N ASP E 156 -25.50 -13.65 -0.13
CA ASP E 156 -26.49 -14.15 -1.11
C ASP E 156 -27.19 -15.38 -0.50
N VAL E 157 -26.43 -16.13 0.30
CA VAL E 157 -26.94 -17.28 1.09
C VAL E 157 -27.92 -16.77 2.14
N ARG E 158 -27.60 -15.69 2.87
CA ARG E 158 -28.54 -15.19 3.91
C ARG E 158 -29.84 -14.70 3.25
N ASP E 159 -29.69 -14.02 2.10
CA ASP E 159 -30.82 -13.45 1.32
C ASP E 159 -31.80 -14.57 0.97
N ILE E 160 -31.26 -15.70 0.48
CA ILE E 160 -32.10 -16.87 0.09
C ILE E 160 -32.81 -17.37 1.35
N ALA E 161 -32.04 -17.56 2.42
CA ALA E 161 -32.55 -18.13 3.69
C ALA E 161 -33.61 -17.19 4.27
N GLU E 162 -33.42 -15.88 4.08
CA GLU E 162 -34.30 -14.84 4.68
C GLU E 162 -35.57 -14.64 3.86
N ASP E 163 -35.42 -14.49 2.53
CA ASP E 163 -36.52 -14.11 1.60
C ASP E 163 -37.46 -15.30 1.34
N LEU E 164 -36.88 -16.51 1.23
CA LEU E 164 -37.66 -17.71 0.86
C LEU E 164 -37.75 -18.65 2.07
N GLY E 165 -38.84 -19.42 2.17
CA GLY E 165 -39.06 -20.39 3.25
C GLY E 165 -38.16 -21.60 3.08
N ILE E 166 -36.84 -21.38 3.07
CA ILE E 166 -35.83 -22.44 2.77
C ILE E 166 -34.82 -22.54 3.92
N ALA E 167 -34.56 -23.78 4.37
CA ALA E 167 -33.48 -24.07 5.34
C ALA E 167 -32.16 -24.33 4.62
N VAL E 168 -31.03 -23.87 5.17
CA VAL E 168 -29.71 -24.10 4.58
C VAL E 168 -28.80 -24.82 5.59
N VAL E 169 -28.44 -26.08 5.33
CA VAL E 169 -27.60 -26.89 6.24
C VAL E 169 -26.15 -26.49 6.55
N LEU E 170 -25.39 -26.01 5.56
CA LEU E 170 -23.98 -25.59 5.74
C LEU E 170 -23.04 -26.65 6.37
N VAL E 171 -23.06 -27.88 5.84
CA VAL E 171 -22.21 -28.96 6.36
C VAL E 171 -20.70 -28.67 6.21
N GLY E 172 -19.90 -28.97 7.25
CA GLY E 172 -18.47 -28.74 7.17
C GLY E 172 -17.60 -29.31 8.29
N THR E 173 -16.30 -29.15 8.11
CA THR E 173 -15.26 -29.59 9.05
C THR E 173 -15.04 -28.54 10.17
N ASP E 174 -14.10 -28.80 11.08
CA ASP E 174 -13.81 -27.89 12.20
C ASP E 174 -13.39 -26.49 11.76
N ARG E 175 -12.65 -26.41 10.65
CA ARG E 175 -12.19 -25.14 10.06
C ARG E 175 -13.31 -24.15 9.70
N LEU E 176 -14.49 -24.66 9.35
CA LEU E 176 -15.67 -23.83 8.99
C LEU E 176 -16.02 -22.85 10.13
N ASP E 177 -15.94 -23.31 11.38
CA ASP E 177 -16.27 -22.49 12.58
C ASP E 177 -15.35 -21.27 12.64
N ALA E 178 -14.08 -21.44 12.26
CA ALA E 178 -13.12 -20.31 12.21
C ALA E 178 -13.56 -19.27 11.16
N VAL E 179 -14.17 -19.74 10.06
CA VAL E 179 -14.67 -18.84 8.99
C VAL E 179 -15.97 -18.17 9.44
N ILE E 180 -16.90 -18.95 10.00
CA ILE E 180 -18.24 -18.44 10.40
C ILE E 180 -18.10 -17.29 11.42
N LYS E 181 -17.21 -17.46 12.40
CA LYS E 181 -17.06 -16.48 13.52
C LYS E 181 -16.46 -15.17 13.01
N ARG E 182 -16.12 -15.07 11.72
CA ARG E 182 -15.55 -13.78 11.23
C ARG E 182 -16.66 -12.80 10.85
N ASP E 183 -17.92 -13.24 10.84
CA ASP E 183 -19.05 -12.38 10.39
C ASP E 183 -20.22 -12.51 11.38
N GLU E 184 -20.56 -11.43 12.09
CA GLU E 184 -21.55 -11.48 13.19
C GLU E 184 -22.87 -12.03 12.63
N GLN E 185 -23.31 -11.47 11.49
CA GLN E 185 -24.67 -11.72 10.93
C GLN E 185 -24.78 -13.19 10.51
N VAL E 186 -23.70 -13.77 10.02
CA VAL E 186 -23.72 -15.17 9.59
C VAL E 186 -23.69 -16.10 10.81
N LEU E 187 -22.86 -15.76 11.79
CA LEU E 187 -22.73 -16.58 12.98
C LEU E 187 -24.03 -16.69 13.78
N GLU E 188 -24.73 -15.58 13.93
CA GLU E 188 -25.99 -15.54 14.66
C GLU E 188 -27.10 -16.36 14.01
N ARG E 189 -27.19 -16.26 12.69
CA ARG E 189 -28.20 -16.96 11.90
C ARG E 189 -28.09 -18.49 11.93
N PHE E 190 -26.86 -18.98 11.95
CA PHE E 190 -26.60 -20.42 11.92
C PHE E 190 -26.14 -21.03 13.25
N ARG E 191 -26.63 -20.54 14.38
CA ARG E 191 -26.18 -21.04 15.69
C ARG E 191 -26.40 -22.54 16.02
N ALA E 192 -27.56 -23.11 15.70
CA ALA E 192 -27.83 -24.52 16.01
C ALA E 192 -26.87 -25.45 15.27
N HIS E 193 -26.39 -26.53 15.92
CA HIS E 193 -25.44 -27.42 15.22
C HIS E 193 -25.61 -28.90 15.60
N LEU E 194 -25.20 -29.82 14.71
CA LEU E 194 -25.10 -31.26 15.07
C LEU E 194 -23.62 -31.62 15.00
N ARG E 195 -23.10 -32.36 15.98
CA ARG E 195 -21.69 -32.71 16.00
C ARG E 195 -21.44 -34.13 15.50
N PHE E 196 -21.18 -34.28 14.20
CA PHE E 196 -20.90 -35.60 13.64
C PHE E 196 -19.62 -36.09 14.31
N GLY E 197 -19.58 -37.36 14.70
CA GLY E 197 -18.41 -37.89 15.36
C GLY E 197 -17.86 -39.17 14.77
N LYS E 198 -16.88 -39.74 15.45
CA LYS E 198 -16.22 -41.00 15.02
C LYS E 198 -16.75 -42.18 15.85
N LEU E 199 -16.32 -43.40 15.49
CA LEU E 199 -16.77 -44.64 16.19
C LEU E 199 -15.78 -45.05 17.28
N SER E 200 -16.30 -45.64 18.36
CA SER E 200 -15.48 -46.24 19.45
C SER E 200 -16.29 -47.32 20.16
N GLY E 201 -15.62 -48.21 20.91
CA GLY E 201 -16.33 -49.23 21.71
C GLY E 201 -17.09 -50.22 20.86
N GLU E 202 -18.20 -50.74 21.40
CA GLU E 202 -19.07 -51.77 20.76
C GLU E 202 -19.53 -51.33 19.37
N ASP E 203 -19.82 -50.03 19.20
CA ASP E 203 -20.33 -49.50 17.90
C ASP E 203 -19.34 -49.87 16.79
N PHE E 204 -18.05 -49.83 17.09
CA PHE E 204 -16.98 -50.17 16.11
C PHE E 204 -17.01 -51.67 15.81
N LYS E 205 -17.03 -52.50 16.85
CA LYS E 205 -17.08 -53.97 16.69
C LYS E 205 -18.29 -54.37 15.85
N ASN E 206 -19.46 -53.81 16.17
CA ASN E 206 -20.72 -54.13 15.43
C ASN E 206 -20.59 -53.65 13.97
N THR E 207 -19.95 -52.50 13.76
CA THR E 207 -19.73 -51.96 12.39
C THR E 207 -18.84 -52.91 11.58
N VAL E 208 -17.79 -53.46 12.22
CA VAL E 208 -16.90 -54.43 11.51
C VAL E 208 -17.71 -55.67 11.12
N GLU E 209 -18.55 -56.16 12.03
CA GLU E 209 -19.38 -57.36 11.75
C GLU E 209 -20.31 -57.04 10.57
N MET E 210 -20.96 -55.86 10.62
CA MET E 210 -21.84 -55.38 9.52
C MET E 210 -21.03 -55.30 8.23
N TRP E 211 -19.83 -54.73 8.31
CA TRP E 211 -18.94 -54.55 7.12
C TRP E 211 -18.63 -55.87 6.41
N GLU E 212 -18.16 -56.87 7.16
CA GLU E 212 -17.85 -58.16 6.58
C GLU E 212 -19.11 -58.79 5.99
N GLN E 213 -20.20 -58.70 6.74
CA GLN E 213 -21.48 -59.28 6.32
C GLN E 213 -22.10 -58.68 5.05
N MET E 214 -22.08 -57.35 4.93
CA MET E 214 -22.70 -56.71 3.77
C MET E 214 -21.76 -56.25 2.67
N VAL E 215 -20.75 -55.48 3.04
CA VAL E 215 -19.79 -54.96 2.07
C VAL E 215 -18.94 -56.04 1.40
N LEU E 216 -18.52 -57.02 2.19
CA LEU E 216 -17.67 -58.09 1.67
C LEU E 216 -18.47 -59.35 1.26
N LYS E 217 -18.09 -59.96 0.14
CA LYS E 217 -18.75 -61.15 -0.37
C LYS E 217 -17.74 -62.24 -0.68
N LEU E 218 -16.67 -62.31 0.10
CA LEU E 218 -15.62 -63.29 -0.14
C LEU E 218 -16.16 -64.71 -0.03
N PRO E 219 -15.69 -65.63 -0.91
CA PRO E 219 -16.14 -67.03 -0.85
C PRO E 219 -16.06 -67.63 0.54
N VAL E 220 -15.02 -67.29 1.30
CA VAL E 220 -14.86 -67.84 2.68
C VAL E 220 -14.78 -66.66 3.65
N SER E 221 -15.52 -66.78 4.77
CA SER E 221 -15.58 -65.78 5.88
C SER E 221 -14.22 -65.53 6.51
N SER E 222 -13.95 -64.26 6.87
CA SER E 222 -12.67 -63.83 7.49
C SER E 222 -12.80 -63.73 9.01
N ASN E 223 -14.03 -63.63 9.54
CA ASN E 223 -14.23 -63.56 11.01
C ASN E 223 -13.49 -62.34 11.58
N LEU E 224 -13.69 -61.17 10.97
CA LEU E 224 -12.94 -59.93 11.33
C LEU E 224 -13.34 -59.42 12.72
N LYS E 225 -14.40 -59.97 13.30
CA LYS E 225 -14.88 -59.54 14.65
C LYS E 225 -13.93 -60.09 15.71
N SER E 226 -13.20 -61.17 15.40
CA SER E 226 -12.29 -61.81 16.34
C SER E 226 -11.30 -60.81 16.94
N LYS E 227 -11.00 -60.93 18.24
CA LYS E 227 -10.13 -59.99 18.94
C LYS E 227 -8.72 -59.87 18.39
N GLU E 228 -8.12 -61.00 18.01
CA GLU E 228 -6.76 -61.00 17.47
C GLU E 228 -6.56 -60.05 16.28
N MET E 229 -7.59 -59.92 15.45
CA MET E 229 -7.54 -59.07 14.24
C MET E 229 -8.27 -57.74 14.47
N LEU E 230 -9.24 -57.72 15.39
CA LEU E 230 -10.03 -56.51 15.73
C LEU E 230 -9.12 -55.46 16.39
N ARG E 231 -8.14 -55.90 17.18
CA ARG E 231 -7.18 -54.97 17.82
C ARG E 231 -6.34 -54.29 16.72
N ILE E 232 -6.10 -55.03 15.63
CA ILE E 232 -5.30 -54.54 14.47
C ILE E 232 -6.13 -53.51 13.70
N LEU E 233 -7.40 -53.85 13.42
CA LEU E 233 -8.33 -52.95 12.71
C LEU E 233 -8.54 -51.68 13.54
N THR E 234 -8.62 -51.85 14.87
CA THR E 234 -8.79 -50.70 15.81
C THR E 234 -7.56 -49.76 15.74
N SER E 235 -6.35 -50.32 15.79
CA SER E 235 -5.11 -49.49 15.79
C SER E 235 -4.97 -48.80 14.43
N ALA E 236 -5.31 -49.52 13.37
CA ALA E 236 -5.17 -49.04 11.97
C ALA E 236 -6.26 -48.00 11.69
N THR E 237 -7.45 -48.16 12.29
CA THR E 237 -8.63 -47.33 11.93
C THR E 237 -8.79 -46.09 12.82
N GLU E 238 -8.53 -46.21 14.13
CA GLU E 238 -8.65 -45.09 15.10
C GLU E 238 -10.08 -44.52 15.08
N GLY E 239 -11.07 -45.34 14.71
CA GLY E 239 -12.50 -44.97 14.75
C GLY E 239 -13.02 -44.25 13.51
N TYR E 240 -12.18 -44.03 12.50
CA TYR E 240 -12.59 -43.29 11.29
C TYR E 240 -13.21 -44.27 10.27
N ILE E 241 -14.48 -44.06 9.90
CA ILE E 241 -15.18 -45.05 9.02
C ILE E 241 -14.42 -45.04 7.69
N GLY E 242 -13.86 -43.88 7.29
CA GLY E 242 -13.07 -43.82 6.04
C GLY E 242 -11.86 -44.73 6.07
N ARG E 243 -11.24 -44.93 7.23
CA ARG E 243 -10.03 -45.78 7.21
C ARG E 243 -10.46 -47.25 7.20
N LEU E 244 -11.50 -47.59 7.98
CA LEU E 244 -11.99 -48.99 8.03
C LEU E 244 -12.32 -49.42 6.62
N ASP E 245 -12.99 -48.54 5.86
CA ASP E 245 -13.31 -48.81 4.44
C ASP E 245 -12.03 -49.13 3.66
N GLU E 246 -11.01 -48.26 3.75
CA GLU E 246 -9.77 -48.40 2.94
C GLU E 246 -9.03 -49.70 3.30
N ILE E 247 -8.89 -49.94 4.60
CA ILE E 247 -8.02 -51.03 5.14
C ILE E 247 -8.62 -52.35 4.63
N LEU E 248 -9.93 -52.55 4.83
CA LEU E 248 -10.63 -53.80 4.46
C LEU E 248 -10.84 -53.95 2.95
N ARG E 249 -11.14 -52.85 2.25
CA ARG E 249 -11.35 -52.87 0.77
C ARG E 249 -10.05 -53.19 -0.01
N GLU E 250 -8.92 -52.61 0.41
CA GLU E 250 -7.61 -52.93 -0.22
C GLU E 250 -7.17 -54.35 0.16
N ALA E 251 -7.34 -54.72 1.43
CA ALA E 251 -6.97 -56.08 1.91
C ALA E 251 -7.73 -57.17 1.15
N ALA E 252 -9.02 -56.93 0.86
CA ALA E 252 -9.83 -57.90 0.09
C ALA E 252 -9.27 -58.06 -1.34
N ILE E 253 -8.93 -56.95 -2.01
CA ILE E 253 -8.39 -57.04 -3.40
C ILE E 253 -7.01 -57.70 -3.38
N ARG E 254 -6.15 -57.29 -2.44
CA ARG E 254 -4.77 -57.84 -2.31
C ARG E 254 -4.83 -59.35 -1.99
N SER E 255 -5.81 -59.76 -1.18
CA SER E 255 -5.97 -61.19 -0.80
C SER E 255 -6.42 -62.03 -1.99
N LEU E 256 -7.45 -61.58 -2.71
CA LEU E 256 -8.00 -62.31 -3.88
C LEU E 256 -6.92 -62.41 -4.96
N SER E 257 -6.08 -61.38 -5.09
CA SER E 257 -5.05 -61.30 -6.15
C SER E 257 -3.99 -62.37 -5.91
N ARG E 258 -3.95 -62.91 -4.68
CA ARG E 258 -2.97 -63.95 -4.29
C ARG E 258 -3.62 -65.34 -4.38
N GLY E 259 -4.89 -65.39 -4.79
CA GLY E 259 -5.64 -66.66 -4.90
C GLY E 259 -6.26 -67.09 -3.59
N LEU E 260 -6.38 -66.17 -2.62
CA LEU E 260 -6.98 -66.50 -1.32
C LEU E 260 -8.51 -66.37 -1.41
N LYS E 261 -9.25 -67.07 -0.56
CA LYS E 261 -10.73 -66.98 -0.53
C LYS E 261 -11.18 -66.10 0.65
N LYS E 262 -10.21 -65.63 1.44
CA LYS E 262 -10.51 -64.81 2.65
C LYS E 262 -9.33 -63.88 2.93
N ILE E 263 -9.49 -62.94 3.86
CA ILE E 263 -8.37 -62.04 4.25
C ILE E 263 -7.60 -62.67 5.42
N ASP E 264 -6.31 -62.93 5.23
CA ASP E 264 -5.42 -63.51 6.27
C ASP E 264 -4.96 -62.39 7.23
N LYS E 265 -4.70 -62.74 8.49
CA LYS E 265 -4.17 -61.77 9.48
C LYS E 265 -2.93 -61.09 8.88
N ALA E 266 -2.11 -61.88 8.17
CA ALA E 266 -0.84 -61.37 7.59
C ALA E 266 -1.14 -60.22 6.62
N VAL E 267 -2.28 -60.27 5.93
CA VAL E 267 -2.63 -59.24 4.91
C VAL E 267 -3.04 -57.95 5.65
N LEU E 268 -3.85 -58.10 6.70
CA LEU E 268 -4.32 -56.94 7.49
C LEU E 268 -3.10 -56.23 8.09
N GLN E 269 -2.12 -57.01 8.56
CA GLN E 269 -0.87 -56.44 9.15
C GLN E 269 -0.07 -55.73 8.06
N GLU E 270 0.09 -56.39 6.91
CA GLU E 270 0.89 -55.86 5.77
C GLU E 270 0.29 -54.52 5.35
N VAL E 271 -1.04 -54.44 5.22
CA VAL E 271 -1.71 -53.17 4.81
C VAL E 271 -1.58 -52.12 5.93
N ALA E 272 -1.80 -52.52 7.18
CA ALA E 272 -1.76 -51.56 8.30
C ALA E 272 -0.39 -50.89 8.37
N LYS E 273 0.68 -51.63 8.04
CA LYS E 273 2.07 -51.12 8.14
C LYS E 273 2.27 -49.93 7.19
N GLU E 274 1.41 -49.78 6.18
CA GLU E 274 1.58 -48.72 5.16
C GLU E 274 1.02 -47.39 5.68
N TYR E 275 0.30 -47.43 6.80
CA TYR E 275 -0.34 -46.22 7.36
C TYR E 275 0.49 -45.68 8.53
N GLU F 19 -56.09 -31.89 8.40
CA GLU F 19 -55.42 -32.42 9.62
C GLU F 19 -55.10 -31.25 10.56
N TRP F 20 -55.62 -31.29 11.78
CA TRP F 20 -55.43 -30.18 12.76
C TRP F 20 -53.93 -29.95 12.99
N LEU F 21 -53.16 -31.04 13.16
CA LEU F 21 -51.73 -30.94 13.51
C LEU F 21 -50.99 -30.17 12.41
N GLN F 22 -51.26 -30.51 11.13
CA GLN F 22 -50.56 -29.87 9.99
C GLN F 22 -50.98 -28.40 9.87
N ALA F 23 -52.25 -28.09 10.17
CA ALA F 23 -52.74 -26.70 10.10
C ALA F 23 -51.96 -25.83 11.10
N GLU F 24 -51.71 -26.36 12.29
CA GLU F 24 -50.99 -25.62 13.37
C GLU F 24 -49.50 -25.50 13.02
N ILE F 25 -48.92 -26.56 12.45
CA ILE F 25 -47.48 -26.52 12.02
C ILE F 25 -47.32 -25.50 10.87
N ALA F 26 -48.23 -25.52 9.89
CA ALA F 26 -48.15 -24.55 8.77
C ALA F 26 -48.25 -23.12 9.31
N ARG F 27 -49.04 -22.92 10.38
CA ARG F 27 -49.13 -21.59 11.05
C ARG F 27 -47.83 -21.28 11.82
N LEU F 28 -47.37 -22.22 12.65
CA LEU F 28 -46.25 -21.96 13.59
C LEU F 28 -44.97 -21.64 12.81
N LYS F 29 -44.78 -22.28 11.66
CA LYS F 29 -43.54 -22.14 10.85
C LYS F 29 -43.51 -20.74 10.22
N GLY F 30 -44.64 -20.03 10.27
CA GLY F 30 -44.79 -18.69 9.66
C GLY F 30 -44.25 -17.61 10.57
N LYS F 31 -44.40 -16.34 10.16
CA LYS F 31 -43.86 -15.20 10.94
C LYS F 31 -44.98 -14.18 11.20
N SER F 32 -44.82 -13.36 12.24
CA SER F 32 -45.77 -12.26 12.53
C SER F 32 -45.03 -11.14 13.28
N ILE F 33 -45.66 -9.98 13.39
CA ILE F 33 -45.07 -8.79 14.08
C ILE F 33 -45.72 -8.65 15.47
N VAL F 34 -44.90 -8.66 16.52
CA VAL F 34 -45.42 -8.49 17.91
C VAL F 34 -45.07 -7.06 18.38
N PRO F 35 -46.06 -6.27 18.87
CA PRO F 35 -45.77 -4.92 19.38
C PRO F 35 -44.77 -5.01 20.53
N LEU F 36 -43.75 -4.14 20.52
CA LEU F 36 -42.74 -4.10 21.62
C LEU F 36 -42.37 -2.64 21.91
N GLN F 37 -41.84 -2.39 23.11
CA GLN F 37 -41.43 -1.02 23.52
C GLN F 37 -40.38 -0.47 22.55
N GLN F 38 -39.47 -1.33 22.09
CA GLN F 38 -38.35 -0.92 21.20
C GLN F 38 -38.90 -0.49 19.84
N VAL F 39 -39.97 -1.13 19.37
CA VAL F 39 -40.54 -0.84 18.03
C VAL F 39 -41.24 0.52 18.07
N LYS F 40 -42.07 0.75 19.10
CA LYS F 40 -42.78 2.05 19.25
C LYS F 40 -41.76 3.17 19.38
N THR F 41 -40.68 2.95 20.15
CA THR F 41 -39.63 3.97 20.36
C THR F 41 -39.04 4.40 19.02
N LEU F 42 -38.72 3.43 18.15
CA LEU F 42 -38.13 3.74 16.82
C LEU F 42 -39.14 4.53 15.98
N HIS F 43 -40.40 4.12 15.99
CA HIS F 43 -41.45 4.73 15.12
C HIS F 43 -41.64 6.20 15.49
N ASP F 44 -41.63 6.52 16.79
CA ASP F 44 -41.82 7.92 17.27
C ASP F 44 -40.60 8.75 16.87
N TRP F 45 -39.40 8.15 16.98
CA TRP F 45 -38.10 8.78 16.64
C TRP F 45 -38.03 9.08 15.14
N LEU F 46 -38.39 8.09 14.31
CA LEU F 46 -38.32 8.26 12.83
C LEU F 46 -39.32 9.36 12.42
N ASP F 47 -40.49 9.38 13.09
CA ASP F 47 -41.55 10.38 12.82
C ASP F 47 -41.00 11.81 13.01
N GLY F 48 -40.21 12.02 14.06
CA GLY F 48 -39.53 13.32 14.26
C GLY F 48 -38.57 13.65 13.13
N LYS F 49 -37.72 12.70 12.73
CA LYS F 49 -36.73 12.94 11.65
C LYS F 49 -37.47 13.21 10.34
N ARG F 50 -38.62 12.54 10.13
CA ARG F 50 -39.43 12.70 8.89
C ARG F 50 -39.92 14.16 8.78
N LYS F 51 -40.47 14.70 9.87
CA LYS F 51 -41.06 16.07 9.87
C LYS F 51 -39.95 17.10 9.63
N ALA F 52 -38.79 16.88 10.26
CA ALA F 52 -37.63 17.80 10.24
C ALA F 52 -36.79 17.61 8.96
N ARG F 53 -37.09 16.55 8.21
CA ARG F 53 -36.31 16.11 7.02
C ARG F 53 -34.83 15.94 7.42
N LYS F 54 -34.56 15.36 8.59
CA LYS F 54 -33.19 15.28 9.07
C LYS F 54 -32.50 13.95 8.80
N SER F 55 -31.24 14.00 8.36
CA SER F 55 -30.49 12.78 8.11
C SER F 55 -30.24 12.16 9.49
N CYS F 56 -30.29 10.84 9.58
CA CYS F 56 -30.13 10.14 10.84
C CYS F 56 -29.43 8.81 10.58
N ARG F 57 -29.10 8.08 11.64
CA ARG F 57 -28.49 6.77 11.50
C ARG F 57 -29.09 5.77 12.50
N VAL F 58 -29.34 4.53 12.08
CA VAL F 58 -29.88 3.53 12.99
C VAL F 58 -28.89 2.37 13.07
N VAL F 59 -28.39 2.05 14.28
CA VAL F 59 -27.42 0.97 14.44
C VAL F 59 -27.82 0.09 15.61
N GLY F 60 -27.43 -1.25 15.65
CA GLY F 60 -27.64 -2.18 16.77
C GLY F 60 -27.02 -3.53 16.44
N GLU F 61 -27.22 -4.50 17.34
CA GLU F 61 -26.63 -5.86 17.17
C GLU F 61 -27.55 -6.70 16.28
N SER F 62 -27.04 -7.81 15.74
CA SER F 62 -27.84 -8.67 14.88
C SER F 62 -28.95 -9.41 15.66
N ARG F 63 -30.02 -9.76 14.93
CA ARG F 63 -31.22 -10.45 15.48
C ARG F 63 -31.76 -9.70 16.71
N THR F 64 -32.34 -8.50 16.52
CA THR F 64 -32.84 -7.74 17.68
C THR F 64 -34.02 -6.80 17.34
N GLY F 65 -35.06 -7.28 16.65
CA GLY F 65 -36.20 -6.38 16.41
C GLY F 65 -36.18 -5.20 15.43
N LYS F 66 -35.20 -5.19 14.51
CA LYS F 66 -34.95 -4.07 13.61
C LYS F 66 -35.57 -4.11 12.22
N THR F 67 -35.43 -5.24 11.51
CA THR F 67 -36.01 -5.36 10.18
C THR F 67 -37.53 -5.30 10.30
N VAL F 68 -38.05 -5.98 11.30
CA VAL F 68 -39.48 -6.00 11.57
C VAL F 68 -39.97 -4.60 11.92
N ALA F 69 -39.18 -3.87 12.72
CA ALA F 69 -39.57 -2.52 13.09
C ALA F 69 -39.60 -1.65 11.86
N CYS F 70 -38.58 -1.75 11.02
CA CYS F 70 -38.60 -0.87 9.81
C CYS F 70 -39.79 -1.26 8.91
N ASP F 71 -40.04 -2.57 8.74
CA ASP F 71 -41.22 -3.04 7.95
C ASP F 71 -42.51 -2.51 8.59
N ALA F 72 -42.62 -2.61 9.91
CA ALA F 72 -43.84 -2.18 10.63
C ALA F 72 -44.11 -0.69 10.39
N TYR F 73 -43.04 0.11 10.37
CA TYR F 73 -43.14 1.57 10.10
C TYR F 73 -43.75 1.86 8.72
N ARG F 74 -43.31 1.15 7.68
CA ARG F 74 -43.86 1.36 6.34
C ARG F 74 -45.35 1.05 6.36
N TYR F 75 -45.71 0.00 7.10
CA TYR F 75 -47.09 -0.44 7.25
C TYR F 75 -47.93 0.63 7.95
N ARG F 76 -47.33 1.30 8.93
CA ARG F 76 -48.00 2.35 9.70
C ARG F 76 -48.46 3.51 8.82
N HIS F 77 -47.66 3.87 7.82
CA HIS F 77 -48.01 4.97 6.94
C HIS F 77 -47.98 4.50 5.49
N LYS F 78 -49.03 3.78 5.10
CA LYS F 78 -49.16 3.25 3.76
C LYS F 78 -49.44 4.34 2.71
N PRO F 79 -49.06 4.11 1.45
CA PRO F 79 -49.31 5.09 0.37
C PRO F 79 -50.78 5.48 0.20
N GLN F 80 -51.02 6.70 -0.27
CA GLN F 80 -52.38 7.18 -0.47
C GLN F 80 -52.68 7.29 -1.96
N GLN F 81 -53.80 6.72 -2.42
CA GLN F 81 -54.15 6.77 -3.83
C GLN F 81 -55.59 7.23 -3.99
N GLU F 82 -55.83 8.50 -3.71
CA GLU F 82 -57.17 9.08 -3.79
C GLU F 82 -57.42 9.82 -5.11
N ALA F 83 -56.45 9.80 -6.03
CA ALA F 83 -56.61 10.52 -7.29
C ALA F 83 -55.91 9.87 -8.48
N GLY F 84 -56.32 10.29 -9.71
CA GLY F 84 -55.81 9.88 -11.02
C GLY F 84 -54.31 10.00 -11.23
N ARG F 85 -53.62 10.79 -10.40
CA ARG F 85 -52.15 10.98 -10.41
C ARG F 85 -51.46 9.74 -9.80
N PRO F 86 -50.12 9.57 -9.98
CA PRO F 86 -49.39 8.44 -9.38
C PRO F 86 -49.62 8.37 -7.86
N PRO F 87 -49.52 7.18 -7.24
CA PRO F 87 -49.74 7.03 -5.80
C PRO F 87 -48.82 7.95 -5.00
N THR F 88 -49.35 8.57 -3.94
CA THR F 88 -48.55 9.46 -3.06
C THR F 88 -47.78 8.61 -2.06
N VAL F 89 -46.66 8.01 -2.44
CA VAL F 89 -45.90 7.16 -1.53
C VAL F 89 -44.95 7.95 -0.57
N PRO F 90 -45.35 8.10 0.72
CA PRO F 90 -44.50 8.87 1.65
C PRO F 90 -43.16 8.25 2.03
N VAL F 91 -43.10 6.95 2.27
CA VAL F 91 -41.87 6.32 2.71
C VAL F 91 -41.38 5.21 1.77
N VAL F 92 -40.09 5.21 1.42
CA VAL F 92 -39.51 4.16 0.54
C VAL F 92 -38.56 3.29 1.36
N TYR F 93 -38.75 1.97 1.31
CA TYR F 93 -37.83 1.04 2.01
C TYR F 93 -37.21 0.09 0.97
N ILE F 94 -35.87 0.07 0.94
CA ILE F 94 -35.12 -0.83 0.01
C ILE F 94 -34.03 -1.54 0.80
N ARG F 95 -33.60 -2.71 0.32
CA ARG F 95 -32.41 -3.43 0.88
C ARG F 95 -31.44 -3.78 -0.25
N PRO F 96 -30.35 -3.03 -0.44
CA PRO F 96 -29.40 -3.27 -1.54
C PRO F 96 -28.79 -4.67 -1.56
N HIS F 97 -28.51 -5.18 -2.76
CA HIS F 97 -27.83 -6.48 -2.96
C HIS F 97 -26.34 -6.33 -2.62
N GLN F 98 -25.58 -7.41 -2.69
CA GLN F 98 -24.15 -7.37 -2.31
C GLN F 98 -23.34 -6.55 -3.30
N LYS F 99 -22.39 -5.75 -2.78
CA LYS F 99 -21.53 -4.87 -3.62
C LYS F 99 -22.43 -4.13 -4.61
N CYS F 100 -23.50 -3.52 -4.08
CA CYS F 100 -24.45 -2.69 -4.87
C CYS F 100 -23.75 -1.46 -5.45
N GLY F 101 -23.90 -1.30 -6.76
CA GLY F 101 -23.29 -0.21 -7.55
C GLY F 101 -24.32 0.86 -7.82
N PRO F 102 -23.98 1.98 -8.47
CA PRO F 102 -24.96 3.03 -8.74
C PRO F 102 -26.12 2.75 -9.71
N LYS F 103 -26.04 1.76 -10.61
CA LYS F 103 -27.19 1.39 -11.50
C LYS F 103 -28.26 0.60 -10.74
N ASP F 104 -27.80 -0.18 -9.75
CA ASP F 104 -28.63 -1.13 -8.95
C ASP F 104 -29.45 -0.38 -7.89
N LEU F 105 -28.85 0.65 -7.25
CA LEU F 105 -29.53 1.48 -6.23
C LEU F 105 -30.72 2.18 -6.89
N PHE F 106 -30.50 2.76 -8.07
CA PHE F 106 -31.54 3.52 -8.81
C PHE F 106 -32.64 2.59 -9.29
N LYS F 107 -32.26 1.42 -9.82
CA LYS F 107 -33.22 0.41 -10.34
C LYS F 107 -34.21 0.02 -9.24
N LYS F 108 -33.69 -0.31 -8.05
CA LYS F 108 -34.50 -0.83 -6.93
C LYS F 108 -35.43 0.26 -6.38
N ILE F 109 -34.96 1.52 -6.34
CA ILE F 109 -35.84 2.64 -5.86
C ILE F 109 -37.03 2.81 -6.81
N THR F 110 -36.72 2.79 -8.12
CA THR F 110 -37.70 2.98 -9.21
C THR F 110 -38.73 1.84 -9.21
N GLU F 111 -38.30 0.60 -9.05
CA GLU F 111 -39.24 -0.56 -9.06
C GLU F 111 -40.17 -0.49 -7.85
N TYR F 112 -39.61 -0.09 -6.70
CA TYR F 112 -40.37 0.01 -5.43
C TYR F 112 -41.60 0.90 -5.63
N LEU F 113 -41.40 2.02 -6.32
CA LEU F 113 -42.46 3.04 -6.61
C LEU F 113 -43.36 2.57 -7.76
N LYS F 114 -43.15 1.34 -8.24
CA LYS F 114 -43.95 0.68 -9.33
C LYS F 114 -43.73 1.29 -10.72
N TYR F 115 -42.52 1.74 -11.07
CA TYR F 115 -42.23 2.12 -12.47
C TYR F 115 -41.33 1.06 -13.08
N ARG F 116 -41.49 0.79 -14.39
CA ARG F 116 -40.63 -0.20 -15.09
C ARG F 116 -39.35 0.54 -15.51
N VAL F 117 -38.18 -0.08 -15.35
CA VAL F 117 -36.93 0.59 -15.82
C VAL F 117 -36.60 0.15 -17.25
N THR F 118 -36.39 1.13 -18.14
CA THR F 118 -36.11 0.85 -19.58
C THR F 118 -34.60 0.62 -19.74
N LYS F 119 -34.17 0.08 -20.88
CA LYS F 119 -32.71 -0.12 -21.08
C LYS F 119 -32.05 1.25 -21.24
N GLY F 120 -30.87 1.42 -20.62
CA GLY F 120 -30.11 2.68 -20.71
C GLY F 120 -28.93 2.69 -19.76
N THR F 121 -28.25 3.83 -19.64
CA THR F 121 -27.07 3.99 -18.75
C THR F 121 -27.44 4.65 -17.41
N VAL F 122 -26.57 4.63 -16.40
CA VAL F 122 -26.85 5.28 -15.12
C VAL F 122 -27.22 6.77 -15.19
N SER F 123 -26.53 7.56 -16.02
CA SER F 123 -26.82 8.99 -16.14
C SER F 123 -28.24 9.35 -16.59
N ASP F 124 -28.77 8.67 -17.61
CA ASP F 124 -30.15 8.87 -18.04
C ASP F 124 -31.06 8.37 -16.93
N PHE F 125 -30.58 7.31 -16.29
CA PHE F 125 -31.29 6.75 -15.18
C PHE F 125 -31.25 7.67 -13.96
N ARG F 126 -30.25 8.54 -13.88
CA ARG F 126 -30.16 9.47 -12.76
C ARG F 126 -31.40 10.39 -12.78
N ASP F 127 -31.77 10.84 -13.98
CA ASP F 127 -32.93 11.68 -14.15
C ASP F 127 -34.27 10.95 -13.97
N ARG F 128 -34.41 9.70 -14.41
CA ARG F 128 -35.74 9.07 -14.27
C ARG F 128 -36.05 8.85 -12.79
N THR F 129 -35.04 8.43 -12.01
CA THR F 129 -35.20 8.23 -10.54
C THR F 129 -35.64 9.54 -9.89
N ILE F 130 -34.99 10.65 -10.25
CA ILE F 130 -35.34 11.99 -9.69
C ILE F 130 -36.79 12.33 -10.03
N GLU F 131 -37.20 12.06 -11.28
CA GLU F 131 -38.57 12.38 -11.76
C GLU F 131 -39.62 11.65 -10.92
N VAL F 132 -39.35 10.40 -10.52
CA VAL F 132 -40.37 9.57 -9.80
C VAL F 132 -40.21 9.75 -8.28
N LEU F 133 -39.04 10.20 -7.82
CA LEU F 133 -38.87 10.62 -6.41
C LEU F 133 -39.72 11.87 -6.20
N LYS F 134 -39.78 12.72 -7.23
CA LYS F 134 -40.71 13.90 -7.27
C LYS F 134 -42.11 13.44 -7.65
N GLY F 135 -43.12 14.31 -7.44
CA GLY F 135 -44.50 13.96 -7.81
C GLY F 135 -45.12 13.16 -6.67
N CYS F 136 -44.55 11.99 -6.33
CA CYS F 136 -44.90 11.27 -5.10
C CYS F 136 -44.23 12.01 -3.96
N GLY F 137 -44.74 11.99 -2.75
CA GLY F 137 -44.05 12.72 -1.71
C GLY F 137 -42.66 12.21 -1.42
N VAL F 138 -42.51 10.91 -1.18
CA VAL F 138 -41.22 10.31 -0.87
C VAL F 138 -40.45 11.13 0.17
N GLU F 139 -41.08 11.39 1.30
CA GLU F 139 -40.46 12.16 2.38
C GLU F 139 -39.30 11.47 3.04
N MET F 140 -39.31 10.14 3.07
CA MET F 140 -38.24 9.40 3.71
C MET F 140 -37.73 8.22 2.88
N LEU F 141 -36.44 7.94 2.92
CA LEU F 141 -35.87 6.75 2.25
C LEU F 141 -35.11 5.92 3.30
N ILE F 142 -35.54 4.67 3.52
CA ILE F 142 -34.84 3.79 4.50
C ILE F 142 -33.98 2.77 3.75
N ILE F 143 -32.65 2.85 3.86
CA ILE F 143 -31.76 1.91 3.19
C ILE F 143 -31.20 0.92 4.20
N ASP F 144 -31.82 -0.24 4.32
CA ASP F 144 -31.37 -1.27 5.25
C ASP F 144 -30.06 -1.87 4.77
N GLU F 145 -29.24 -2.36 5.72
CA GLU F 145 -27.95 -2.97 5.40
C GLU F 145 -27.13 -2.05 4.51
N ALA F 146 -26.90 -0.84 5.01
CA ALA F 146 -26.15 0.21 4.32
C ALA F 146 -24.69 -0.17 4.03
N ASP F 147 -24.09 -1.00 4.88
CA ASP F 147 -22.71 -1.44 4.70
C ASP F 147 -22.49 -2.17 3.36
N ARG F 148 -23.47 -2.95 2.91
CA ARG F 148 -23.35 -3.64 1.62
C ARG F 148 -23.71 -2.65 0.52
N LEU F 149 -22.72 -1.83 0.15
CA LEU F 149 -22.87 -0.81 -0.88
C LEU F 149 -21.45 -0.44 -1.30
N LYS F 150 -21.24 -0.14 -2.58
CA LYS F 150 -19.87 0.22 -3.03
C LYS F 150 -19.70 1.64 -2.47
N PRO F 151 -18.51 2.02 -1.94
CA PRO F 151 -18.28 3.38 -1.44
C PRO F 151 -18.66 4.47 -2.45
N GLU F 152 -18.54 4.19 -3.75
CA GLU F 152 -18.78 5.22 -4.81
C GLU F 152 -20.26 5.62 -4.81
N THR F 153 -21.13 4.76 -4.28
CA THR F 153 -22.61 4.97 -4.41
C THR F 153 -23.09 5.97 -3.36
N PHE F 154 -22.28 6.21 -2.32
CA PHE F 154 -22.66 7.12 -1.21
C PHE F 154 -22.75 8.55 -1.75
N ALA F 155 -22.05 8.85 -2.84
CA ALA F 155 -22.20 10.13 -3.58
C ALA F 155 -23.62 10.35 -4.14
N ASP F 156 -24.27 9.27 -4.59
CA ASP F 156 -25.61 9.39 -5.23
C ASP F 156 -26.67 9.52 -4.14
N VAL F 157 -26.39 8.86 -3.01
CA VAL F 157 -27.23 8.95 -1.78
C VAL F 157 -27.15 10.37 -1.23
N ARG F 158 -25.95 10.97 -1.15
CA ARG F 158 -25.84 12.36 -0.59
C ARG F 158 -26.58 13.34 -1.51
N ASP F 159 -26.44 13.13 -2.82
CA ASP F 159 -27.05 13.99 -3.87
C ASP F 159 -28.57 14.00 -3.66
N ILE F 160 -29.16 12.83 -3.45
CA ILE F 160 -30.63 12.70 -3.23
C ILE F 160 -30.98 13.46 -1.95
N ALA F 161 -30.23 13.21 -0.88
CA ALA F 161 -30.50 13.78 0.45
C ALA F 161 -30.32 15.31 0.38
N GLU F 162 -29.39 15.77 -0.46
CA GLU F 162 -29.04 17.21 -0.55
C GLU F 162 -30.02 17.97 -1.46
N ASP F 163 -30.30 17.41 -2.65
CA ASP F 163 -31.08 18.09 -3.72
C ASP F 163 -32.58 18.08 -3.39
N LEU F 164 -33.06 16.98 -2.82
CA LEU F 164 -34.52 16.79 -2.56
C LEU F 164 -34.77 16.84 -1.04
N GLY F 165 -35.96 17.30 -0.66
CA GLY F 165 -36.37 17.38 0.76
C GLY F 165 -36.68 16.00 1.31
N ILE F 166 -35.68 15.11 1.29
CA ILE F 166 -35.84 13.68 1.66
C ILE F 166 -34.85 13.30 2.77
N ALA F 167 -35.29 12.61 3.82
CA ALA F 167 -34.39 12.18 4.89
C ALA F 167 -34.01 10.71 4.69
N VAL F 168 -32.72 10.37 4.83
CA VAL F 168 -32.26 9.00 4.63
C VAL F 168 -31.80 8.33 5.93
N VAL F 169 -32.51 7.30 6.39
CA VAL F 169 -32.20 6.61 7.64
C VAL F 169 -30.88 5.80 7.76
N LEU F 170 -30.46 5.11 6.71
CA LEU F 170 -29.23 4.30 6.73
C LEU F 170 -29.08 3.26 7.86
N VAL F 171 -30.09 2.41 8.03
CA VAL F 171 -30.13 1.36 9.06
C VAL F 171 -29.03 0.30 8.90
N GLY F 172 -28.45 -0.18 10.01
CA GLY F 172 -27.41 -1.21 9.94
C GLY F 172 -26.89 -1.75 11.26
N THR F 173 -25.89 -2.63 11.16
CA THR F 173 -25.20 -3.27 12.28
C THR F 173 -23.95 -2.46 12.71
N ASP F 174 -23.20 -2.94 13.71
CA ASP F 174 -22.00 -2.25 14.21
C ASP F 174 -20.94 -2.01 13.15
N ARG F 175 -20.78 -2.96 12.22
CA ARG F 175 -19.84 -2.87 11.10
C ARG F 175 -20.01 -1.64 10.18
N LEU F 176 -21.24 -1.15 10.04
CA LEU F 176 -21.58 0.04 9.21
C LEU F 176 -20.72 1.25 9.64
N ASP F 177 -20.54 1.44 10.95
CA ASP F 177 -19.77 2.58 11.51
C ASP F 177 -18.32 2.54 11.01
N ALA F 178 -17.76 1.34 10.86
CA ALA F 178 -16.39 1.17 10.31
C ALA F 178 -16.36 1.65 8.85
N VAL F 179 -17.46 1.43 8.11
CA VAL F 179 -17.55 1.86 6.68
C VAL F 179 -17.77 3.38 6.63
N ILE F 180 -18.70 3.90 7.44
CA ILE F 180 -19.08 5.35 7.41
C ILE F 180 -17.86 6.23 7.69
N LYS F 181 -17.04 5.85 8.68
CA LYS F 181 -15.89 6.67 9.13
C LYS F 181 -14.79 6.71 8.05
N ARG F 182 -14.97 6.00 6.93
CA ARG F 182 -13.90 6.05 5.89
C ARG F 182 -14.09 7.25 4.96
N ASP F 183 -15.20 7.97 5.09
CA ASP F 183 -15.51 9.12 4.19
C ASP F 183 -16.01 10.32 5.00
N GLU F 184 -15.23 11.41 5.01
CA GLU F 184 -15.52 12.57 5.90
C GLU F 184 -16.94 13.07 5.60
N GLN F 185 -17.24 13.25 4.31
CA GLN F 185 -18.48 13.93 3.86
C GLN F 185 -19.71 13.10 4.25
N VAL F 186 -19.60 11.77 4.20
CA VAL F 186 -20.70 10.87 4.68
C VAL F 186 -20.80 10.90 6.22
N LEU F 187 -19.68 10.76 6.92
CA LEU F 187 -19.66 10.75 8.37
C LEU F 187 -20.38 11.95 9.00
N GLU F 188 -20.06 13.15 8.52
CA GLU F 188 -20.66 14.38 9.05
C GLU F 188 -22.17 14.49 8.84
N ARG F 189 -22.62 14.08 7.66
CA ARG F 189 -24.04 14.14 7.30
C ARG F 189 -24.97 13.26 8.14
N PHE F 190 -24.50 12.07 8.51
CA PHE F 190 -25.30 11.11 9.27
C PHE F 190 -24.94 10.92 10.74
N ARG F 191 -24.46 11.99 11.38
CA ARG F 191 -24.03 11.89 12.78
C ARG F 191 -25.11 11.47 13.79
N ALA F 192 -26.32 12.00 13.68
CA ALA F 192 -27.39 11.64 14.62
C ALA F 192 -27.67 10.14 14.55
N HIS F 193 -27.83 9.47 15.69
CA HIS F 193 -28.08 8.00 15.64
C HIS F 193 -29.05 7.51 16.72
N LEU F 194 -29.73 6.38 16.47
CA LEU F 194 -30.51 5.69 17.54
C LEU F 194 -29.81 4.35 17.78
N ARG F 195 -29.61 3.95 19.03
CA ARG F 195 -28.94 2.69 19.32
C ARG F 195 -29.93 1.58 19.65
N PHE F 196 -30.31 0.78 18.65
CA PHE F 196 -31.22 -0.32 18.90
C PHE F 196 -30.51 -1.30 19.83
N GLY F 197 -31.21 -1.84 20.82
CA GLY F 197 -30.58 -2.74 21.75
C GLY F 197 -31.29 -4.05 21.95
N LYS F 198 -30.79 -4.83 22.91
CA LYS F 198 -31.38 -6.16 23.25
C LYS F 198 -32.21 -6.05 24.53
N LEU F 199 -32.90 -7.15 24.89
CA LEU F 199 -33.78 -7.18 26.10
C LEU F 199 -33.02 -7.73 27.32
N SER F 200 -33.37 -7.23 28.50
CA SER F 200 -32.85 -7.73 29.80
C SER F 200 -33.86 -7.40 30.91
N GLY F 201 -33.77 -8.09 32.05
CA GLY F 201 -34.61 -7.77 33.21
C GLY F 201 -36.08 -8.04 32.95
N GLU F 202 -36.96 -7.26 33.60
CA GLU F 202 -38.45 -7.38 33.52
C GLU F 202 -38.94 -7.34 32.07
N ASP F 203 -38.31 -6.50 31.23
CA ASP F 203 -38.75 -6.34 29.81
C ASP F 203 -38.76 -7.72 29.14
N PHE F 204 -37.78 -8.57 29.47
CA PHE F 204 -37.67 -9.93 28.90
C PHE F 204 -38.81 -10.81 29.42
N LYS F 205 -39.01 -10.82 30.74
CA LYS F 205 -40.10 -11.62 31.36
C LYS F 205 -41.46 -11.23 30.77
N ASN F 206 -41.72 -9.92 30.64
CA ASN F 206 -43.01 -9.42 30.10
C ASN F 206 -43.12 -9.83 28.62
N THR F 207 -42.00 -9.80 27.89
CA THR F 207 -41.98 -10.22 26.46
C THR F 207 -42.34 -11.70 26.34
N VAL F 208 -41.81 -12.54 27.23
CA VAL F 208 -42.14 -14.00 27.21
C VAL F 208 -43.64 -14.18 27.47
N GLU F 209 -44.20 -13.44 28.43
CA GLU F 209 -45.65 -13.54 28.76
C GLU F 209 -46.45 -13.12 27.51
N MET F 210 -46.05 -12.03 26.87
CA MET F 210 -46.73 -11.54 25.68
C MET F 210 -46.59 -12.52 24.53
N TRP F 211 -45.39 -13.07 24.37
CA TRP F 211 -45.12 -14.00 23.29
C TRP F 211 -45.98 -15.25 23.41
N GLU F 212 -46.09 -15.78 24.63
CA GLU F 212 -46.90 -16.96 24.85
C GLU F 212 -48.35 -16.66 24.56
N GLN F 213 -48.81 -15.50 25.00
CA GLN F 213 -50.19 -15.08 24.80
C GLN F 213 -50.62 -14.84 23.35
N MET F 214 -49.78 -14.16 22.57
CA MET F 214 -50.13 -13.84 21.20
C MET F 214 -49.54 -14.79 20.16
N VAL F 215 -48.22 -14.94 20.18
CA VAL F 215 -47.53 -15.80 19.22
C VAL F 215 -47.93 -17.28 19.33
N LEU F 216 -48.13 -17.77 20.55
CA LEU F 216 -48.48 -19.17 20.74
C LEU F 216 -49.96 -19.33 21.14
N LYS F 217 -50.71 -20.17 20.41
CA LYS F 217 -52.13 -20.41 20.66
C LYS F 217 -52.40 -21.85 21.10
N LEU F 218 -51.36 -22.55 21.56
CA LEU F 218 -51.46 -23.95 22.01
C LEU F 218 -52.70 -24.30 22.85
N PRO F 219 -53.34 -25.48 22.56
CA PRO F 219 -54.54 -25.88 23.31
C PRO F 219 -54.42 -25.74 24.83
N VAL F 220 -53.27 -26.08 25.38
CA VAL F 220 -53.05 -25.96 26.85
C VAL F 220 -51.84 -25.03 27.07
N SER F 221 -52.00 -24.10 28.02
CA SER F 221 -50.98 -23.09 28.44
C SER F 221 -49.70 -23.76 28.95
N SER F 222 -48.55 -23.17 28.61
CA SER F 222 -47.21 -23.66 29.01
C SER F 222 -46.68 -22.93 30.25
N ASN F 223 -47.22 -21.74 30.56
CA ASN F 223 -46.77 -20.98 31.75
C ASN F 223 -45.27 -20.69 31.66
N LEU F 224 -44.82 -20.16 30.51
CA LEU F 224 -43.38 -19.94 30.23
C LEU F 224 -42.78 -18.84 31.12
N LYS F 225 -43.64 -18.08 31.81
CA LYS F 225 -43.18 -16.98 32.69
C LYS F 225 -42.55 -17.57 33.96
N SER F 226 -42.93 -18.81 34.31
CA SER F 226 -42.43 -19.48 35.52
C SER F 226 -40.90 -19.48 35.58
N LYS F 227 -40.33 -19.27 36.78
CA LYS F 227 -38.89 -19.15 36.95
C LYS F 227 -38.08 -20.39 36.53
N GLU F 228 -38.60 -21.57 36.82
CA GLU F 228 -37.92 -22.82 36.48
C GLU F 228 -37.58 -22.94 34.99
N MET F 229 -38.45 -22.40 34.14
CA MET F 229 -38.26 -22.47 32.66
C MET F 229 -37.76 -21.13 32.11
N LEU F 230 -38.05 -20.03 32.81
CA LEU F 230 -37.61 -18.67 32.41
C LEU F 230 -36.09 -18.56 32.49
N ARG F 231 -35.47 -19.23 33.46
CA ARG F 231 -33.98 -19.23 33.59
C ARG F 231 -33.39 -19.93 32.37
N ILE F 232 -34.12 -20.93 31.85
CA ILE F 232 -33.67 -21.72 30.67
C ILE F 232 -33.80 -20.85 29.42
N LEU F 233 -34.94 -20.19 29.26
CA LEU F 233 -35.19 -19.28 28.11
C LEU F 233 -34.17 -18.13 28.14
N THR F 234 -33.87 -17.64 29.35
CA THR F 234 -32.85 -16.56 29.53
C THR F 234 -31.46 -17.02 29.09
N SER F 235 -31.03 -18.22 29.51
CA SER F 235 -29.68 -18.73 29.18
C SER F 235 -29.60 -19.00 27.67
N ALA F 236 -30.69 -19.54 27.12
CA ALA F 236 -30.77 -19.93 25.69
C ALA F 236 -30.87 -18.68 24.82
N THR F 237 -31.53 -17.62 25.32
CA THR F 237 -31.86 -16.42 24.50
C THR F 237 -30.80 -15.31 24.59
N GLU F 238 -30.26 -15.07 25.79
CA GLU F 238 -29.23 -14.01 26.02
C GLU F 238 -29.77 -12.64 25.60
N GLY F 239 -31.09 -12.46 25.64
CA GLY F 239 -31.77 -11.16 25.37
C GLY F 239 -32.05 -10.86 23.91
N TYR F 240 -31.71 -11.79 23.00
CA TYR F 240 -31.92 -11.55 21.54
C TYR F 240 -33.34 -11.99 21.15
N ILE F 241 -34.16 -11.06 20.62
CA ILE F 241 -35.58 -11.39 20.33
C ILE F 241 -35.56 -12.48 19.26
N GLY F 242 -34.57 -12.45 18.36
CA GLY F 242 -34.45 -13.49 17.32
C GLY F 242 -34.28 -14.88 17.92
N ARG F 243 -33.61 -15.01 19.05
CA ARG F 243 -33.40 -16.38 19.58
C ARG F 243 -34.67 -16.83 20.30
N LEU F 244 -35.29 -15.91 21.06
CA LEU F 244 -36.54 -16.24 21.79
C LEU F 244 -37.55 -16.77 20.79
N ASP F 245 -37.63 -16.14 19.61
CA ASP F 245 -38.62 -16.61 18.61
C ASP F 245 -38.24 -18.00 18.07
N GLU F 246 -36.95 -18.27 17.86
CA GLU F 246 -36.54 -19.59 17.33
C GLU F 246 -36.81 -20.70 18.36
N ILE F 247 -36.42 -20.43 19.62
CA ILE F 247 -36.40 -21.45 20.70
C ILE F 247 -37.85 -21.88 20.92
N LEU F 248 -38.75 -20.91 21.09
CA LEU F 248 -40.19 -21.18 21.37
C LEU F 248 -40.96 -21.68 20.14
N ARG F 249 -40.67 -21.15 18.95
CA ARG F 249 -41.34 -21.57 17.69
C ARG F 249 -40.99 -23.02 17.30
N GLU F 250 -39.74 -23.42 17.43
CA GLU F 250 -39.32 -24.83 17.17
C GLU F 250 -39.86 -25.76 18.26
N ALA F 251 -39.77 -25.33 19.53
CA ALA F 251 -40.27 -26.13 20.67
C ALA F 251 -41.77 -26.41 20.54
N ALA F 252 -42.55 -25.42 20.07
CA ALA F 252 -44.00 -25.60 19.84
C ALA F 252 -44.26 -26.67 18.77
N ILE F 253 -43.54 -26.61 17.64
CA ILE F 253 -43.73 -27.60 16.54
C ILE F 253 -43.29 -28.99 17.03
N ARG F 254 -42.13 -29.07 17.68
CA ARG F 254 -41.56 -30.35 18.16
C ARG F 254 -42.50 -30.97 19.21
N SER F 255 -43.11 -30.13 20.05
CA SER F 255 -44.06 -30.60 21.11
C SER F 255 -45.34 -31.16 20.49
N LEU F 256 -45.95 -30.42 19.56
CA LEU F 256 -47.23 -30.83 18.91
C LEU F 256 -46.98 -32.13 18.14
N SER F 257 -45.78 -32.27 17.55
CA SER F 257 -45.45 -33.43 16.68
C SER F 257 -45.40 -34.70 17.54
N ARG F 258 -45.30 -34.54 18.85
CA ARG F 258 -45.23 -35.68 19.82
C ARG F 258 -46.63 -35.94 20.40
N GLY F 259 -47.62 -35.16 19.99
CA GLY F 259 -49.01 -35.29 20.49
C GLY F 259 -49.23 -34.54 21.79
N LEU F 260 -48.34 -33.59 22.11
CA LEU F 260 -48.48 -32.80 23.36
C LEU F 260 -49.41 -31.61 23.09
N LYS F 261 -50.06 -31.07 24.13
CA LYS F 261 -50.95 -29.89 23.98
C LYS F 261 -50.22 -28.65 24.49
N LYS F 262 -48.99 -28.82 25.00
CA LYS F 262 -48.20 -27.69 25.58
C LYS F 262 -46.71 -28.01 25.43
N ILE F 263 -45.85 -27.03 25.71
CA ILE F 263 -44.37 -27.26 25.66
C ILE F 263 -43.89 -27.72 27.05
N ASP F 264 -43.30 -28.92 27.11
CA ASP F 264 -42.74 -29.49 28.36
C ASP F 264 -41.36 -28.87 28.63
N LYS F 265 -40.98 -28.76 29.91
CA LYS F 265 -39.62 -28.28 30.29
C LYS F 265 -38.58 -29.11 29.52
N ALA F 266 -38.83 -30.42 29.37
CA ALA F 266 -37.89 -31.35 28.72
C ALA F 266 -37.63 -30.89 27.28
N VAL F 267 -38.65 -30.31 26.63
CA VAL F 267 -38.54 -29.91 25.20
C VAL F 267 -37.68 -28.64 25.12
N LEU F 268 -37.92 -27.70 26.03
CA LEU F 268 -37.15 -26.43 26.07
C LEU F 268 -35.68 -26.75 26.29
N GLN F 269 -35.41 -27.72 27.18
CA GLN F 269 -34.01 -28.14 27.48
C GLN F 269 -33.41 -28.81 26.24
N GLU F 270 -34.16 -29.72 25.62
CA GLU F 270 -33.69 -30.49 24.45
C GLU F 270 -33.32 -29.51 23.32
N VAL F 271 -34.16 -28.50 23.08
CA VAL F 271 -33.89 -27.48 22.02
C VAL F 271 -32.69 -26.61 22.43
N ALA F 272 -32.66 -26.17 23.69
CA ALA F 272 -31.59 -25.25 24.14
C ALA F 272 -30.22 -25.93 23.95
N LYS F 273 -30.15 -27.25 24.15
CA LYS F 273 -28.88 -28.01 24.07
C LYS F 273 -28.27 -27.91 22.66
N GLU F 274 -29.09 -27.57 21.65
CA GLU F 274 -28.63 -27.54 20.24
C GLU F 274 -27.90 -26.22 19.96
N TYR F 275 -28.00 -25.26 20.88
CA TYR F 275 -27.40 -23.92 20.67
C TYR F 275 -26.08 -23.82 21.45
N GLU G 19 -53.36 26.29 9.76
CA GLU G 19 -52.85 25.98 11.13
C GLU G 19 -51.51 26.71 11.35
N TRP G 20 -51.44 27.58 12.36
CA TRP G 20 -50.22 28.38 12.63
C TRP G 20 -49.02 27.45 12.83
N LEU G 21 -49.21 26.37 13.60
CA LEU G 21 -48.09 25.46 13.96
C LEU G 21 -47.49 24.88 12.68
N GLN G 22 -48.34 24.41 11.75
CA GLN G 22 -47.85 23.77 10.50
C GLN G 22 -47.17 24.81 9.60
N ALA G 23 -47.68 26.05 9.59
CA ALA G 23 -47.08 27.12 8.78
C ALA G 23 -45.64 27.37 9.23
N GLU G 24 -45.41 27.37 10.55
CA GLU G 24 -44.07 27.62 11.13
C GLU G 24 -43.15 26.42 10.87
N ILE G 25 -43.68 25.19 11.00
CA ILE G 25 -42.88 23.97 10.71
C ILE G 25 -42.50 23.92 9.22
N ALA G 26 -43.44 24.23 8.33
CA ALA G 26 -43.14 24.24 6.88
C ALA G 26 -42.04 25.27 6.59
N ARG G 27 -42.03 26.38 7.33
CA ARG G 27 -40.95 27.41 7.21
C ARG G 27 -39.64 26.88 7.79
N LEU G 28 -39.68 26.36 9.03
CA LEU G 28 -38.45 26.01 9.78
C LEU G 28 -37.68 24.91 9.05
N LYS G 29 -38.41 23.97 8.42
CA LYS G 29 -37.78 22.80 7.76
C LYS G 29 -37.04 23.26 6.49
N GLY G 30 -37.28 24.51 6.08
CA GLY G 30 -36.69 25.08 4.85
C GLY G 30 -35.28 25.59 5.09
N LYS G 31 -34.66 26.19 4.08
CA LYS G 31 -33.27 26.69 4.19
C LYS G 31 -33.21 28.17 3.80
N SER G 32 -32.18 28.88 4.27
CA SER G 32 -31.95 30.29 3.87
C SER G 32 -30.46 30.61 3.98
N ILE G 33 -30.03 31.74 3.42
CA ILE G 33 -28.61 32.17 3.44
C ILE G 33 -28.43 33.27 4.49
N VAL G 34 -27.55 33.06 5.46
CA VAL G 34 -27.26 34.09 6.51
C VAL G 34 -25.92 34.75 6.19
N PRO G 35 -25.84 36.10 6.12
CA PRO G 35 -24.56 36.78 5.86
C PRO G 35 -23.56 36.42 6.98
N LEU G 36 -22.33 36.09 6.59
CA LEU G 36 -21.26 35.78 7.58
C LEU G 36 -19.93 36.37 7.11
N GLN G 37 -18.99 36.56 8.03
CA GLN G 37 -17.65 37.13 7.69
C GLN G 37 -16.95 36.24 6.67
N GLN G 38 -17.10 34.91 6.79
CA GLN G 38 -16.42 33.93 5.92
C GLN G 38 -16.96 34.05 4.49
N VAL G 39 -18.26 34.34 4.35
CA VAL G 39 -18.91 34.41 3.01
C VAL G 39 -18.43 35.67 2.28
N LYS G 40 -18.44 36.82 2.98
CA LYS G 40 -17.96 38.09 2.38
C LYS G 40 -16.49 37.95 1.97
N THR G 41 -15.70 37.36 2.84
CA THR G 41 -14.30 37.14 2.54
C THR G 41 -14.22 36.29 1.30
N LEU G 42 -15.00 35.25 1.23
CA LEU G 42 -14.94 34.43 0.05
C LEU G 42 -15.37 35.22 -1.15
N HIS G 43 -16.45 35.97 -1.03
CA HIS G 43 -16.94 36.69 -2.20
C HIS G 43 -15.99 37.69 -2.75
N ASP G 44 -15.29 38.42 -1.91
CA ASP G 44 -14.38 39.41 -2.45
C ASP G 44 -13.01 38.90 -2.84
N TRP G 45 -12.72 37.64 -2.59
CA TRP G 45 -11.45 37.07 -2.98
C TRP G 45 -11.63 36.59 -4.38
N LEU G 46 -12.79 35.99 -4.64
CA LEU G 46 -13.16 35.45 -5.97
C LEU G 46 -13.20 36.62 -6.97
N ASP G 47 -13.71 37.77 -6.52
CA ASP G 47 -13.81 39.00 -7.34
C ASP G 47 -12.42 39.41 -7.87
N GLY G 48 -11.40 39.32 -7.03
CA GLY G 48 -10.01 39.56 -7.48
C GLY G 48 -9.57 38.57 -8.54
N LYS G 49 -9.80 37.28 -8.32
CA LYS G 49 -9.39 36.22 -9.29
C LYS G 49 -10.15 36.42 -10.61
N ARG G 50 -11.41 36.86 -10.52
CA ARG G 50 -12.27 37.08 -11.72
C ARG G 50 -11.63 38.16 -12.61
N LYS G 51 -11.23 39.29 -12.01
CA LYS G 51 -10.70 40.45 -12.78
C LYS G 51 -9.37 40.04 -13.43
N ALA G 52 -8.55 39.29 -12.69
CA ALA G 52 -7.18 38.89 -13.09
C ALA G 52 -7.21 37.66 -14.01
N ARG G 53 -8.39 37.03 -14.12
CA ARG G 53 -8.61 35.75 -14.84
C ARG G 53 -7.63 34.70 -14.30
N LYS G 54 -7.49 34.61 -12.99
CA LYS G 54 -6.58 33.67 -12.37
C LYS G 54 -7.32 32.37 -12.03
N SER G 55 -6.67 31.22 -12.22
CA SER G 55 -7.31 29.96 -11.90
C SER G 55 -6.79 29.58 -10.51
N CYS G 56 -7.67 29.39 -9.54
CA CYS G 56 -7.25 29.06 -8.19
C CYS G 56 -8.18 28.06 -7.55
N ARG G 57 -7.68 27.35 -6.56
CA ARG G 57 -8.49 26.37 -5.85
C ARG G 57 -8.99 26.97 -4.55
N VAL G 58 -9.99 26.33 -3.98
CA VAL G 58 -10.63 26.74 -2.73
C VAL G 58 -10.82 25.45 -1.90
N VAL G 59 -10.20 25.34 -0.72
CA VAL G 59 -10.29 24.11 0.08
C VAL G 59 -10.86 24.30 1.50
N GLY G 60 -11.81 23.45 1.92
CA GLY G 60 -12.40 23.54 3.25
C GLY G 60 -12.92 22.22 3.79
N GLU G 61 -13.12 22.14 5.10
CA GLU G 61 -13.63 20.93 5.75
C GLU G 61 -15.14 20.80 5.52
N SER G 62 -15.69 19.60 5.71
CA SER G 62 -17.15 19.39 5.49
C SER G 62 -17.99 20.19 6.50
N ARG G 63 -19.19 20.59 6.05
CA ARG G 63 -20.22 21.31 6.86
C ARG G 63 -19.74 22.70 7.32
N THR G 64 -18.78 23.30 6.61
CA THR G 64 -18.27 24.64 7.01
C THR G 64 -19.01 25.73 6.21
N GLY G 65 -19.78 25.31 5.21
CA GLY G 65 -20.69 26.20 4.47
C GLY G 65 -20.03 26.67 3.18
N LYS G 66 -19.07 25.89 2.68
CA LYS G 66 -18.39 26.16 1.37
C LYS G 66 -19.40 26.20 0.22
N THR G 67 -20.26 25.20 0.04
CA THR G 67 -21.14 25.24 -1.16
C THR G 67 -22.09 26.46 -1.13
N VAL G 68 -22.65 26.76 0.04
CA VAL G 68 -23.65 27.86 0.18
C VAL G 68 -23.03 29.21 -0.20
N ALA G 69 -21.79 29.46 0.23
CA ALA G 69 -21.11 30.72 -0.12
C ALA G 69 -20.98 30.84 -1.64
N CYS G 70 -20.73 29.72 -2.33
CA CYS G 70 -20.60 29.73 -3.82
C CYS G 70 -21.94 30.08 -4.47
N ASP G 71 -23.04 29.53 -3.96
CA ASP G 71 -24.39 29.86 -4.47
C ASP G 71 -24.65 31.37 -4.31
N ALA G 72 -24.32 31.91 -3.14
CA ALA G 72 -24.56 33.35 -2.83
C ALA G 72 -23.82 34.23 -3.85
N TYR G 73 -22.60 33.83 -4.20
CA TYR G 73 -21.76 34.56 -5.20
C TYR G 73 -22.45 34.63 -6.56
N ARG G 74 -22.98 33.50 -7.04
CA ARG G 74 -23.72 33.45 -8.32
C ARG G 74 -24.87 34.46 -8.30
N TYR G 75 -25.57 34.59 -7.17
CA TYR G 75 -26.78 35.46 -7.13
C TYR G 75 -26.34 36.92 -6.99
N ARG G 76 -25.14 37.14 -6.43
CA ARG G 76 -24.54 38.50 -6.38
C ARG G 76 -24.30 39.01 -7.81
N HIS G 77 -23.90 38.11 -8.69
CA HIS G 77 -23.55 38.48 -10.06
C HIS G 77 -24.47 37.80 -11.07
N LYS G 78 -25.70 38.29 -11.14
CA LYS G 78 -26.76 37.72 -11.98
C LYS G 78 -26.63 37.94 -13.51
N PRO G 79 -27.40 37.15 -14.31
CA PRO G 79 -27.38 37.31 -15.76
C PRO G 79 -27.87 38.68 -16.21
N GLN G 80 -27.23 39.28 -17.22
CA GLN G 80 -27.65 40.59 -17.71
C GLN G 80 -28.01 40.51 -19.20
N GLN G 81 -29.19 41.01 -19.59
CA GLN G 81 -29.55 40.99 -21.00
C GLN G 81 -29.83 42.44 -21.47
N GLU G 82 -29.00 42.98 -22.35
CA GLU G 82 -29.21 44.33 -22.86
C GLU G 82 -29.54 44.37 -24.35
N ALA G 83 -29.76 43.21 -24.96
CA ALA G 83 -30.04 43.11 -26.39
C ALA G 83 -30.68 41.74 -26.66
N GLY G 84 -31.18 41.48 -27.91
CA GLY G 84 -31.82 40.25 -28.41
C GLY G 84 -30.84 39.09 -28.49
N ARG G 85 -29.56 39.36 -28.23
CA ARG G 85 -28.49 38.33 -28.23
C ARG G 85 -28.67 37.40 -27.02
N PRO G 86 -27.98 36.23 -26.97
CA PRO G 86 -28.07 35.33 -25.82
C PRO G 86 -27.72 36.05 -24.51
N PRO G 87 -28.23 35.58 -23.35
CA PRO G 87 -27.97 36.24 -22.07
C PRO G 87 -26.47 36.33 -21.80
N THR G 88 -26.02 37.47 -21.26
CA THR G 88 -24.59 37.66 -20.92
C THR G 88 -24.31 37.02 -19.55
N VAL G 89 -24.21 35.69 -19.50
CA VAL G 89 -23.95 34.96 -18.26
C VAL G 89 -22.54 35.20 -17.69
N PRO G 90 -22.42 36.02 -16.63
CA PRO G 90 -21.09 36.30 -16.08
C PRO G 90 -20.34 35.13 -15.41
N VAL G 91 -21.03 34.32 -14.61
CA VAL G 91 -20.39 33.22 -13.89
C VAL G 91 -21.13 31.88 -14.07
N VAL G 92 -20.40 30.76 -14.23
CA VAL G 92 -21.06 29.43 -14.40
C VAL G 92 -20.75 28.58 -13.17
N TYR G 93 -21.78 28.02 -12.54
CA TYR G 93 -21.56 27.11 -11.38
C TYR G 93 -22.16 25.73 -11.72
N ILE G 94 -21.34 24.69 -11.63
CA ILE G 94 -21.78 23.29 -11.90
C ILE G 94 -21.28 22.40 -10.77
N ARG G 95 -21.97 21.28 -10.53
CA ARG G 95 -21.49 20.22 -9.59
C ARG G 95 -21.51 18.86 -10.29
N PRO G 96 -20.35 18.34 -10.77
CA PRO G 96 -20.30 17.07 -11.51
C PRO G 96 -20.86 15.87 -10.74
N HIS G 97 -21.45 14.93 -11.48
CA HIS G 97 -21.95 13.65 -10.92
C HIS G 97 -20.77 12.74 -10.59
N GLN G 98 -21.04 11.56 -10.02
CA GLN G 98 -19.95 10.65 -9.61
C GLN G 98 -19.21 10.07 -10.81
N LYS G 99 -17.88 9.97 -10.72
CA LYS G 99 -17.03 9.45 -11.82
C LYS G 99 -17.46 10.13 -13.11
N CYS G 100 -17.56 11.47 -13.07
CA CYS G 100 -17.88 12.32 -14.23
C CYS G 100 -16.81 12.19 -15.32
N GLY G 101 -17.27 11.89 -16.54
CA GLY G 101 -16.42 11.68 -17.72
C GLY G 101 -16.44 12.92 -18.59
N PRO G 102 -15.71 13.00 -19.70
CA PRO G 102 -15.72 14.19 -20.55
C PRO G 102 -17.01 14.55 -21.32
N LYS G 103 -17.95 13.62 -21.56
CA LYS G 103 -19.24 13.96 -22.22
C LYS G 103 -20.20 14.66 -21.25
N ASP G 104 -20.09 14.28 -19.95
CA ASP G 104 -20.97 14.72 -18.84
C ASP G 104 -20.63 16.14 -18.41
N LEU G 105 -19.32 16.47 -18.35
CA LEU G 105 -18.84 17.83 -17.97
C LEU G 105 -19.36 18.84 -18.99
N PHE G 106 -19.24 18.51 -20.28
CA PHE G 106 -19.66 19.41 -21.38
C PHE G 106 -21.18 19.57 -21.39
N LYS G 107 -21.91 18.47 -21.20
CA LYS G 107 -23.39 18.47 -21.20
C LYS G 107 -23.90 19.45 -20.13
N LYS G 108 -23.37 19.34 -18.91
CA LYS G 108 -23.85 20.13 -17.74
C LYS G 108 -23.51 21.61 -17.92
N ILE G 109 -22.35 21.93 -18.50
CA ILE G 109 -21.98 23.36 -18.75
C ILE G 109 -22.98 23.98 -19.74
N THR G 110 -23.26 23.23 -20.81
CA THR G 110 -24.15 23.65 -21.93
C THR G 110 -25.58 23.85 -21.40
N GLU G 111 -26.09 22.92 -20.59
CA GLU G 111 -27.48 23.03 -20.07
C GLU G 111 -27.60 24.25 -19.15
N TYR G 112 -26.57 24.48 -18.33
CA TYR G 112 -26.54 25.60 -17.36
C TYR G 112 -26.80 26.92 -18.10
N LEU G 113 -26.16 27.09 -19.26
CA LEU G 113 -26.25 28.31 -20.11
C LEU G 113 -27.57 28.31 -20.91
N LYS G 114 -28.43 27.31 -20.67
CA LYS G 114 -29.77 27.16 -21.31
C LYS G 114 -29.73 26.77 -22.80
N TYR G 115 -28.76 25.95 -23.23
CA TYR G 115 -28.81 25.38 -24.60
C TYR G 115 -29.17 23.90 -24.49
N ARG G 116 -29.91 23.38 -25.48
CA ARG G 116 -30.28 21.94 -25.49
C ARG G 116 -29.10 21.19 -26.13
N VAL G 117 -28.70 20.04 -25.59
CA VAL G 117 -27.62 19.25 -26.24
C VAL G 117 -28.20 18.21 -27.20
N THR G 118 -27.72 18.21 -28.45
CA THR G 118 -28.23 17.30 -29.51
C THR G 118 -27.47 15.98 -29.40
N LYS G 119 -27.96 14.92 -30.05
CA LYS G 119 -27.23 13.62 -30.00
C LYS G 119 -25.93 13.78 -30.80
N GLY G 120 -24.84 13.22 -30.28
CA GLY G 120 -23.52 13.27 -30.95
C GLY G 120 -22.42 12.74 -30.05
N THR G 121 -21.17 12.86 -30.50
CA THR G 121 -19.98 12.39 -29.72
C THR G 121 -19.30 13.54 -28.96
N VAL G 122 -18.36 13.18 -28.08
CA VAL G 122 -17.59 14.20 -27.31
C VAL G 122 -16.98 15.21 -28.29
N SER G 123 -16.47 14.70 -29.42
CA SER G 123 -15.75 15.55 -30.42
C SER G 123 -16.72 16.51 -31.13
N ASP G 124 -18.03 16.28 -30.96
CA ASP G 124 -19.07 17.13 -31.60
C ASP G 124 -19.50 18.29 -30.69
N PHE G 125 -19.80 18.02 -29.41
CA PHE G 125 -20.36 19.08 -28.53
C PHE G 125 -19.28 19.58 -27.57
N ARG G 126 -18.05 19.10 -27.76
CA ARG G 126 -16.82 19.73 -27.20
C ARG G 126 -16.74 21.13 -27.87
N ASP G 127 -16.98 21.17 -29.19
CA ASP G 127 -16.92 22.37 -30.07
C ASP G 127 -18.15 23.24 -29.78
N ARG G 128 -19.32 22.63 -29.59
CA ARG G 128 -20.56 23.37 -29.24
C ARG G 128 -20.38 24.07 -27.88
N THR G 129 -19.74 23.38 -26.93
CA THR G 129 -19.46 23.97 -25.59
C THR G 129 -18.61 25.24 -25.76
N ILE G 130 -17.58 25.19 -26.59
CA ILE G 130 -16.69 26.37 -26.83
C ILE G 130 -17.52 27.52 -27.41
N GLU G 131 -18.41 27.20 -28.36
CA GLU G 131 -19.25 28.22 -29.05
C GLU G 131 -20.13 28.97 -28.03
N VAL G 132 -20.65 28.26 -27.02
CA VAL G 132 -21.62 28.88 -26.06
C VAL G 132 -20.86 29.45 -24.85
N LEU G 133 -19.63 28.98 -24.61
CA LEU G 133 -18.73 29.61 -23.61
C LEU G 133 -18.37 31.00 -24.16
N LYS G 134 -18.20 31.08 -25.48
CA LYS G 134 -18.01 32.38 -26.19
C LYS G 134 -19.36 33.07 -26.38
N GLY G 135 -19.36 34.36 -26.74
CA GLY G 135 -20.62 35.09 -26.98
C GLY G 135 -21.15 35.58 -25.65
N CYS G 136 -21.48 34.66 -24.71
CA CYS G 136 -21.79 35.01 -23.32
C CYS G 136 -20.45 35.35 -22.68
N GLY G 137 -20.39 36.23 -21.69
CA GLY G 137 -19.08 36.53 -21.13
C GLY G 137 -18.39 35.34 -20.49
N VAL G 138 -19.09 34.62 -19.62
CA VAL G 138 -18.57 33.44 -18.92
C VAL G 138 -17.15 33.64 -18.41
N GLU G 139 -16.93 34.71 -17.63
CA GLU G 139 -15.61 35.01 -17.09
C GLU G 139 -15.12 34.05 -16.05
N MET G 140 -16.03 33.38 -15.36
CA MET G 140 -15.63 32.43 -14.35
C MET G 140 -16.37 31.08 -14.36
N LEU G 141 -15.67 30.00 -14.10
CA LEU G 141 -16.36 28.68 -14.00
C LEU G 141 -16.05 28.08 -12.61
N ILE G 142 -17.09 27.84 -11.80
CA ILE G 142 -16.89 27.23 -10.46
C ILE G 142 -17.29 25.75 -10.50
N ILE G 143 -16.34 24.83 -10.35
CA ILE G 143 -16.66 23.40 -10.36
C ILE G 143 -16.61 22.85 -8.94
N ASP G 144 -17.76 22.77 -8.29
CA ASP G 144 -17.81 22.24 -6.93
C ASP G 144 -17.53 20.74 -6.91
N GLU G 145 -17.00 20.24 -5.79
CA GLU G 145 -16.68 18.83 -5.65
C GLU G 145 -15.82 18.33 -6.81
N ALA G 146 -14.68 18.99 -6.99
CA ALA G 146 -13.72 18.69 -8.05
C ALA G 146 -13.14 17.27 -7.99
N ASP G 147 -13.02 16.70 -6.79
CA ASP G 147 -12.50 15.35 -6.61
C ASP G 147 -13.32 14.30 -7.36
N ARG G 148 -14.65 14.47 -7.41
CA ARG G 148 -15.50 13.53 -8.13
C ARG G 148 -15.46 13.87 -9.61
N LEU G 149 -14.41 13.42 -10.28
CA LEU G 149 -14.18 13.65 -11.70
C LEU G 149 -13.16 12.61 -12.14
N LYS G 150 -13.27 12.09 -13.37
CA LYS G 150 -12.31 11.07 -13.84
C LYS G 150 -11.04 11.90 -14.09
N PRO G 151 -9.83 11.40 -13.74
CA PRO G 151 -8.58 12.12 -14.01
C PRO G 151 -8.44 12.60 -15.46
N GLU G 152 -9.02 11.86 -16.41
CA GLU G 152 -8.85 12.16 -17.86
C GLU G 152 -9.54 13.49 -18.19
N THR G 153 -10.50 13.91 -17.36
CA THR G 153 -11.35 15.09 -17.69
C THR G 153 -10.61 16.39 -17.36
N PHE G 154 -9.56 16.30 -16.55
CA PHE G 154 -8.81 17.50 -16.10
C PHE G 154 -8.08 18.11 -17.31
N ALA G 155 -7.82 17.29 -18.33
CA ALA G 155 -7.31 17.79 -19.64
C ALA G 155 -8.27 18.77 -20.34
N ASP G 156 -9.59 18.53 -20.22
CA ASP G 156 -10.59 19.36 -20.93
C ASP G 156 -10.80 20.66 -20.15
N VAL G 157 -10.67 20.54 -18.82
CA VAL G 157 -10.71 21.70 -17.89
C VAL G 157 -9.50 22.60 -18.16
N ARG G 158 -8.29 22.03 -18.30
CA ARG G 158 -7.09 22.88 -18.55
C ARG G 158 -7.23 23.61 -19.89
N ASP G 159 -7.74 22.88 -20.89
CA ASP G 159 -7.94 23.38 -22.28
C ASP G 159 -8.83 24.62 -22.23
N ILE G 160 -9.93 24.54 -21.47
CA ILE G 160 -10.89 25.68 -21.34
C ILE G 160 -10.14 26.84 -20.69
N ALA G 161 -9.45 26.55 -19.58
CA ALA G 161 -8.75 27.56 -18.76
C ALA G 161 -7.65 28.20 -19.60
N GLU G 162 -7.03 27.40 -20.49
CA GLU G 162 -5.85 27.86 -21.29
C GLU G 162 -6.30 28.64 -22.53
N ASP G 163 -7.28 28.10 -23.28
CA ASP G 163 -7.71 28.63 -24.61
C ASP G 163 -8.56 29.89 -24.43
N LEU G 164 -9.42 29.91 -23.40
CA LEU G 164 -10.39 31.01 -23.20
C LEU G 164 -9.99 31.82 -21.96
N GLY G 165 -10.30 33.12 -21.96
CA GLY G 165 -10.02 34.03 -20.83
C GLY G 165 -10.95 33.75 -19.67
N ILE G 166 -10.91 32.52 -19.16
CA ILE G 166 -11.86 32.04 -18.10
C ILE G 166 -11.08 31.52 -16.88
N ALA G 167 -11.47 31.91 -15.66
CA ALA G 167 -10.79 31.41 -14.46
C ALA G 167 -11.61 30.27 -13.85
N VAL G 168 -10.96 29.19 -13.43
CA VAL G 168 -11.70 28.06 -12.85
C VAL G 168 -11.40 27.87 -11.34
N VAL G 169 -12.43 27.95 -10.49
CA VAL G 169 -12.28 27.81 -9.02
C VAL G 169 -11.88 26.47 -8.40
N LEU G 170 -12.42 25.36 -8.90
CA LEU G 170 -12.12 24.01 -8.36
C LEU G 170 -12.36 23.82 -6.86
N VAL G 171 -13.51 24.26 -6.35
CA VAL G 171 -13.86 24.16 -4.93
C VAL G 171 -13.94 22.71 -4.42
N GLY G 172 -13.37 22.42 -3.25
CA GLY G 172 -13.44 21.07 -2.69
C GLY G 172 -12.94 20.90 -1.27
N THR G 173 -13.08 19.68 -0.77
CA THR G 173 -12.67 19.26 0.57
C THR G 173 -11.16 18.90 0.60
N ASP G 174 -10.64 18.46 1.76
CA ASP G 174 -9.22 18.11 1.93
C ASP G 174 -8.76 16.98 0.99
N ARG G 175 -9.65 16.03 0.71
CA ARG G 175 -9.38 14.91 -0.21
C ARG G 175 -8.98 15.33 -1.65
N LEU G 176 -9.48 16.48 -2.12
CA LEU G 176 -9.19 17.04 -3.47
C LEU G 176 -7.68 17.18 -3.67
N ASP G 177 -6.97 17.65 -2.63
CA ASP G 177 -5.49 17.88 -2.69
C ASP G 177 -4.77 16.56 -2.99
N ALA G 178 -5.27 15.45 -2.45
CA ALA G 178 -4.69 14.12 -2.72
C ALA G 178 -4.86 13.76 -4.20
N VAL G 179 -5.98 14.20 -4.81
CA VAL G 179 -6.25 13.95 -6.25
C VAL G 179 -5.39 14.89 -7.11
N ILE G 180 -5.36 16.17 -6.76
CA ILE G 180 -4.63 17.20 -7.57
C ILE G 180 -3.15 16.83 -7.69
N LYS G 181 -2.52 16.41 -6.59
CA LYS G 181 -1.06 16.14 -6.55
C LYS G 181 -0.71 14.90 -7.39
N ARG G 182 -1.70 14.23 -7.99
CA ARG G 182 -1.35 13.04 -8.81
C ARG G 182 -0.99 13.45 -10.25
N ASP G 183 -1.17 14.73 -10.60
CA ASP G 183 -0.93 15.21 -12.00
C ASP G 183 -0.14 16.52 -11.96
N GLU G 184 1.11 16.51 -12.46
CA GLU G 184 2.01 17.67 -12.33
C GLU G 184 1.34 18.89 -12.95
N GLN G 185 0.80 18.72 -14.17
CA GLN G 185 0.31 19.85 -15.01
C GLN G 185 -0.91 20.50 -14.33
N VAL G 186 -1.76 19.71 -13.68
CA VAL G 186 -2.90 20.25 -12.88
C VAL G 186 -2.41 20.94 -11.61
N LEU G 187 -1.53 20.29 -10.85
CA LEU G 187 -1.01 20.87 -9.60
C LEU G 187 -0.40 22.26 -9.78
N GLU G 188 0.49 22.43 -10.75
CA GLU G 188 1.16 23.71 -10.99
C GLU G 188 0.21 24.83 -11.40
N ARG G 189 -0.74 24.52 -12.27
CA ARG G 189 -1.71 25.49 -12.76
C ARG G 189 -2.63 26.04 -11.67
N PHE G 190 -2.98 25.18 -10.73
CA PHE G 190 -3.94 25.49 -9.66
C PHE G 190 -3.37 25.75 -8.25
N ARG G 191 -2.13 26.23 -8.16
CA ARG G 191 -1.50 26.45 -6.86
C ARG G 191 -2.13 27.43 -5.85
N ALA G 192 -2.59 28.60 -6.30
CA ALA G 192 -3.18 29.58 -5.37
C ALA G 192 -4.40 28.99 -4.66
N HIS G 193 -4.55 29.22 -3.35
CA HIS G 193 -5.73 28.62 -2.65
C HIS G 193 -6.30 29.51 -1.55
N LEU G 194 -7.59 29.35 -1.22
CA LEU G 194 -8.19 29.99 -0.02
C LEU G 194 -8.56 28.86 0.93
N ARG G 195 -8.27 29.01 2.22
CA ARG G 195 -8.57 27.95 3.18
C ARG G 195 -9.83 28.25 3.98
N PHE G 196 -10.98 27.76 3.50
CA PHE G 196 -12.22 27.98 4.20
C PHE G 196 -12.10 27.27 5.55
N GLY G 197 -12.55 27.90 6.63
CA GLY G 197 -12.43 27.29 7.94
C GLY G 197 -13.71 27.23 8.73
N LYS G 198 -13.58 26.82 10.00
CA LYS G 198 -14.74 26.71 10.92
C LYS G 198 -14.75 27.90 11.89
N LEU G 199 -15.80 27.99 12.72
CA LEU G 199 -15.96 29.09 13.70
C LEU G 199 -15.41 28.72 15.08
N SER G 200 -14.88 29.70 15.80
CA SER G 200 -14.43 29.55 17.21
C SER G 200 -14.47 30.92 17.89
N GLY G 201 -14.46 30.93 19.23
CA GLY G 201 -14.38 32.20 19.98
C GLY G 201 -15.60 33.08 19.79
N GLU G 202 -15.41 34.40 19.86
CA GLU G 202 -16.47 35.44 19.74
C GLU G 202 -17.28 35.27 18.45
N ASP G 203 -16.62 34.89 17.35
CA ASP G 203 -17.29 34.76 16.04
C ASP G 203 -18.46 33.80 16.17
N PHE G 204 -18.29 32.74 16.97
CA PHE G 204 -19.35 31.72 17.20
C PHE G 204 -20.49 32.33 18.02
N LYS G 205 -20.16 32.99 19.13
CA LYS G 205 -21.18 33.64 20.00
C LYS G 205 -21.99 34.65 19.18
N ASN G 206 -21.33 35.48 18.38
CA ASN G 206 -22.02 36.50 17.53
C ASN G 206 -22.89 35.80 16.49
N THR G 207 -22.41 34.69 15.93
CA THR G 207 -23.19 33.89 14.95
C THR G 207 -24.46 33.34 15.59
N VAL G 208 -24.37 32.86 16.83
CA VAL G 208 -25.58 32.34 17.54
C VAL G 208 -26.58 33.49 17.74
N GLU G 209 -26.10 34.66 18.13
CA GLU G 209 -26.98 35.84 18.34
C GLU G 209 -27.66 36.18 17.00
N MET G 210 -26.86 36.22 15.93
CA MET G 210 -27.38 36.49 14.56
C MET G 210 -28.42 35.42 14.21
N TRP G 211 -28.09 34.14 14.48
CA TRP G 211 -28.99 33.00 14.17
C TRP G 211 -30.38 33.13 14.82
N GLU G 212 -30.39 33.39 16.12
CA GLU G 212 -31.62 33.57 16.87
C GLU G 212 -32.26 34.87 16.42
N GLN G 213 -31.43 35.84 16.06
CA GLN G 213 -31.93 37.12 15.57
C GLN G 213 -32.65 37.06 14.21
N MET G 214 -32.07 36.32 13.26
CA MET G 214 -32.65 36.25 11.91
C MET G 214 -33.32 34.95 11.46
N VAL G 215 -32.67 33.81 11.67
CA VAL G 215 -33.21 32.53 11.22
C VAL G 215 -34.44 32.08 11.99
N LEU G 216 -34.41 32.31 13.30
CA LEU G 216 -35.50 31.93 14.19
C LEU G 216 -36.42 33.12 14.53
N LYS G 217 -37.73 32.98 14.31
CA LYS G 217 -38.70 34.04 14.57
C LYS G 217 -39.70 33.66 15.67
N LEU G 218 -39.34 32.71 16.51
CA LEU G 218 -40.20 32.23 17.61
C LEU G 218 -40.95 33.33 18.41
N PRO G 219 -42.26 33.08 18.73
CA PRO G 219 -43.05 34.07 19.47
C PRO G 219 -42.33 34.63 20.70
N VAL G 220 -41.58 33.78 21.40
CA VAL G 220 -40.83 34.25 22.61
C VAL G 220 -39.35 33.91 22.40
N SER G 221 -38.50 34.88 22.71
CA SER G 221 -37.01 34.79 22.63
C SER G 221 -36.44 33.67 23.51
N SER G 222 -35.42 32.98 23.00
CA SER G 222 -34.75 31.85 23.71
C SER G 222 -33.47 32.31 24.42
N ASN G 223 -32.91 33.46 24.02
CA ASN G 223 -31.68 33.99 24.67
C ASN G 223 -30.54 32.95 24.56
N LEU G 224 -30.31 32.45 23.35
CA LEU G 224 -29.32 31.35 23.10
C LEU G 224 -27.88 31.83 23.33
N LYS G 225 -27.63 33.14 23.39
CA LYS G 225 -26.28 33.64 23.67
C LYS G 225 -25.84 33.48 25.13
N SER G 226 -26.77 33.20 26.05
CA SER G 226 -26.43 33.04 27.46
C SER G 226 -25.47 31.86 27.63
N LYS G 227 -24.53 31.96 28.57
CA LYS G 227 -23.49 30.95 28.77
C LYS G 227 -23.98 29.54 29.10
N GLU G 228 -25.00 29.43 29.95
CA GLU G 228 -25.52 28.12 30.34
C GLU G 228 -25.92 27.24 29.16
N MET G 229 -26.42 27.84 28.09
CA MET G 229 -26.88 27.09 26.88
C MET G 229 -25.84 27.19 25.76
N LEU G 230 -25.04 28.26 25.76
CA LEU G 230 -23.97 28.50 24.75
C LEU G 230 -22.89 27.42 24.87
N ARG G 231 -22.59 26.97 26.10
CA ARG G 231 -21.58 25.90 26.33
C ARG G 231 -22.11 24.60 25.70
N ILE G 232 -23.44 24.43 25.72
CA ILE G 232 -24.12 23.23 25.16
C ILE G 232 -24.04 23.29 23.63
N LEU G 233 -24.39 24.44 23.06
CA LEU G 233 -24.35 24.65 21.59
C LEU G 233 -22.90 24.49 21.11
N THR G 234 -21.94 24.98 21.90
CA THR G 234 -20.49 24.85 21.57
C THR G 234 -20.06 23.38 21.54
N SER G 235 -20.45 22.60 22.56
CA SER G 235 -20.04 21.17 22.64
C SER G 235 -20.71 20.39 21.51
N ALA G 236 -21.96 20.72 21.23
CA ALA G 236 -22.78 20.01 20.22
C ALA G 236 -22.31 20.41 18.81
N THR G 237 -21.86 21.65 18.64
CA THR G 237 -21.54 22.21 17.30
C THR G 237 -20.08 22.02 16.88
N GLU G 238 -19.13 22.20 17.82
CA GLU G 238 -17.68 22.06 17.54
C GLU G 238 -17.24 23.02 16.42
N GLY G 239 -17.96 24.14 16.26
CA GLY G 239 -17.61 25.21 15.31
C GLY G 239 -18.12 25.02 13.89
N TYR G 240 -18.85 23.93 13.62
CA TYR G 240 -19.34 23.64 12.24
C TYR G 240 -20.69 24.34 12.02
N ILE G 241 -20.77 25.24 11.03
CA ILE G 241 -22.02 26.05 10.85
C ILE G 241 -23.12 25.04 10.49
N GLY G 242 -22.78 23.95 9.79
CA GLY G 242 -23.79 22.92 9.47
C GLY G 242 -24.39 22.29 10.71
N ARG G 243 -23.64 22.16 11.79
CA ARG G 243 -24.26 21.49 12.96
C ARG G 243 -25.12 22.51 13.72
N LEU G 244 -24.63 23.75 13.83
CA LEU G 244 -25.40 24.81 14.55
C LEU G 244 -26.76 24.91 13.88
N ASP G 245 -26.79 24.83 12.54
CA ASP G 245 -28.06 24.92 11.78
C ASP G 245 -28.98 23.74 12.11
N GLU G 246 -28.43 22.53 12.21
CA GLU G 246 -29.25 21.32 12.49
C GLU G 246 -29.80 21.35 13.91
N ILE G 247 -28.92 21.69 14.87
CA ILE G 247 -29.22 21.56 16.33
C ILE G 247 -30.37 22.52 16.62
N LEU G 248 -30.23 23.78 16.19
CA LEU G 248 -31.25 24.85 16.46
C LEU G 248 -32.52 24.69 15.61
N ARG G 249 -32.40 24.28 14.35
CA ARG G 249 -33.56 24.08 13.44
C ARG G 249 -34.46 22.92 13.90
N GLU G 250 -33.86 21.79 14.31
CA GLU G 250 -34.65 20.65 14.85
C GLU G 250 -35.24 21.00 16.23
N ALA G 251 -34.44 21.64 17.09
CA ALA G 251 -34.89 22.05 18.44
C ALA G 251 -36.11 23.00 18.35
N ALA G 252 -36.10 23.92 17.38
CA ALA G 252 -37.25 24.84 17.17
C ALA G 252 -38.52 24.06 16.78
N ILE G 253 -38.41 23.10 15.86
CA ILE G 253 -39.59 22.31 15.42
C ILE G 253 -40.07 21.44 16.58
N ARG G 254 -39.14 20.77 17.27
CA ARG G 254 -39.48 19.85 18.41
C ARG G 254 -40.12 20.65 19.54
N SER G 255 -39.66 21.88 19.77
CA SER G 255 -40.20 22.77 20.84
C SER G 255 -41.64 23.21 20.51
N LEU G 256 -41.86 23.70 19.29
CA LEU G 256 -43.19 24.20 18.85
C LEU G 256 -44.19 23.03 18.88
N SER G 257 -43.72 21.83 18.55
CA SER G 257 -44.59 20.63 18.43
C SER G 257 -45.12 20.26 19.83
N ARG G 258 -44.47 20.78 20.88
CA ARG G 258 -44.86 20.52 22.29
C ARG G 258 -45.73 21.66 22.82
N GLY G 259 -46.00 22.67 21.98
CA GLY G 259 -46.79 23.85 22.36
C GLY G 259 -45.96 24.91 23.07
N LEU G 260 -44.63 24.86 22.92
CA LEU G 260 -43.75 25.86 23.55
C LEU G 260 -43.64 27.08 22.63
N LYS G 261 -43.33 28.26 23.19
CA LYS G 261 -43.15 29.49 22.38
C LYS G 261 -41.66 29.79 22.22
N LYS G 262 -40.81 28.96 22.84
CA LYS G 262 -39.34 29.16 22.81
C LYS G 262 -38.63 27.81 22.96
N ILE G 263 -37.32 27.77 22.75
CA ILE G 263 -36.54 26.51 22.95
C ILE G 263 -36.05 26.45 24.40
N ASP G 264 -36.45 25.40 25.12
CA ASP G 264 -36.03 25.17 26.53
C ASP G 264 -34.64 24.54 26.55
N LYS G 265 -33.86 24.81 27.60
CA LYS G 265 -32.52 24.17 27.79
C LYS G 265 -32.68 22.65 27.64
N ALA G 266 -33.78 22.11 28.19
CA ALA G 266 -34.03 20.65 28.19
C ALA G 266 -34.08 20.14 26.74
N VAL G 267 -34.57 20.96 25.81
CA VAL G 267 -34.73 20.53 24.39
C VAL G 267 -33.35 20.50 23.73
N LEU G 268 -32.54 21.53 23.99
CA LEU G 268 -31.17 21.63 23.42
C LEU G 268 -30.36 20.42 23.91
N GLN G 269 -30.53 20.06 25.18
CA GLN G 269 -29.80 18.89 25.76
C GLN G 269 -30.30 17.60 25.11
N GLU G 270 -31.63 17.46 25.00
CA GLU G 270 -32.26 16.24 24.43
C GLU G 270 -31.76 16.05 23.00
N VAL G 271 -31.70 17.11 22.20
CA VAL G 271 -31.22 17.02 20.79
C VAL G 271 -29.71 16.73 20.78
N ALA G 272 -28.94 17.43 21.61
CA ALA G 272 -27.47 17.26 21.61
C ALA G 272 -27.11 15.80 21.90
N LYS G 273 -27.89 15.14 22.76
CA LYS G 273 -27.60 13.73 23.19
C LYS G 273 -27.65 12.78 21.99
N GLU G 274 -28.30 13.19 20.90
CA GLU G 274 -28.49 12.31 19.71
C GLU G 274 -27.23 12.34 18.84
N TYR G 275 -26.31 13.26 19.11
CA TYR G 275 -25.09 13.43 18.29
C TYR G 275 -23.89 12.77 19.00
N GLU H 19 -11.73 55.11 -19.08
CA GLU H 19 -11.11 55.10 -17.72
C GLU H 19 -9.69 54.54 -17.82
N TRP H 20 -8.69 55.34 -17.39
CA TRP H 20 -7.26 54.94 -17.49
C TRP H 20 -7.05 53.62 -16.75
N LEU H 21 -7.62 53.49 -15.54
CA LEU H 21 -7.39 52.30 -14.68
C LEU H 21 -7.85 51.04 -15.42
N GLN H 22 -9.04 51.08 -16.02
CA GLN H 22 -9.62 49.91 -16.72
C GLN H 22 -8.80 49.58 -17.97
N ALA H 23 -8.28 50.61 -18.66
CA ALA H 23 -7.47 50.39 -19.87
C ALA H 23 -6.21 49.60 -19.51
N GLU H 24 -5.59 49.94 -18.37
CA GLU H 24 -4.35 49.27 -17.91
C GLU H 24 -4.66 47.85 -17.42
N ILE H 25 -5.78 47.67 -16.72
CA ILE H 25 -6.20 46.31 -16.27
C ILE H 25 -6.51 45.42 -17.48
N ALA H 26 -7.23 45.95 -18.47
CA ALA H 26 -7.55 45.16 -19.68
C ALA H 26 -6.24 44.75 -20.38
N ARG H 27 -5.23 45.60 -20.33
CA ARG H 27 -3.88 45.28 -20.89
C ARG H 27 -3.17 44.24 -20.03
N LEU H 28 -3.11 44.47 -18.71
CA LEU H 28 -2.29 43.64 -17.79
C LEU H 28 -2.80 42.19 -17.77
N LYS H 29 -4.12 42.02 -17.88
CA LYS H 29 -4.75 40.68 -17.78
C LYS H 29 -4.41 39.87 -19.03
N GLY H 30 -3.87 40.53 -20.07
CA GLY H 30 -3.54 39.90 -21.36
C GLY H 30 -2.20 39.20 -21.31
N LYS H 31 -1.76 38.66 -22.44
CA LYS H 31 -0.48 37.89 -22.50
C LYS H 31 0.42 38.47 -23.60
N SER H 32 1.73 38.24 -23.49
CA SER H 32 2.69 38.65 -24.55
C SER H 32 3.91 37.72 -24.51
N ILE H 33 4.74 37.77 -25.54
CA ILE H 33 5.97 36.92 -25.64
C ILE H 33 7.19 37.76 -25.31
N VAL H 34 7.97 37.35 -24.31
CA VAL H 34 9.22 38.08 -23.94
C VAL H 34 10.43 37.28 -24.45
N PRO H 35 11.36 37.90 -25.20
CA PRO H 35 12.55 37.19 -25.67
C PRO H 35 13.35 36.67 -24.47
N LEU H 36 13.79 35.41 -24.52
CA LEU H 36 14.62 34.82 -23.44
C LEU H 36 15.71 33.93 -24.06
N GLN H 37 16.77 33.67 -23.29
CA GLN H 37 17.91 32.83 -23.78
C GLN H 37 17.39 31.43 -24.13
N GLN H 38 16.45 30.90 -23.34
CA GLN H 38 15.91 29.53 -23.53
C GLN H 38 15.13 29.46 -24.84
N VAL H 39 14.44 30.54 -25.21
CA VAL H 39 13.58 30.55 -26.44
C VAL H 39 14.49 30.56 -27.67
N LYS H 40 15.50 31.43 -27.69
CA LYS H 40 16.46 31.51 -28.83
C LYS H 40 17.16 30.16 -28.98
N THR H 41 17.57 29.54 -27.86
CA THR H 41 18.27 28.24 -27.88
C THR H 41 17.43 27.19 -28.61
N LEU H 42 16.13 27.12 -28.28
CA LEU H 42 15.22 26.12 -28.90
C LEU H 42 15.10 26.42 -30.41
N HIS H 43 14.94 27.69 -30.77
CA HIS H 43 14.70 28.09 -32.18
C HIS H 43 15.90 27.69 -33.05
N ASP H 44 17.12 27.89 -32.55
CA ASP H 44 18.34 27.54 -33.31
C ASP H 44 18.47 26.02 -33.46
N TRP H 45 18.10 25.30 -32.38
CA TRP H 45 18.12 23.81 -32.33
C TRP H 45 17.11 23.23 -33.31
N LEU H 46 15.88 23.75 -33.29
CA LEU H 46 14.79 23.23 -34.18
C LEU H 46 15.19 23.49 -35.63
N ASP H 47 15.82 24.65 -35.89
CA ASP H 47 16.29 25.05 -37.25
C ASP H 47 17.26 24.01 -37.80
N GLY H 48 18.17 23.51 -36.96
CA GLY H 48 19.06 22.40 -37.36
C GLY H 48 18.30 21.13 -37.71
N LYS H 49 17.36 20.72 -36.86
CA LYS H 49 16.56 19.49 -37.11
C LYS H 49 15.73 19.66 -38.39
N ARG H 50 15.25 20.87 -38.65
CA ARG H 50 14.42 21.17 -39.84
C ARG H 50 15.23 20.91 -41.11
N LYS H 51 16.47 21.43 -41.16
CA LYS H 51 17.33 21.33 -42.37
C LYS H 51 17.69 19.86 -42.62
N ALA H 52 17.98 19.13 -41.54
CA ALA H 52 18.44 17.72 -41.56
C ALA H 52 17.26 16.75 -41.70
N ARG H 53 16.04 17.28 -41.56
CA ARG H 53 14.76 16.49 -41.52
C ARG H 53 14.88 15.41 -40.44
N LYS H 54 15.32 15.76 -39.24
CA LYS H 54 15.49 14.76 -38.18
C LYS H 54 14.39 14.80 -37.10
N SER H 55 13.71 13.68 -36.84
CA SER H 55 12.70 13.65 -35.80
C SER H 55 13.41 13.81 -34.47
N CYS H 56 12.80 14.53 -33.52
CA CYS H 56 13.45 14.78 -32.24
C CYS H 56 12.47 15.09 -31.11
N ARG H 57 12.93 15.06 -29.87
CA ARG H 57 12.07 15.34 -28.72
C ARG H 57 12.37 16.65 -27.98
N VAL H 58 11.34 17.21 -27.33
CA VAL H 58 11.47 18.41 -26.51
C VAL H 58 10.77 18.09 -25.17
N VAL H 59 11.52 17.98 -24.08
CA VAL H 59 10.95 17.54 -22.77
C VAL H 59 11.44 18.52 -21.70
N GLY H 60 10.55 18.86 -20.77
CA GLY H 60 10.90 19.76 -19.64
C GLY H 60 9.78 19.74 -18.61
N GLU H 61 9.91 20.58 -17.57
CA GLU H 61 8.92 20.63 -16.47
C GLU H 61 7.76 21.55 -16.86
N SER H 62 6.62 21.43 -16.18
CA SER H 62 5.47 22.35 -16.36
C SER H 62 5.81 23.79 -15.98
N ARG H 63 5.17 24.74 -16.66
CA ARG H 63 5.26 26.21 -16.44
C ARG H 63 6.67 26.75 -16.72
N THR H 64 7.45 26.06 -17.57
CA THR H 64 8.82 26.52 -17.89
C THR H 64 8.80 27.34 -19.19
N GLY H 65 7.66 27.31 -19.89
CA GLY H 65 7.41 28.18 -21.05
C GLY H 65 7.69 27.44 -22.33
N LYS H 66 7.60 26.11 -22.29
CA LYS H 66 7.76 25.21 -23.48
C LYS H 66 6.74 25.56 -24.56
N THR H 67 5.44 25.62 -24.26
CA THR H 67 4.46 25.84 -25.37
C THR H 67 4.69 27.20 -26.05
N VAL H 68 4.95 28.25 -25.26
CA VAL H 68 5.09 29.65 -25.78
C VAL H 68 6.27 29.73 -26.76
N ALA H 69 7.38 29.08 -26.43
CA ALA H 69 8.57 29.07 -27.34
C ALA H 69 8.18 28.45 -28.68
N CYS H 70 7.34 27.41 -28.66
CA CYS H 70 6.90 26.74 -29.92
C CYS H 70 6.04 27.69 -30.76
N ASP H 71 5.13 28.43 -30.12
CA ASP H 71 4.30 29.44 -30.84
C ASP H 71 5.20 30.48 -31.51
N ALA H 72 6.21 30.98 -30.76
CA ALA H 72 7.13 32.02 -31.28
C ALA H 72 7.84 31.52 -32.55
N TYR H 73 8.24 30.25 -32.54
CA TYR H 73 8.91 29.61 -33.69
C TYR H 73 8.04 29.64 -34.95
N ARG H 74 6.76 29.27 -34.81
CA ARG H 74 5.79 29.30 -35.93
C ARG H 74 5.74 30.73 -36.53
N TYR H 75 5.73 31.75 -35.68
CA TYR H 75 5.64 33.11 -36.17
C TYR H 75 6.94 33.59 -36.79
N ARG H 76 8.06 32.98 -36.41
CA ARG H 76 9.36 33.33 -36.97
C ARG H 76 9.39 32.99 -38.46
N HIS H 77 8.79 31.85 -38.82
CA HIS H 77 8.74 31.41 -40.20
C HIS H 77 7.28 31.29 -40.63
N LYS H 78 6.70 32.44 -41.03
CA LYS H 78 5.31 32.52 -41.42
C LYS H 78 5.04 31.88 -42.79
N PRO H 79 3.76 31.60 -43.09
CA PRO H 79 3.44 31.02 -44.40
C PRO H 79 3.83 31.96 -45.54
N GLN H 80 4.35 31.41 -46.63
CA GLN H 80 4.74 32.24 -47.76
C GLN H 80 3.84 31.87 -48.94
N GLN H 81 3.17 32.85 -49.55
CA GLN H 81 2.30 32.56 -50.69
C GLN H 81 2.59 33.49 -51.85
N GLU H 82 3.72 33.28 -52.50
CA GLU H 82 4.11 34.09 -53.66
C GLU H 82 3.97 33.32 -54.97
N ALA H 83 3.47 32.08 -54.92
CA ALA H 83 3.31 31.29 -56.12
C ALA H 83 1.88 30.79 -56.31
N GLY H 84 1.57 30.38 -57.56
CA GLY H 84 0.30 29.85 -58.04
C GLY H 84 -0.22 28.70 -57.20
N ARG H 85 0.71 27.87 -56.71
CA ARG H 85 0.39 26.70 -55.91
C ARG H 85 -0.14 27.03 -54.50
N PRO H 86 -0.75 26.05 -53.81
CA PRO H 86 -1.33 26.35 -52.49
C PRO H 86 -0.34 26.89 -51.44
N PRO H 87 -0.78 27.81 -50.54
CA PRO H 87 0.03 28.43 -49.48
C PRO H 87 1.07 27.49 -48.86
N THR H 88 2.34 27.88 -48.82
CA THR H 88 3.39 26.98 -48.36
C THR H 88 3.69 27.22 -46.88
N VAL H 89 3.26 26.32 -46.01
CA VAL H 89 3.54 26.48 -44.60
C VAL H 89 4.70 25.55 -44.24
N PRO H 90 5.88 26.12 -43.91
CA PRO H 90 7.01 25.26 -43.59
C PRO H 90 6.84 24.44 -42.32
N VAL H 91 6.27 25.05 -41.28
CA VAL H 91 6.09 24.37 -40.00
C VAL H 91 4.62 24.23 -39.60
N VAL H 92 4.20 23.04 -39.15
CA VAL H 92 2.82 22.84 -38.74
C VAL H 92 2.75 22.64 -37.22
N TYR H 93 1.87 23.36 -36.53
CA TYR H 93 1.79 23.18 -35.05
C TYR H 93 0.37 22.78 -34.68
N ILE H 94 0.23 21.65 -33.99
CA ILE H 94 -1.10 21.15 -33.53
C ILE H 94 -0.97 20.74 -32.06
N ARG H 95 -2.09 20.77 -31.32
CA ARG H 95 -2.16 20.23 -29.94
C ARG H 95 -3.34 19.26 -29.83
N PRO H 96 -3.11 17.92 -29.87
CA PRO H 96 -4.19 16.93 -29.84
C PRO H 96 -5.10 17.03 -28.60
N HIS H 97 -6.38 16.69 -28.78
CA HIS H 97 -7.37 16.63 -27.67
C HIS H 97 -7.10 15.39 -26.83
N GLN H 98 -7.87 15.20 -25.76
CA GLN H 98 -7.63 14.05 -24.84
C GLN H 98 -7.98 12.73 -25.51
N LYS H 99 -7.15 11.70 -25.28
CA LYS H 99 -7.35 10.36 -25.88
C LYS H 99 -7.63 10.54 -27.37
N CYS H 100 -6.77 11.32 -28.03
CA CYS H 100 -6.82 11.56 -29.49
C CYS H 100 -6.61 10.26 -30.27
N GLY H 101 -7.54 9.97 -31.18
CA GLY H 101 -7.56 8.76 -32.02
C GLY H 101 -7.04 9.09 -33.40
N PRO H 102 -6.91 8.14 -34.33
CA PRO H 102 -6.42 8.44 -35.68
C PRO H 102 -7.29 9.31 -36.62
N LYS H 103 -8.60 9.45 -36.39
CA LYS H 103 -9.45 10.34 -37.23
C LYS H 103 -9.25 11.82 -36.84
N ASP H 104 -8.97 12.04 -35.55
CA ASP H 104 -8.84 13.37 -34.89
C ASP H 104 -7.50 14.02 -35.25
N LEU H 105 -6.41 13.22 -35.26
CA LEU H 105 -5.05 13.71 -35.61
C LEU H 105 -5.06 14.24 -37.04
N PHE H 106 -5.68 13.48 -37.96
CA PHE H 106 -5.73 13.83 -39.40
C PHE H 106 -6.60 15.08 -39.60
N LYS H 107 -7.75 15.12 -38.92
CA LYS H 107 -8.70 16.26 -39.04
C LYS H 107 -7.99 17.56 -38.68
N LYS H 108 -7.30 17.58 -37.55
CA LYS H 108 -6.65 18.81 -37.01
C LYS H 108 -5.50 19.25 -37.90
N ILE H 109 -4.74 18.31 -38.47
CA ILE H 109 -3.63 18.68 -39.40
C ILE H 109 -4.20 19.38 -40.63
N THR H 110 -5.26 18.78 -41.18
CA THR H 110 -5.96 19.25 -42.41
C THR H 110 -6.57 20.63 -42.19
N GLU H 111 -7.22 20.86 -41.05
CA GLU H 111 -7.87 22.17 -40.76
C GLU H 111 -6.79 23.25 -40.63
N TYR H 112 -5.68 22.91 -39.97
CA TYR H 112 -4.55 23.85 -39.73
C TYR H 112 -4.10 24.46 -41.06
N LEU H 113 -3.99 23.59 -42.09
CA LEU H 113 -3.53 23.98 -43.46
C LEU H 113 -4.66 24.66 -44.24
N LYS H 114 -5.80 24.90 -43.58
CA LYS H 114 -7.00 25.58 -44.14
C LYS H 114 -7.77 24.77 -45.21
N TYR H 115 -7.85 23.44 -45.08
CA TYR H 115 -8.76 22.65 -45.95
C TYR H 115 -9.95 22.19 -45.12
N ARG H 116 -11.12 22.10 -45.73
CA ARG H 116 -12.34 21.62 -45.02
C ARG H 116 -12.32 20.10 -45.09
N VAL H 117 -12.65 19.41 -43.99
CA VAL H 117 -12.70 17.91 -44.05
C VAL H 117 -14.12 17.45 -44.37
N THR H 118 -14.27 16.60 -45.39
CA THR H 118 -15.59 16.10 -45.85
C THR H 118 -15.95 14.88 -45.02
N LYS H 119 -17.22 14.44 -45.06
CA LYS H 119 -17.61 13.23 -44.28
C LYS H 119 -16.95 12.01 -44.95
N GLY H 120 -16.43 11.09 -44.12
CA GLY H 120 -15.79 9.86 -44.62
C GLY H 120 -15.11 9.09 -43.50
N THR H 121 -14.38 8.03 -43.84
CA THR H 121 -13.65 7.19 -42.85
C THR H 121 -12.17 7.56 -42.75
N VAL H 122 -11.48 7.01 -41.75
CA VAL H 122 -10.02 7.25 -41.56
C VAL H 122 -9.31 6.92 -42.88
N SER H 123 -9.72 5.84 -43.54
CA SER H 123 -9.05 5.34 -44.77
C SER H 123 -9.27 6.30 -45.94
N ASP H 124 -10.20 7.24 -45.79
CA ASP H 124 -10.53 8.23 -46.85
C ASP H 124 -9.70 9.52 -46.71
N PHE H 125 -9.62 10.10 -45.52
CA PHE H 125 -8.96 11.42 -45.36
C PHE H 125 -7.57 11.24 -44.71
N ARG H 126 -7.18 9.97 -44.54
CA ARG H 126 -5.76 9.60 -44.30
C ARG H 126 -5.00 9.99 -45.58
N ASP H 127 -5.59 9.68 -46.75
CA ASP H 127 -5.07 9.93 -48.11
C ASP H 127 -5.16 11.43 -48.42
N ARG H 128 -6.27 12.08 -48.03
CA ARG H 128 -6.44 13.54 -48.21
C ARG H 128 -5.37 14.29 -47.41
N THR H 129 -5.07 13.81 -46.19
CA THR H 129 -4.03 14.42 -45.34
C THR H 129 -2.68 14.39 -46.08
N ILE H 130 -2.34 13.24 -46.69
CA ILE H 130 -1.05 13.09 -47.44
C ILE H 130 -1.03 14.09 -48.59
N GLU H 131 -2.16 14.24 -49.30
CA GLU H 131 -2.25 15.15 -50.48
C GLU H 131 -1.95 16.60 -50.07
N VAL H 132 -2.41 17.02 -48.89
CA VAL H 132 -2.27 18.45 -48.47
C VAL H 132 -0.97 18.63 -47.67
N LEU H 133 -0.41 17.55 -47.12
CA LEU H 133 0.96 17.59 -46.54
C LEU H 133 1.94 17.82 -47.70
N LYS H 134 1.63 17.22 -48.85
CA LYS H 134 2.39 17.41 -50.07
C LYS H 134 1.87 18.71 -50.73
N GLY H 135 2.61 19.26 -51.69
CA GLY H 135 2.26 20.53 -52.31
C GLY H 135 2.79 21.70 -51.49
N CYS H 136 2.28 21.88 -50.26
CA CYS H 136 2.80 22.86 -49.32
C CYS H 136 4.13 22.27 -48.81
N GLY H 137 5.10 23.09 -48.44
CA GLY H 137 6.37 22.50 -48.02
C GLY H 137 6.26 21.60 -46.82
N VAL H 138 5.58 22.04 -45.76
CA VAL H 138 5.35 21.23 -44.55
C VAL H 138 6.64 20.57 -44.04
N GLU H 139 7.71 21.36 -43.92
CA GLU H 139 9.00 20.82 -43.51
C GLU H 139 9.00 20.20 -42.11
N MET H 140 8.30 20.81 -41.18
CA MET H 140 8.28 20.28 -39.82
C MET H 140 6.88 20.22 -39.18
N LEU H 141 6.60 19.15 -38.43
CA LEU H 141 5.30 19.02 -37.70
C LEU H 141 5.59 19.02 -36.20
N ILE H 142 5.05 19.99 -35.45
CA ILE H 142 5.29 20.07 -34.01
C ILE H 142 4.06 19.58 -33.25
N ILE H 143 4.13 18.42 -32.61
CA ILE H 143 2.98 17.93 -31.86
C ILE H 143 3.16 18.21 -30.37
N ASP H 144 2.42 19.19 -29.83
CA ASP H 144 2.49 19.51 -28.41
C ASP H 144 1.64 18.52 -27.63
N GLU H 145 1.96 18.36 -26.35
CA GLU H 145 1.21 17.44 -25.47
C GLU H 145 1.11 16.06 -26.10
N ALA H 146 2.27 15.53 -26.50
CA ALA H 146 2.37 14.22 -27.14
C ALA H 146 1.87 13.07 -26.26
N ASP H 147 2.05 13.18 -24.95
CA ASP H 147 1.64 12.13 -24.03
C ASP H 147 0.14 11.83 -24.13
N ARG H 148 -0.70 12.86 -24.29
CA ARG H 148 -2.14 12.62 -24.42
C ARG H 148 -2.48 12.29 -25.87
N LEU H 149 -2.19 11.06 -26.25
CA LEU H 149 -2.44 10.54 -27.60
C LEU H 149 -2.72 9.05 -27.46
N LYS H 150 -3.44 8.45 -28.39
CA LYS H 150 -3.71 7.02 -28.25
C LYS H 150 -2.45 6.26 -28.70
N PRO H 151 -2.07 5.15 -27.98
CA PRO H 151 -0.87 4.47 -28.49
C PRO H 151 -0.98 4.05 -29.96
N GLU H 152 -2.20 3.74 -30.43
CA GLU H 152 -2.40 3.20 -31.80
C GLU H 152 -2.06 4.30 -32.83
N THR H 153 -2.09 5.56 -32.42
CA THR H 153 -1.97 6.70 -33.38
C THR H 153 -0.50 6.94 -33.73
N PHE H 154 0.42 6.41 -32.90
CA PHE H 154 1.87 6.63 -33.09
C PHE H 154 2.31 5.93 -34.38
N ALA H 155 1.57 4.91 -34.81
CA ALA H 155 1.77 4.28 -36.14
C ALA H 155 1.56 5.26 -37.31
N ASP H 156 0.59 6.17 -37.19
CA ASP H 156 0.24 7.09 -38.31
C ASP H 156 1.27 8.23 -38.32
N VAL H 157 1.75 8.58 -37.13
CA VAL H 157 2.84 9.58 -36.94
C VAL H 157 4.13 9.02 -37.55
N ARG H 158 4.47 7.76 -37.29
CA ARG H 158 5.74 7.19 -37.84
C ARG H 158 5.65 7.15 -39.38
N ASP H 159 4.48 6.77 -39.88
CA ASP H 159 4.20 6.65 -41.34
C ASP H 159 4.48 7.99 -42.01
N ILE H 160 3.98 9.08 -41.41
CA ILE H 160 4.17 10.45 -41.96
C ILE H 160 5.68 10.74 -41.96
N ALA H 161 6.32 10.50 -40.81
CA ALA H 161 7.74 10.82 -40.60
C ALA H 161 8.59 9.98 -41.57
N GLU H 162 8.14 8.75 -41.85
CA GLU H 162 8.92 7.79 -42.68
C GLU H 162 8.72 8.06 -44.18
N ASP H 163 7.46 8.22 -44.61
CA ASP H 163 7.06 8.31 -46.04
C ASP H 163 7.42 9.69 -46.62
N LEU H 164 7.25 10.74 -45.82
CA LEU H 164 7.44 12.13 -46.29
C LEU H 164 8.69 12.72 -45.63
N GLY H 165 9.36 13.65 -46.33
CA GLY H 165 10.56 14.34 -45.83
C GLY H 165 10.18 15.36 -44.77
N ILE H 166 9.56 14.89 -43.68
CA ILE H 166 9.01 15.77 -42.60
C ILE H 166 9.59 15.38 -41.24
N ALA H 167 10.04 16.33 -40.43
CA ALA H 167 10.56 16.02 -39.11
C ALA H 167 9.47 16.28 -38.05
N VAL H 168 9.33 15.41 -37.07
CA VAL H 168 8.29 15.60 -36.04
C VAL H 168 8.90 15.87 -34.64
N VAL H 169 8.59 17.03 -34.04
CA VAL H 169 9.12 17.43 -32.72
C VAL H 169 8.69 16.66 -31.45
N LEU H 170 7.41 16.28 -31.35
CA LEU H 170 6.86 15.57 -30.16
C LEU H 170 7.13 16.26 -28.81
N VAL H 171 6.85 17.56 -28.71
CA VAL H 171 7.07 18.32 -27.46
C VAL H 171 6.21 17.83 -26.29
N GLY H 172 6.79 17.69 -25.09
CA GLY H 172 6.04 17.25 -23.93
C GLY H 172 6.75 17.33 -22.58
N THR H 173 6.00 16.96 -21.55
CA THR H 173 6.47 16.95 -20.15
C THR H 173 7.23 15.64 -19.82
N ASP H 174 7.67 15.48 -18.56
CA ASP H 174 8.42 14.29 -18.12
C ASP H 174 7.64 12.99 -18.30
N ARG H 175 6.32 13.04 -18.11
CA ARG H 175 5.43 11.88 -18.29
C ARG H 175 5.44 11.24 -19.70
N LEU H 176 5.73 12.05 -20.72
CA LEU H 176 5.81 11.59 -22.14
C LEU H 176 6.82 10.44 -22.27
N ASP H 177 7.97 10.54 -21.58
CA ASP H 177 9.05 9.52 -21.64
C ASP H 177 8.52 8.16 -21.15
N ALA H 178 7.64 8.18 -20.14
CA ALA H 178 7.01 6.93 -19.64
C ALA H 178 6.14 6.31 -20.73
N VAL H 179 5.50 7.15 -21.55
CA VAL H 179 4.63 6.67 -22.67
C VAL H 179 5.51 6.17 -23.83
N ILE H 180 6.54 6.94 -24.19
CA ILE H 180 7.41 6.61 -25.36
C ILE H 180 8.07 5.25 -25.17
N LYS H 181 8.58 4.98 -23.96
CA LYS H 181 9.35 3.75 -23.67
C LYS H 181 8.44 2.51 -23.72
N ARG H 182 7.14 2.68 -23.96
CA ARG H 182 6.27 1.48 -24.01
C ARG H 182 6.27 0.86 -25.41
N ASP H 183 6.88 1.52 -26.39
CA ASP H 183 6.87 1.04 -27.80
C ASP H 183 8.28 1.14 -28.40
N GLU H 184 8.89 0.00 -28.72
CA GLU H 184 10.31 -0.03 -29.15
C GLU H 184 10.48 0.88 -30.38
N GLN H 185 9.59 0.72 -31.35
CA GLN H 185 9.73 1.37 -32.68
C GLN H 185 9.62 2.89 -32.55
N VAL H 186 8.77 3.37 -31.64
CA VAL H 186 8.68 4.84 -31.35
C VAL H 186 9.92 5.32 -30.58
N LEU H 187 10.33 4.60 -29.53
CA LEU H 187 11.48 4.98 -28.73
C LEU H 187 12.74 5.23 -29.56
N GLU H 188 13.09 4.29 -30.43
CA GLU H 188 14.28 4.40 -31.26
C GLU H 188 14.23 5.57 -32.25
N ARG H 189 13.07 5.78 -32.85
CA ARG H 189 12.88 6.84 -33.83
C ARG H 189 13.04 8.26 -33.27
N PHE H 190 12.59 8.46 -32.03
CA PHE H 190 12.62 9.77 -31.38
C PHE H 190 13.68 9.95 -30.30
N ARG H 191 14.81 9.26 -30.44
CA ARG H 191 15.89 9.32 -29.44
C ARG H 191 16.49 10.71 -29.17
N ALA H 192 16.71 11.51 -30.20
CA ALA H 192 17.30 12.84 -30.00
C ALA H 192 16.38 13.71 -29.14
N HIS H 193 16.95 14.51 -28.22
CA HIS H 193 16.12 15.34 -27.35
C HIS H 193 16.79 16.65 -26.89
N LEU H 194 15.96 17.65 -26.56
CA LEU H 194 16.41 18.95 -26.09
C LEU H 194 15.71 19.08 -24.74
N ARG H 195 16.46 19.31 -23.67
CA ARG H 195 15.85 19.39 -22.36
C ARG H 195 15.61 20.84 -21.92
N PHE H 196 14.35 21.22 -21.71
CA PHE H 196 14.04 22.56 -21.25
C PHE H 196 14.47 22.67 -19.80
N GLY H 197 14.90 23.85 -19.37
CA GLY H 197 15.32 24.03 -18.00
C GLY H 197 14.71 25.26 -17.38
N LYS H 198 14.58 25.26 -16.06
CA LYS H 198 14.01 26.40 -15.34
C LYS H 198 15.10 27.43 -15.10
N LEU H 199 14.71 28.60 -14.60
CA LEU H 199 15.71 29.69 -14.36
C LEU H 199 16.30 29.61 -12.95
N SER H 200 17.57 30.00 -12.81
CA SER H 200 18.26 30.12 -11.50
C SER H 200 19.41 31.12 -11.63
N GLY H 201 19.90 31.65 -10.50
CA GLY H 201 21.07 32.54 -10.51
C GLY H 201 20.80 33.85 -11.22
N GLU H 202 21.85 34.42 -11.85
CA GLU H 202 21.82 35.73 -12.56
C GLU H 202 20.73 35.75 -13.64
N ASP H 203 20.51 34.62 -14.33
CA ASP H 203 19.51 34.56 -15.43
C ASP H 203 18.15 34.99 -14.90
N PHE H 204 17.84 34.62 -13.65
CA PHE H 204 16.55 34.98 -13.00
C PHE H 204 16.51 36.48 -12.72
N LYS H 205 17.57 37.01 -12.09
CA LYS H 205 17.66 38.46 -11.78
C LYS H 205 17.52 39.29 -13.06
N ASN H 206 18.23 38.90 -14.12
CA ASN H 206 18.18 39.63 -15.42
C ASN H 206 16.76 39.53 -16.01
N THR H 207 16.12 38.37 -15.86
CA THR H 207 14.73 38.16 -16.35
C THR H 207 13.76 39.09 -15.62
N VAL H 208 13.94 39.25 -14.30
CA VAL H 208 13.07 40.17 -13.51
C VAL H 208 13.26 41.61 -14.02
N GLU H 209 14.51 42.00 -14.27
CA GLU H 209 14.81 43.37 -14.77
C GLU H 209 14.13 43.54 -16.13
N MET H 210 14.26 42.55 -17.00
CA MET H 210 13.67 42.59 -18.33
C MET H 210 12.16 42.60 -18.26
N TRP H 211 11.60 41.79 -17.36
CA TRP H 211 10.16 41.69 -17.21
C TRP H 211 9.56 43.03 -16.81
N GLU H 212 10.21 43.71 -15.87
CA GLU H 212 9.70 44.99 -15.43
C GLU H 212 9.71 46.03 -16.56
N GLN H 213 10.80 46.07 -17.32
CA GLN H 213 10.93 47.03 -18.41
C GLN H 213 10.01 46.83 -19.61
N MET H 214 9.86 45.59 -20.07
CA MET H 214 9.04 45.30 -21.26
C MET H 214 7.61 44.86 -21.01
N VAL H 215 7.38 44.05 -19.98
CA VAL H 215 6.04 43.54 -19.72
C VAL H 215 5.18 44.50 -18.90
N LEU H 216 5.82 45.30 -18.04
CA LEU H 216 5.08 46.23 -17.21
C LEU H 216 5.22 47.69 -17.69
N LYS H 217 4.09 48.39 -17.85
CA LYS H 217 4.11 49.77 -18.31
C LYS H 217 3.65 50.72 -17.20
N LEU H 218 3.84 50.31 -15.94
CA LEU H 218 3.42 51.11 -14.80
C LEU H 218 4.10 52.46 -14.80
N PRO H 219 3.36 53.52 -14.43
CA PRO H 219 3.97 54.87 -14.45
C PRO H 219 5.16 55.03 -13.50
N VAL H 220 5.09 54.49 -12.29
CA VAL H 220 6.20 54.61 -11.36
C VAL H 220 6.98 53.29 -11.23
N SER H 221 8.30 53.32 -11.43
CA SER H 221 9.16 52.11 -11.34
C SER H 221 9.08 51.43 -9.96
N SER H 222 9.09 50.10 -9.96
CA SER H 222 9.01 49.28 -8.71
C SER H 222 10.41 48.82 -8.26
N ASN H 223 11.40 48.84 -9.16
CA ASN H 223 12.79 48.43 -8.78
C ASN H 223 12.78 47.00 -8.25
N LEU H 224 12.16 46.08 -9.00
CA LEU H 224 11.96 44.66 -8.56
C LEU H 224 13.30 43.90 -8.50
N LYS H 225 14.36 44.49 -9.05
CA LYS H 225 15.69 43.82 -9.07
C LYS H 225 16.30 43.89 -7.66
N SER H 226 15.86 44.85 -6.84
CA SER H 226 16.38 45.03 -5.49
C SER H 226 16.33 43.74 -4.67
N LYS H 227 17.36 43.47 -3.87
CA LYS H 227 17.47 42.23 -3.10
C LYS H 227 16.34 41.98 -2.11
N GLU H 228 15.88 43.03 -1.42
CA GLU H 228 14.82 42.89 -0.43
C GLU H 228 13.54 42.27 -1.00
N MET H 229 13.25 42.56 -2.27
CA MET H 229 12.02 42.05 -2.94
C MET H 229 12.35 40.88 -3.87
N LEU H 230 13.59 40.82 -4.36
CA LEU H 230 14.07 39.74 -5.26
C LEU H 230 14.10 38.40 -4.51
N ARG H 231 14.43 38.42 -3.21
CA ARG H 231 14.42 37.19 -2.38
C ARG H 231 12.99 36.67 -2.27
N ILE H 232 12.02 37.60 -2.28
CA ILE H 232 10.58 37.27 -2.18
C ILE H 232 10.11 36.65 -3.50
N LEU H 233 10.47 37.29 -4.61
CA LEU H 233 10.12 36.80 -5.97
C LEU H 233 10.76 35.43 -6.18
N THR H 234 11.99 35.26 -5.69
CA THR H 234 12.73 33.97 -5.80
C THR H 234 12.01 32.86 -5.02
N SER H 235 11.59 33.14 -3.79
CA SER H 235 10.91 32.12 -2.93
C SER H 235 9.55 31.77 -3.53
N ALA H 236 8.86 32.80 -4.04
CA ALA H 236 7.50 32.67 -4.60
C ALA H 236 7.57 31.97 -5.96
N THR H 237 8.64 32.20 -6.72
CA THR H 237 8.74 31.73 -8.14
C THR H 237 9.41 30.36 -8.28
N GLU H 238 10.48 30.10 -7.50
CA GLU H 238 11.22 28.81 -7.55
C GLU H 238 11.76 28.55 -8.98
N GLY H 239 11.98 29.62 -9.75
CA GLY H 239 12.60 29.54 -11.09
C GLY H 239 11.63 29.26 -12.24
N TYR H 240 10.33 29.15 -11.95
CA TYR H 240 9.33 28.84 -13.00
C TYR H 240 8.85 30.15 -13.66
N ILE H 241 9.05 30.30 -14.98
CA ILE H 241 8.73 31.59 -15.65
C ILE H 241 7.21 31.76 -15.51
N GLY H 242 6.44 30.67 -15.51
CA GLY H 242 4.98 30.76 -15.32
C GLY H 242 4.60 31.38 -13.99
N ARG H 243 5.39 31.17 -12.94
CA ARG H 243 4.96 31.73 -11.64
C ARG H 243 5.35 33.21 -11.60
N LEU H 244 6.54 33.54 -12.11
CA LEU H 244 7.03 34.94 -12.12
C LEU H 244 5.98 35.78 -12.85
N ASP H 245 5.48 35.26 -13.97
CA ASP H 245 4.40 35.94 -14.74
C ASP H 245 3.19 36.21 -13.83
N GLU H 246 2.70 35.16 -13.15
CA GLU H 246 1.44 35.26 -12.34
C GLU H 246 1.62 36.25 -11.18
N ILE H 247 2.76 36.13 -10.48
CA ILE H 247 3.00 36.85 -9.20
C ILE H 247 3.01 38.34 -9.54
N LEU H 248 3.79 38.73 -10.55
CA LEU H 248 3.96 40.16 -10.95
C LEU H 248 2.74 40.72 -11.69
N ARG H 249 2.09 39.91 -12.54
CA ARG H 249 0.87 40.34 -13.29
C ARG H 249 -0.33 40.60 -12.37
N GLU H 250 -0.56 39.71 -11.38
CA GLU H 250 -1.64 39.93 -10.39
C GLU H 250 -1.30 41.08 -9.45
N ALA H 251 -0.04 41.15 -8.99
CA ALA H 251 0.43 42.24 -8.09
C ALA H 251 0.25 43.61 -8.75
N ALA H 252 0.53 43.72 -10.06
CA ALA H 252 0.33 44.98 -10.80
C ALA H 252 -1.15 45.40 -10.83
N ILE H 253 -2.05 44.45 -11.10
CA ILE H 253 -3.51 44.78 -11.14
C ILE H 253 -3.99 45.13 -9.74
N ARG H 254 -3.60 44.34 -8.73
CA ARG H 254 -4.03 44.56 -7.33
C ARG H 254 -3.50 45.91 -6.83
N SER H 255 -2.29 46.29 -7.25
CA SER H 255 -1.67 47.58 -6.83
C SER H 255 -2.41 48.77 -7.45
N LEU H 256 -2.66 48.73 -8.77
CA LEU H 256 -3.34 49.82 -9.49
C LEU H 256 -4.75 49.98 -8.94
N SER H 257 -5.38 48.87 -8.55
CA SER H 257 -6.80 48.87 -8.08
C SER H 257 -6.89 49.61 -6.75
N ARG H 258 -5.75 49.81 -6.08
CA ARG H 258 -5.67 50.50 -4.77
C ARG H 258 -5.27 51.97 -4.99
N GLY H 259 -5.07 52.37 -6.25
CA GLY H 259 -4.65 53.75 -6.59
C GLY H 259 -3.15 53.94 -6.50
N LEU H 260 -2.38 52.84 -6.49
CA LEU H 260 -0.89 52.94 -6.40
C LEU H 260 -0.33 53.14 -7.82
N LYS H 261 0.86 53.73 -7.93
CA LYS H 261 1.52 53.92 -9.25
C LYS H 261 2.63 52.88 -9.43
N LYS H 262 2.84 52.04 -8.40
CA LYS H 262 3.92 51.02 -8.43
C LYS H 262 3.52 49.84 -7.54
N ILE H 263 4.26 48.74 -7.59
CA ILE H 263 3.98 47.56 -6.71
C ILE H 263 4.78 47.72 -5.40
N ASP H 264 4.07 47.76 -4.28
CA ASP H 264 4.68 47.87 -2.93
C ASP H 264 5.17 46.49 -2.48
N LYS H 265 6.22 46.44 -1.66
CA LYS H 265 6.72 45.16 -1.08
C LYS H 265 5.54 44.44 -0.42
N ALA H 266 4.67 45.21 0.24
CA ALA H 266 3.51 44.63 0.99
C ALA H 266 2.62 43.84 0.03
N VAL H 267 2.52 44.28 -1.24
CA VAL H 267 1.62 43.63 -2.22
C VAL H 267 2.26 42.31 -2.67
N LEU H 268 3.57 42.34 -2.92
CA LEU H 268 4.32 41.11 -3.35
C LEU H 268 4.21 40.06 -2.25
N GLN H 269 4.30 40.49 -0.99
CA GLN H 269 4.19 39.56 0.17
C GLN H 269 2.76 39.01 0.25
N GLU H 270 1.77 39.90 0.12
CA GLU H 270 0.34 39.53 0.23
C GLU H 270 0.02 38.48 -0.85
N VAL H 271 0.50 38.69 -2.08
CA VAL H 271 0.24 37.73 -3.19
C VAL H 271 1.01 36.43 -2.94
N ALA H 272 2.28 36.53 -2.53
CA ALA H 272 3.11 35.33 -2.33
C ALA H 272 2.47 34.40 -1.29
N LYS H 273 1.82 34.98 -0.28
CA LYS H 273 1.21 34.21 0.83
C LYS H 273 0.10 33.28 0.31
N GLU H 274 -0.45 33.58 -0.87
CA GLU H 274 -1.57 32.79 -1.45
C GLU H 274 -1.05 31.54 -2.18
N TYR H 275 0.27 31.39 -2.29
CA TYR H 275 0.87 30.23 -2.98
C TYR H 275 1.46 29.26 -1.94
PG AGS K . 25.41 15.78 13.91
S1G AGS K . 25.27 14.77 12.11
O2G AGS K . 23.97 16.39 14.31
O3G AGS K . 25.84 14.83 14.96
PB AGS K . 26.82 17.59 12.32
O1B AGS K . 26.20 16.68 11.28
O2B AGS K . 28.29 17.90 12.25
O3B AGS K . 26.49 16.96 13.76
PA AGS K . 26.81 20.37 12.19
O1A AGS K . 27.68 20.48 13.40
O2A AGS K . 27.38 20.46 10.80
O3A AGS K . 26.00 18.97 12.31
O5' AGS K . 25.66 21.48 12.33
C5' AGS K . 25.15 21.82 13.62
C4' AGS K . 25.62 23.21 14.05
O4' AGS K . 27.03 23.33 13.94
C3' AGS K . 25.00 24.30 13.19
O3' AGS K . 23.95 24.95 13.91
C2' AGS K . 26.15 25.24 12.85
O2' AGS K . 25.93 26.58 13.31
C1' AGS K . 27.38 24.66 13.54
N9 AGS K . 28.53 24.64 12.62
C8 AGS K . 29.26 23.57 12.29
N7 AGS K . 30.25 23.89 11.41
C5 AGS K . 30.16 25.22 11.17
C6 AGS K . 30.89 26.20 10.35
N6 AGS K . 31.94 25.83 9.59
N1 AGS K . 30.46 27.48 10.39
C2 AGS K . 29.43 27.86 11.14
N3 AGS K . 28.71 27.02 11.91
C4 AGS K . 29.03 25.70 11.97
MG MG L . 24.14 16.33 10.49
PG AGS M . 33.28 -9.18 -4.27
S1G AGS M . 33.16 -7.78 -2.75
O2G AGS M . 34.07 -10.48 -3.77
O3G AGS M . 31.90 -9.57 -4.67
PB AGS M . 35.10 -9.41 -6.37
O1B AGS M . 34.59 -9.46 -7.78
O2B AGS M . 35.36 -10.69 -5.62
O3B AGS M . 34.05 -8.54 -5.52
PA AGS M . 37.19 -7.94 -7.61
O1A AGS M . 38.63 -7.76 -7.23
O2A AGS M . 36.81 -8.74 -8.83
O3A AGS M . 36.43 -8.50 -6.30
O5' AGS M . 36.59 -6.46 -7.80
C5' AGS M . 37.03 -5.68 -8.91
C4' AGS M . 38.18 -4.76 -8.52
O4' AGS M . 39.36 -5.51 -8.20
C3' AGS M . 38.55 -3.89 -9.71
O3' AGS M . 38.94 -2.60 -9.24
C2' AGS M . 39.73 -4.60 -10.34
O2' AGS M . 40.63 -3.69 -10.96
C1' AGS M . 40.38 -5.34 -9.19
N9 AGS M . 40.87 -6.66 -9.66
C8 AGS M . 40.58 -7.85 -9.12
N7 AGS M . 41.20 -8.85 -9.79
C5 AGS M . 41.91 -8.30 -10.78
C6 AGS M . 42.80 -8.79 -11.87
N6 AGS M . 43.05 -10.12 -12.02
N1 AGS M . 43.35 -7.88 -12.69
C2 AGS M . 43.11 -6.57 -12.54
N3 AGS M . 42.32 -6.05 -11.59
C4 AGS M . 41.70 -6.85 -10.70
MG MG N . 32.09 -9.50 -6.90
PG AGS O . 15.04 -34.65 -5.92
S1G AGS O . 16.62 -33.68 -6.83
O2G AGS O . 15.44 -35.02 -4.41
O3G AGS O . 13.87 -33.76 -5.91
PB AGS O . 15.74 -37.18 -6.94
O1B AGS O . 14.99 -38.48 -6.91
O2B AGS O . 16.88 -36.95 -5.99
O3B AGS O . 14.67 -36.00 -6.73
PA AGS O . 16.99 -38.11 -9.25
O1A AGS O . 18.09 -38.67 -8.38
O2A AGS O . 15.93 -39.00 -9.84
O3A AGS O . 16.27 -36.94 -8.44
O5' AGS O . 17.73 -37.36 -10.46
C5' AGS O . 18.25 -38.11 -11.55
C4' AGS O . 19.73 -38.42 -11.35
O4' AGS O . 19.89 -39.59 -10.54
C3' AGS O . 20.36 -38.73 -12.70
O3' AGS O . 21.70 -38.24 -12.73
C2' AGS O . 20.35 -40.24 -12.76
O2' AGS O . 21.43 -40.77 -13.52
C1' AGS O . 20.45 -40.67 -11.30
N9 AGS O . 19.68 -41.92 -11.11
C8 AGS O . 18.85 -42.18 -10.10
N7 AGS O . 18.31 -43.42 -10.23
C5 AGS O . 18.81 -43.97 -11.35
C6 AGS O . 18.65 -45.25 -12.08
N6 AGS O . 17.84 -46.22 -11.61
N1 AGS O . 19.36 -45.41 -13.22
C2 AGS O . 20.17 -44.45 -13.69
N3 AGS O . 20.36 -43.27 -13.09
C4 AGS O . 19.71 -42.96 -11.94
MG MG P . 13.37 -35.07 -8.27
PG AGS Q . -14.26 -35.06 4.72
S1G AGS Q . -12.87 -35.30 3.22
O2G AGS Q . -13.73 -35.80 6.06
O3G AGS Q . -14.45 -33.62 4.99
PB AGS Q . -16.15 -37.11 4.92
O1B AGS Q . -17.33 -36.84 5.83
O2B AGS Q . -14.94 -37.84 5.45
O3B AGS Q . -15.67 -35.71 4.30
PA AGS Q . -16.81 -39.50 3.61
O1A AGS Q . -16.02 -40.04 4.77
O2A AGS Q . -18.27 -39.84 3.43
O3A AGS Q . -16.68 -37.90 3.61
O5' AGS Q . -16.04 -39.94 2.27
C5' AGS Q . -16.38 -41.17 1.62
C4' AGS Q . -15.46 -42.28 2.12
O4' AGS Q . -15.79 -42.61 3.47
C3' AGS Q . -15.63 -43.53 1.29
O3' AGS Q . -14.35 -43.99 0.83
C2' AGS Q . -16.32 -44.54 2.19
O2' AGS Q . -15.68 -45.83 2.17
C1' AGS Q . -16.25 -43.96 3.59
N9 AGS Q . -17.60 -43.98 4.20
C8 AGS Q . -18.07 -43.08 5.09
N7 AGS Q . -19.34 -43.38 5.47
C5 AGS Q . -19.70 -44.49 4.80
C6 AGS Q . -20.91 -45.33 4.73
N6 AGS Q . -22.02 -45.04 5.46
N1 AGS Q . -20.89 -46.41 3.92
C2 AGS Q . -19.79 -46.70 3.19
N3 AGS Q . -18.66 -45.98 3.20
C4 AGS Q . -18.56 -44.88 3.97
MG MG R . -16.66 -34.66 2.60
PG AGS S . -29.72 -8.79 11.22
S1G AGS S . -30.21 -9.17 9.25
O2G AGS S . -28.49 -9.73 11.65
O3G AGS S . -29.32 -7.37 11.36
PB AGS S . -32.02 -7.93 12.57
O1B AGS S . -31.34 -6.97 13.50
O2B AGS S . -32.68 -7.41 11.33
O3B AGS S . -30.98 -9.09 12.17
PA AGS S . -34.63 -8.94 12.85
O1A AGS S . -35.48 -7.85 13.46
O2A AGS S . -34.59 -9.11 11.36
O3A AGS S . -33.13 -8.76 13.40
O5' AGS S . -35.07 -10.35 13.49
C5' AGS S . -35.88 -11.25 12.76
C4' AGS S . -36.28 -12.42 13.67
O4' AGS S . -36.55 -11.94 14.98
C3' AGS S . -37.54 -13.09 13.15
O3' AGS S . -37.31 -14.49 13.02
C2' AGS S . -38.63 -12.76 14.17
O2' AGS S . -39.34 -13.93 14.61
C1' AGS S . -37.92 -12.12 15.35
N9 AGS S . -38.53 -10.80 15.65
C8 AGS S . -37.86 -9.65 15.79
N7 AGS S . -38.71 -8.63 16.06
C5 AGS S . -39.96 -9.13 16.10
C6 AGS S . -41.32 -8.60 16.33
N6 AGS S . -41.52 -7.29 16.59
N1 AGS S . -42.35 -9.48 16.28
C2 AGS S . -42.15 -10.78 16.02
N3 AGS S . -40.95 -11.33 15.80
C4 AGS S . -39.83 -10.57 15.83
MG MG T . -32.18 -7.62 9.17
PG AGS U . -19.78 19.76 2.11
S1G AGS U . -20.84 20.30 0.42
O2G AGS U . -20.48 18.50 2.81
O3G AGS U . -18.40 19.42 1.73
PB AGS U . -20.48 22.39 2.83
O1B AGS U . -19.52 23.49 3.18
O2B AGS U . -21.08 22.33 1.44
O3B AGS U . -19.76 20.99 3.15
PA AGS U . -22.86 23.52 3.82
O1A AGS U . -23.01 24.10 5.20
O2A AGS U . -22.61 24.39 2.63
O3A AGS U . -21.71 22.40 3.88
O5' AGS U . -24.19 22.66 3.55
C5' AGS U . -25.45 23.33 3.48
C4' AGS U . -26.18 23.26 4.82
O4' AGS U . -25.50 24.05 5.80
C3' AGS U . -27.58 23.85 4.68
O3' AGS U . -28.49 23.07 5.44
C2' AGS U . -27.45 25.25 5.23
O2' AGS U . -28.64 25.66 5.92
C1' AGS U . -26.27 25.19 6.19
N9 AGS U . -25.46 26.43 6.04
C8 AGS U . -24.12 26.47 5.91
N7 AGS U . -23.67 27.74 5.81
C5 AGS U . -24.75 28.55 5.86
C6 AGS U . -24.99 30.01 5.81
N6 AGS U . -23.97 30.88 5.67
N1 AGS U . -26.27 30.44 5.91
C2 AGS U . -27.30 29.58 6.06
N3 AGS U . -27.15 28.24 6.11
C4 AGS U . -25.92 27.67 6.03
MG MG V . -22.03 21.31 -0.96
PG AGS W . 2.69 23.30 -19.93
S1G AGS W . 0.98 22.69 -20.92
O2G AGS W . 2.29 23.88 -18.48
O3G AGS W . 3.61 22.15 -19.75
PB AGS W . 4.75 25.13 -20.27
O1B AGS W . 5.90 24.21 -20.61
O2B AGS W . 4.51 25.55 -18.85
O3B AGS W . 3.40 24.45 -20.80
PA AGS W . 3.86 27.67 -20.99
O1A AGS W . 3.39 28.09 -22.35
O2A AGS W . 2.86 27.28 -19.92
O3A AGS W . 4.89 26.46 -21.17
O5' AGS W . 4.75 28.87 -20.39
C5' AGS W . 4.81 29.07 -18.99
C4' AGS W . 4.06 30.35 -18.61
O4' AGS W . 4.98 31.43 -18.46
C3' AGS W . 3.06 30.76 -19.67
O3' AGS W . 1.73 30.44 -19.24
C2' AGS W . 3.26 32.25 -19.88
O2' AGS W . 2.25 33.02 -19.25
C1' AGS W . 4.60 32.56 -19.25
N9 AGS W . 5.63 32.78 -20.29
C8 AGS W . 6.47 31.86 -20.78
N7 AGS W . 7.29 32.37 -21.72
C5 AGS W . 6.97 33.68 -21.86
C6 AGS W . 7.45 34.80 -22.68
N6 AGS W . 8.46 34.65 -23.57
N1 AGS W . 6.86 36.00 -22.51
C2 AGS W . 5.86 36.18 -21.63
N3 AGS W . 5.38 35.20 -20.84
C4 AGS W . 5.88 33.95 -20.91
MG MG X . 1.77 23.95 -22.94
#